data_5VST
# 
_entry.id   5VST 
# 
_audit_conform.dict_name       mmcif_pdbx.dic 
_audit_conform.dict_version    5.397 
_audit_conform.dict_location   http://mmcif.pdb.org/dictionaries/ascii/mmcif_pdbx.dic 
# 
loop_
_database_2.database_id 
_database_2.database_code 
_database_2.pdbx_database_accession 
_database_2.pdbx_DOI 
PDB   5VST         pdb_00005vst 10.2210/pdb5vst/pdb 
WWPDB D_1000227951 ?            ?                   
# 
loop_
_pdbx_audit_revision_history.ordinal 
_pdbx_audit_revision_history.data_content_type 
_pdbx_audit_revision_history.major_revision 
_pdbx_audit_revision_history.minor_revision 
_pdbx_audit_revision_history.revision_date 
1 'Structure model' 1 0 2017-05-24 
2 'Structure model' 1 1 2017-09-20 
3 'Structure model' 2 0 2020-07-29 
4 'Structure model' 2 1 2023-10-04 
5 'Structure model' 2 2 2024-10-30 
# 
loop_
_pdbx_audit_revision_details.ordinal 
_pdbx_audit_revision_details.revision_ordinal 
_pdbx_audit_revision_details.data_content_type 
_pdbx_audit_revision_details.provider 
_pdbx_audit_revision_details.type 
_pdbx_audit_revision_details.description 
_pdbx_audit_revision_details.details 
1 1 'Structure model' repository 'Initial release' ?                          ? 
2 3 'Structure model' repository Remediation       'Carbohydrate remediation' ? 
# 
loop_
_pdbx_audit_revision_group.ordinal 
_pdbx_audit_revision_group.revision_ordinal 
_pdbx_audit_revision_group.data_content_type 
_pdbx_audit_revision_group.group 
1  2 'Structure model' 'Data collection'        
2  3 'Structure model' 'Atomic model'           
3  3 'Structure model' 'Data collection'        
4  3 'Structure model' 'Derived calculations'   
5  3 'Structure model' 'Structure summary'      
6  4 'Structure model' 'Data collection'        
7  4 'Structure model' 'Database references'    
8  4 'Structure model' 'Refinement description' 
9  4 'Structure model' 'Structure summary'      
10 5 'Structure model' 'Structure summary'      
# 
loop_
_pdbx_audit_revision_category.ordinal 
_pdbx_audit_revision_category.revision_ordinal 
_pdbx_audit_revision_category.data_content_type 
_pdbx_audit_revision_category.category 
1  2 'Structure model' diffrn_detector               
2  3 'Structure model' atom_site                     
3  3 'Structure model' chem_comp                     
4  3 'Structure model' entity                        
5  3 'Structure model' pdbx_branch_scheme            
6  3 'Structure model' pdbx_chem_comp_identifier     
7  3 'Structure model' pdbx_entity_branch            
8  3 'Structure model' pdbx_entity_branch_descriptor 
9  3 'Structure model' pdbx_entity_branch_link       
10 3 'Structure model' pdbx_entity_branch_list       
11 3 'Structure model' pdbx_entity_nonpoly           
12 3 'Structure model' pdbx_nonpoly_scheme           
13 3 'Structure model' pdbx_struct_assembly_gen      
14 3 'Structure model' struct_asym                   
15 3 'Structure model' struct_conn                   
16 3 'Structure model' struct_site                   
17 3 'Structure model' struct_site_gen               
18 4 'Structure model' chem_comp                     
19 4 'Structure model' chem_comp_atom                
20 4 'Structure model' chem_comp_bond                
21 4 'Structure model' database_2                    
22 4 'Structure model' pdbx_initial_refinement_model 
23 5 'Structure model' pdbx_entry_details            
24 5 'Structure model' pdbx_modification_feature     
# 
loop_
_pdbx_audit_revision_item.ordinal 
_pdbx_audit_revision_item.revision_ordinal 
_pdbx_audit_revision_item.data_content_type 
_pdbx_audit_revision_item.item 
1  2 'Structure model' '_diffrn_detector.detector'              
2  3 'Structure model' '_atom_site.auth_asym_id'                
3  3 'Structure model' '_atom_site.auth_seq_id'                 
4  3 'Structure model' '_atom_site.label_asym_id'               
5  3 'Structure model' '_chem_comp.name'                        
6  3 'Structure model' '_chem_comp.type'                        
7  3 'Structure model' '_entity.formula_weight'                 
8  3 'Structure model' '_entity.pdbx_description'               
9  3 'Structure model' '_entity.pdbx_number_of_molecules'       
10 3 'Structure model' '_entity.type'                           
11 3 'Structure model' '_pdbx_struct_assembly_gen.asym_id_list' 
12 3 'Structure model' '_struct_conn.pdbx_role'                 
13 3 'Structure model' '_struct_conn.ptnr1_auth_asym_id'        
14 3 'Structure model' '_struct_conn.ptnr1_auth_seq_id'         
15 3 'Structure model' '_struct_conn.ptnr2_auth_asym_id'        
16 3 'Structure model' '_struct_conn.ptnr2_auth_seq_id'         
17 3 'Structure model' '_struct_conn.ptnr2_label_asym_id'       
18 4 'Structure model' '_chem_comp.pdbx_synonyms'               
19 4 'Structure model' '_database_2.pdbx_DOI'                   
20 4 'Structure model' '_database_2.pdbx_database_accession'    
# 
_pdbx_database_PDB_obs_spr.id               SPRSDE 
_pdbx_database_PDB_obs_spr.date             2017-05-24 
_pdbx_database_PDB_obs_spr.pdb_id           5VST 
_pdbx_database_PDB_obs_spr.replace_pdb_id   5F1D 
_pdbx_database_PDB_obs_spr.details          ? 
# 
_pdbx_database_status.status_code                     REL 
_pdbx_database_status.status_code_sf                  REL 
_pdbx_database_status.status_code_mr                  ? 
_pdbx_database_status.entry_id                        5VST 
_pdbx_database_status.recvd_initial_deposition_date   2017-05-12 
_pdbx_database_status.SG_entry                        N 
_pdbx_database_status.deposit_site                    RCSB 
_pdbx_database_status.process_site                    RCSB 
_pdbx_database_status.status_code_cs                  ? 
_pdbx_database_status.methods_development_category    ? 
_pdbx_database_status.pdb_format_compatible           Y 
_pdbx_database_status.status_code_nmr_data            ? 
# 
loop_
_audit_author.name 
_audit_author.pdbx_ordinal 
_audit_author.identifier_ORCID 
'Peng, G.'          1 ? 
'Yang, Y.'          2 ? 
'Pasquarella, J.R.' 3 ? 
'Xu, L.'            4 ? 
'Qian, Z.'          5 ? 
'Holmes, K.V.'      6 ? 
'Li, F.'            7 ? 
# 
_citation.abstract                  ? 
_citation.abstract_id_CAS           ? 
_citation.book_id_ISBN              ? 
_citation.book_publisher            ? 
_citation.book_publisher_city       ? 
_citation.book_title                ? 
_citation.coordinate_linkage        ? 
_citation.country                   US 
_citation.database_id_Medline       ? 
_citation.details                   ? 
_citation.id                        primary 
_citation.journal_abbrev            'J. Biol. Chem.' 
_citation.journal_id_ASTM           JBCHA3 
_citation.journal_id_CSD            0071 
_citation.journal_id_ISSN           0021-9258 
_citation.journal_full              ? 
_citation.journal_issue             ? 
_citation.journal_volume            292 
_citation.language                  ? 
_citation.page_first                2174 
_citation.page_last                 2181 
_citation.title                     'Molecular mechanism for coronavirus-driven evolution of mouse receptor' 
_citation.year                      2017 
_citation.database_id_CSD           ? 
_citation.pdbx_database_id_DOI      10.1074/jbc.M116.764266 
_citation.pdbx_database_id_PubMed   28035001 
_citation.unpublished_flag          ? 
# 
loop_
_citation_author.citation_id 
_citation_author.name 
_citation_author.ordinal 
_citation_author.identifier_ORCID 
primary 'Peng, G.'          1 ? 
primary 'Yang, Y.'          2 ? 
primary 'Pasquarella, J.R.' 3 ? 
primary 'Xu, L.'            4 ? 
primary 'Qian, Z.'          5 ? 
primary 'Holmes, K.V.'      6 ? 
primary 'Li, F.'            7 ? 
# 
loop_
_entity.id 
_entity.type 
_entity.src_method 
_entity.pdbx_description 
_entity.formula_weight 
_entity.pdbx_number_of_molecules 
_entity.pdbx_ec 
_entity.pdbx_mutation 
_entity.pdbx_fragment 
_entity.details 
1 polymer  man 'Biliary glycoprotein'                                                                    23241.986 1  ? ? 
'residues 35-236' ? 
2 branched man '2-acetamido-2-deoxy-beta-D-glucopyranose-(1-4)-2-acetamido-2-deoxy-beta-D-glucopyranose' 424.401   1  ? ? ? ? 
3 water    nat water                                                                                     18.015    10 ? ? ? ? 
# 
_entity_poly.entity_id                      1 
_entity_poly.type                           'polypeptide(L)' 
_entity_poly.nstd_linkage                   no 
_entity_poly.nstd_monomer                   no 
_entity_poly.pdbx_seq_one_letter_code       
;EVTIEAVPPQVAEDNNVLLLVHNLPLALGAFAWYKGNPVSTNAEIVHFVTGTNKTTTGPAHSGRETVYSNGSLLIQRVTV
KDTGVYTIEMTDENFRRTEATVQFHVHQPVTQPSLQVTNTTVKELDSVTLTCLSNDIGANIQWLFNSQSLQLTERMTLSQ
NNSILRIDPIKREDAGEYQCEISNPVSVKRSNSIKLDIIFDPHHHHHH
;
_entity_poly.pdbx_seq_one_letter_code_can   
;EVTIEAVPPQVAEDNNVLLLVHNLPLALGAFAWYKGNPVSTNAEIVHFVTGTNKTTTGPAHSGRETVYSNGSLLIQRVTV
KDTGVYTIEMTDENFRRTEATVQFHVHQPVTQPSLQVTNTTVKELDSVTLTCLSNDIGANIQWLFNSQSLQLTERMTLSQ
NNSILRIDPIKREDAGEYQCEISNPVSVKRSNSIKLDIIFDPHHHHHH
;
_entity_poly.pdbx_strand_id                 A 
_entity_poly.pdbx_target_identifier         ? 
# 
_pdbx_entity_nonpoly.entity_id   3 
_pdbx_entity_nonpoly.name        water 
_pdbx_entity_nonpoly.comp_id     HOH 
# 
loop_
_entity_poly_seq.entity_id 
_entity_poly_seq.num 
_entity_poly_seq.mon_id 
_entity_poly_seq.hetero 
1 1   GLU n 
1 2   VAL n 
1 3   THR n 
1 4   ILE n 
1 5   GLU n 
1 6   ALA n 
1 7   VAL n 
1 8   PRO n 
1 9   PRO n 
1 10  GLN n 
1 11  VAL n 
1 12  ALA n 
1 13  GLU n 
1 14  ASP n 
1 15  ASN n 
1 16  ASN n 
1 17  VAL n 
1 18  LEU n 
1 19  LEU n 
1 20  LEU n 
1 21  VAL n 
1 22  HIS n 
1 23  ASN n 
1 24  LEU n 
1 25  PRO n 
1 26  LEU n 
1 27  ALA n 
1 28  LEU n 
1 29  GLY n 
1 30  ALA n 
1 31  PHE n 
1 32  ALA n 
1 33  TRP n 
1 34  TYR n 
1 35  LYS n 
1 36  GLY n 
1 37  ASN n 
1 38  PRO n 
1 39  VAL n 
1 40  SER n 
1 41  THR n 
1 42  ASN n 
1 43  ALA n 
1 44  GLU n 
1 45  ILE n 
1 46  VAL n 
1 47  HIS n 
1 48  PHE n 
1 49  VAL n 
1 50  THR n 
1 51  GLY n 
1 52  THR n 
1 53  ASN n 
1 54  LYS n 
1 55  THR n 
1 56  THR n 
1 57  THR n 
1 58  GLY n 
1 59  PRO n 
1 60  ALA n 
1 61  HIS n 
1 62  SER n 
1 63  GLY n 
1 64  ARG n 
1 65  GLU n 
1 66  THR n 
1 67  VAL n 
1 68  TYR n 
1 69  SER n 
1 70  ASN n 
1 71  GLY n 
1 72  SER n 
1 73  LEU n 
1 74  LEU n 
1 75  ILE n 
1 76  GLN n 
1 77  ARG n 
1 78  VAL n 
1 79  THR n 
1 80  VAL n 
1 81  LYS n 
1 82  ASP n 
1 83  THR n 
1 84  GLY n 
1 85  VAL n 
1 86  TYR n 
1 87  THR n 
1 88  ILE n 
1 89  GLU n 
1 90  MET n 
1 91  THR n 
1 92  ASP n 
1 93  GLU n 
1 94  ASN n 
1 95  PHE n 
1 96  ARG n 
1 97  ARG n 
1 98  THR n 
1 99  GLU n 
1 100 ALA n 
1 101 THR n 
1 102 VAL n 
1 103 GLN n 
1 104 PHE n 
1 105 HIS n 
1 106 VAL n 
1 107 HIS n 
1 108 GLN n 
1 109 PRO n 
1 110 VAL n 
1 111 THR n 
1 112 GLN n 
1 113 PRO n 
1 114 SER n 
1 115 LEU n 
1 116 GLN n 
1 117 VAL n 
1 118 THR n 
1 119 ASN n 
1 120 THR n 
1 121 THR n 
1 122 VAL n 
1 123 LYS n 
1 124 GLU n 
1 125 LEU n 
1 126 ASP n 
1 127 SER n 
1 128 VAL n 
1 129 THR n 
1 130 LEU n 
1 131 THR n 
1 132 CYS n 
1 133 LEU n 
1 134 SER n 
1 135 ASN n 
1 136 ASP n 
1 137 ILE n 
1 138 GLY n 
1 139 ALA n 
1 140 ASN n 
1 141 ILE n 
1 142 GLN n 
1 143 TRP n 
1 144 LEU n 
1 145 PHE n 
1 146 ASN n 
1 147 SER n 
1 148 GLN n 
1 149 SER n 
1 150 LEU n 
1 151 GLN n 
1 152 LEU n 
1 153 THR n 
1 154 GLU n 
1 155 ARG n 
1 156 MET n 
1 157 THR n 
1 158 LEU n 
1 159 SER n 
1 160 GLN n 
1 161 ASN n 
1 162 ASN n 
1 163 SER n 
1 164 ILE n 
1 165 LEU n 
1 166 ARG n 
1 167 ILE n 
1 168 ASP n 
1 169 PRO n 
1 170 ILE n 
1 171 LYS n 
1 172 ARG n 
1 173 GLU n 
1 174 ASP n 
1 175 ALA n 
1 176 GLY n 
1 177 GLU n 
1 178 TYR n 
1 179 GLN n 
1 180 CYS n 
1 181 GLU n 
1 182 ILE n 
1 183 SER n 
1 184 ASN n 
1 185 PRO n 
1 186 VAL n 
1 187 SER n 
1 188 VAL n 
1 189 LYS n 
1 190 ARG n 
1 191 SER n 
1 192 ASN n 
1 193 SER n 
1 194 ILE n 
1 195 LYS n 
1 196 LEU n 
1 197 ASP n 
1 198 ILE n 
1 199 ILE n 
1 200 PHE n 
1 201 ASP n 
1 202 PRO n 
1 203 HIS n 
1 204 HIS n 
1 205 HIS n 
1 206 HIS n 
1 207 HIS n 
1 208 HIS n 
# 
_entity_src_gen.entity_id                          1 
_entity_src_gen.pdbx_src_id                        1 
_entity_src_gen.pdbx_alt_source_flag               sample 
_entity_src_gen.pdbx_seq_type                      'Biological sequence' 
_entity_src_gen.pdbx_beg_seq_num                   1 
_entity_src_gen.pdbx_end_seq_num                   208 
_entity_src_gen.gene_src_common_name               Mouse 
_entity_src_gen.gene_src_genus                     ? 
_entity_src_gen.pdbx_gene_src_gene                 'Ceacam1, Bgph' 
_entity_src_gen.gene_src_species                   ? 
_entity_src_gen.gene_src_strain                    ? 
_entity_src_gen.gene_src_tissue                    ? 
_entity_src_gen.gene_src_tissue_fraction           ? 
_entity_src_gen.gene_src_details                   ? 
_entity_src_gen.pdbx_gene_src_fragment             ? 
_entity_src_gen.pdbx_gene_src_scientific_name      'Mus musculus' 
_entity_src_gen.pdbx_gene_src_ncbi_taxonomy_id     10090 
_entity_src_gen.pdbx_gene_src_variant              ? 
_entity_src_gen.pdbx_gene_src_cell_line            ? 
_entity_src_gen.pdbx_gene_src_atcc                 ? 
_entity_src_gen.pdbx_gene_src_organ                ? 
_entity_src_gen.pdbx_gene_src_organelle            ? 
_entity_src_gen.pdbx_gene_src_cell                 ? 
_entity_src_gen.pdbx_gene_src_cellular_location    ? 
_entity_src_gen.host_org_common_name               'fall armyworm' 
_entity_src_gen.pdbx_host_org_scientific_name      'Spodoptera frugiperda' 
_entity_src_gen.pdbx_host_org_ncbi_taxonomy_id     7108 
_entity_src_gen.host_org_genus                     ? 
_entity_src_gen.pdbx_host_org_gene                 ? 
_entity_src_gen.pdbx_host_org_organ                ? 
_entity_src_gen.host_org_species                   ? 
_entity_src_gen.pdbx_host_org_tissue               ? 
_entity_src_gen.pdbx_host_org_tissue_fraction      ? 
_entity_src_gen.pdbx_host_org_strain               ? 
_entity_src_gen.pdbx_host_org_variant              ? 
_entity_src_gen.pdbx_host_org_cell_line            ? 
_entity_src_gen.pdbx_host_org_atcc                 ? 
_entity_src_gen.pdbx_host_org_culture_collection   ? 
_entity_src_gen.pdbx_host_org_cell                 ? 
_entity_src_gen.pdbx_host_org_organelle            ? 
_entity_src_gen.pdbx_host_org_cellular_location    ? 
_entity_src_gen.pdbx_host_org_vector_type          ? 
_entity_src_gen.pdbx_host_org_vector               ? 
_entity_src_gen.host_org_details                   ? 
_entity_src_gen.expression_system_id               ? 
_entity_src_gen.plasmid_name                       ? 
_entity_src_gen.plasmid_details                    ? 
_entity_src_gen.pdbx_description                   ? 
# 
_pdbx_entity_branch.entity_id   2 
_pdbx_entity_branch.type        oligosaccharide 
# 
loop_
_pdbx_entity_branch_descriptor.ordinal 
_pdbx_entity_branch_descriptor.entity_id 
_pdbx_entity_branch_descriptor.descriptor 
_pdbx_entity_branch_descriptor.type 
_pdbx_entity_branch_descriptor.program 
_pdbx_entity_branch_descriptor.program_version 
1 2 DGlcpNAcb1-4DGlcpNAcb1-                               'Glycam Condensed Sequence' GMML       1.0   
2 2 'WURCS=2.0/1,2,1/[a2122h-1b_1-5_2*NCC/3=O]/1-1/a4-b1' WURCS                       PDB2Glycan 1.1.0 
3 2 '[]{[(4+1)][b-D-GlcpNAc]{[(4+1)][b-D-GlcpNAc]{}}}'    LINUCS                      PDB-CARE   ?     
# 
_pdbx_entity_branch_link.link_id                    1 
_pdbx_entity_branch_link.entity_id                  2 
_pdbx_entity_branch_link.entity_branch_list_num_1   2 
_pdbx_entity_branch_link.comp_id_1                  NAG 
_pdbx_entity_branch_link.atom_id_1                  C1 
_pdbx_entity_branch_link.leaving_atom_id_1          O1 
_pdbx_entity_branch_link.entity_branch_list_num_2   1 
_pdbx_entity_branch_link.comp_id_2                  NAG 
_pdbx_entity_branch_link.atom_id_2                  O4 
_pdbx_entity_branch_link.leaving_atom_id_2          HO4 
_pdbx_entity_branch_link.value_order                sing 
_pdbx_entity_branch_link.details                    ? 
# 
loop_
_chem_comp.id 
_chem_comp.type 
_chem_comp.mon_nstd_flag 
_chem_comp.name 
_chem_comp.pdbx_synonyms 
_chem_comp.formula 
_chem_comp.formula_weight 
ALA 'L-peptide linking'          y ALANINE                                  ? 'C3 H7 N O2'     89.093  
ARG 'L-peptide linking'          y ARGININE                                 ? 'C6 H15 N4 O2 1' 175.209 
ASN 'L-peptide linking'          y ASPARAGINE                               ? 'C4 H8 N2 O3'    132.118 
ASP 'L-peptide linking'          y 'ASPARTIC ACID'                          ? 'C4 H7 N O4'     133.103 
CYS 'L-peptide linking'          y CYSTEINE                                 ? 'C3 H7 N O2 S'   121.158 
GLN 'L-peptide linking'          y GLUTAMINE                                ? 'C5 H10 N2 O3'   146.144 
GLU 'L-peptide linking'          y 'GLUTAMIC ACID'                          ? 'C5 H9 N O4'     147.129 
GLY 'peptide linking'            y GLYCINE                                  ? 'C2 H5 N O2'     75.067  
HIS 'L-peptide linking'          y HISTIDINE                                ? 'C6 H10 N3 O2 1' 156.162 
HOH non-polymer                  . WATER                                    ? 'H2 O'           18.015  
ILE 'L-peptide linking'          y ISOLEUCINE                               ? 'C6 H13 N O2'    131.173 
LEU 'L-peptide linking'          y LEUCINE                                  ? 'C6 H13 N O2'    131.173 
LYS 'L-peptide linking'          y LYSINE                                   ? 'C6 H15 N2 O2 1' 147.195 
MET 'L-peptide linking'          y METHIONINE                               ? 'C5 H11 N O2 S'  149.211 
NAG 'D-saccharide, beta linking' . 2-acetamido-2-deoxy-beta-D-glucopyranose 
;N-acetyl-beta-D-glucosamine; 2-acetamido-2-deoxy-beta-D-glucose; 2-acetamido-2-deoxy-D-glucose; 2-acetamido-2-deoxy-glucose; N-ACETYL-D-GLUCOSAMINE
;
'C8 H15 N O6'    221.208 
PHE 'L-peptide linking'          y PHENYLALANINE                            ? 'C9 H11 N O2'    165.189 
PRO 'L-peptide linking'          y PROLINE                                  ? 'C5 H9 N O2'     115.130 
SER 'L-peptide linking'          y SERINE                                   ? 'C3 H7 N O3'     105.093 
THR 'L-peptide linking'          y THREONINE                                ? 'C4 H9 N O3'     119.119 
TRP 'L-peptide linking'          y TRYPTOPHAN                               ? 'C11 H12 N2 O2'  204.225 
TYR 'L-peptide linking'          y TYROSINE                                 ? 'C9 H11 N O3'    181.189 
VAL 'L-peptide linking'          y VALINE                                   ? 'C5 H11 N O2'    117.146 
# 
loop_
_pdbx_chem_comp_identifier.comp_id 
_pdbx_chem_comp_identifier.type 
_pdbx_chem_comp_identifier.program 
_pdbx_chem_comp_identifier.program_version 
_pdbx_chem_comp_identifier.identifier 
NAG 'CONDENSED IUPAC CARBOHYDRATE SYMBOL' GMML     1.0 DGlcpNAcb                      
NAG 'COMMON NAME'                         GMML     1.0 N-acetyl-b-D-glucopyranosamine 
NAG 'IUPAC CARBOHYDRATE SYMBOL'           PDB-CARE 1.0 b-D-GlcpNAc                    
NAG 'SNFG CARBOHYDRATE SYMBOL'            GMML     1.0 GlcNAc                         
# 
loop_
_pdbx_poly_seq_scheme.asym_id 
_pdbx_poly_seq_scheme.entity_id 
_pdbx_poly_seq_scheme.seq_id 
_pdbx_poly_seq_scheme.mon_id 
_pdbx_poly_seq_scheme.ndb_seq_num 
_pdbx_poly_seq_scheme.pdb_seq_num 
_pdbx_poly_seq_scheme.auth_seq_num 
_pdbx_poly_seq_scheme.pdb_mon_id 
_pdbx_poly_seq_scheme.auth_mon_id 
_pdbx_poly_seq_scheme.pdb_strand_id 
_pdbx_poly_seq_scheme.pdb_ins_code 
_pdbx_poly_seq_scheme.hetero 
A 1 1   GLU 1   1   1   GLU GLU A . n 
A 1 2   VAL 2   2   2   VAL VAL A . n 
A 1 3   THR 3   3   3   THR THR A . n 
A 1 4   ILE 4   4   4   ILE ILE A . n 
A 1 5   GLU 5   5   5   GLU GLU A . n 
A 1 6   ALA 6   6   6   ALA ALA A . n 
A 1 7   VAL 7   7   7   VAL VAL A . n 
A 1 8   PRO 8   8   8   PRO PRO A . n 
A 1 9   PRO 9   9   9   PRO PRO A . n 
A 1 10  GLN 10  10  10  GLN GLN A . n 
A 1 11  VAL 11  11  11  VAL VAL A . n 
A 1 12  ALA 12  12  12  ALA ALA A . n 
A 1 13  GLU 13  13  13  GLU GLU A . n 
A 1 14  ASP 14  14  14  ASP ASP A . n 
A 1 15  ASN 15  15  15  ASN ASN A . n 
A 1 16  ASN 16  16  16  ASN ASN A . n 
A 1 17  VAL 17  17  17  VAL VAL A . n 
A 1 18  LEU 18  18  18  LEU LEU A . n 
A 1 19  LEU 19  19  19  LEU LEU A . n 
A 1 20  LEU 20  20  20  LEU LEU A . n 
A 1 21  VAL 21  21  21  VAL VAL A . n 
A 1 22  HIS 22  22  22  HIS HIS A . n 
A 1 23  ASN 23  23  23  ASN ASN A . n 
A 1 24  LEU 24  24  24  LEU LEU A . n 
A 1 25  PRO 25  25  25  PRO PRO A . n 
A 1 26  LEU 26  26  26  LEU LEU A . n 
A 1 27  ALA 27  27  27  ALA ALA A . n 
A 1 28  LEU 28  28  28  LEU LEU A . n 
A 1 29  GLY 29  29  29  GLY GLY A . n 
A 1 30  ALA 30  30  30  ALA ALA A . n 
A 1 31  PHE 31  31  31  PHE PHE A . n 
A 1 32  ALA 32  32  32  ALA ALA A . n 
A 1 33  TRP 33  33  33  TRP TRP A . n 
A 1 34  TYR 34  34  34  TYR TYR A . n 
A 1 35  LYS 35  35  35  LYS LYS A . n 
A 1 36  GLY 36  36  36  GLY GLY A . n 
A 1 37  ASN 37  37  37  ASN ASN A . n 
A 1 38  PRO 38  38  38  PRO PRO A . n 
A 1 39  VAL 39  39  39  VAL VAL A . n 
A 1 40  SER 40  40  40  SER SER A . n 
A 1 41  THR 41  41  41  THR THR A . n 
A 1 42  ASN 42  42  42  ASN ASN A . n 
A 1 43  ALA 43  43  43  ALA ALA A . n 
A 1 44  GLU 44  44  44  GLU GLU A . n 
A 1 45  ILE 45  45  45  ILE ILE A . n 
A 1 46  VAL 46  46  46  VAL VAL A . n 
A 1 47  HIS 47  47  47  HIS HIS A . n 
A 1 48  PHE 48  48  48  PHE PHE A . n 
A 1 49  VAL 49  49  49  VAL VAL A . n 
A 1 50  THR 50  50  50  THR THR A . n 
A 1 51  GLY 51  51  51  GLY GLY A . n 
A 1 52  THR 52  52  52  THR THR A . n 
A 1 53  ASN 53  53  53  ASN ASN A . n 
A 1 54  LYS 54  54  54  LYS LYS A . n 
A 1 55  THR 55  55  55  THR THR A . n 
A 1 56  THR 56  56  56  THR THR A . n 
A 1 57  THR 57  57  57  THR THR A . n 
A 1 58  GLY 58  58  58  GLY GLY A . n 
A 1 59  PRO 59  59  59  PRO PRO A . n 
A 1 60  ALA 60  60  60  ALA ALA A . n 
A 1 61  HIS 61  61  61  HIS HIS A . n 
A 1 62  SER 62  62  62  SER SER A . n 
A 1 63  GLY 63  63  63  GLY GLY A . n 
A 1 64  ARG 64  64  64  ARG ARG A . n 
A 1 65  GLU 65  65  65  GLU GLU A . n 
A 1 66  THR 66  66  66  THR THR A . n 
A 1 67  VAL 67  67  67  VAL VAL A . n 
A 1 68  TYR 68  68  68  TYR TYR A . n 
A 1 69  SER 69  69  69  SER SER A . n 
A 1 70  ASN 70  70  70  ASN ASN A . n 
A 1 71  GLY 71  71  71  GLY GLY A . n 
A 1 72  SER 72  72  72  SER SER A . n 
A 1 73  LEU 73  73  73  LEU LEU A . n 
A 1 74  LEU 74  74  74  LEU LEU A . n 
A 1 75  ILE 75  75  75  ILE ILE A . n 
A 1 76  GLN 76  76  76  GLN GLN A . n 
A 1 77  ARG 77  77  77  ARG ARG A . n 
A 1 78  VAL 78  78  78  VAL VAL A . n 
A 1 79  THR 79  79  79  THR THR A . n 
A 1 80  VAL 80  80  80  VAL VAL A . n 
A 1 81  LYS 81  81  81  LYS LYS A . n 
A 1 82  ASP 82  82  82  ASP ASP A . n 
A 1 83  THR 83  83  83  THR THR A . n 
A 1 84  GLY 84  84  84  GLY GLY A . n 
A 1 85  VAL 85  85  85  VAL VAL A . n 
A 1 86  TYR 86  86  86  TYR TYR A . n 
A 1 87  THR 87  87  87  THR THR A . n 
A 1 88  ILE 88  88  88  ILE ILE A . n 
A 1 89  GLU 89  89  89  GLU GLU A . n 
A 1 90  MET 90  90  90  MET MET A . n 
A 1 91  THR 91  91  91  THR THR A . n 
A 1 92  ASP 92  92  92  ASP ASP A . n 
A 1 93  GLU 93  93  93  GLU GLU A . n 
A 1 94  ASN 94  94  94  ASN ASN A . n 
A 1 95  PHE 95  95  95  PHE PHE A . n 
A 1 96  ARG 96  96  96  ARG ARG A . n 
A 1 97  ARG 97  97  97  ARG ARG A . n 
A 1 98  THR 98  98  98  THR THR A . n 
A 1 99  GLU 99  99  99  GLU GLU A . n 
A 1 100 ALA 100 100 100 ALA ALA A . n 
A 1 101 THR 101 101 101 THR THR A . n 
A 1 102 VAL 102 102 102 VAL VAL A . n 
A 1 103 GLN 103 103 103 GLN GLN A . n 
A 1 104 PHE 104 104 104 PHE PHE A . n 
A 1 105 HIS 105 105 105 HIS HIS A . n 
A 1 106 VAL 106 106 106 VAL VAL A . n 
A 1 107 HIS 107 107 107 HIS HIS A . n 
A 1 108 GLN 108 108 108 GLN GLN A . n 
A 1 109 PRO 109 109 109 PRO PRO A . n 
A 1 110 VAL 110 110 110 VAL VAL A . n 
A 1 111 THR 111 111 111 THR THR A . n 
A 1 112 GLN 112 112 112 GLN GLN A . n 
A 1 113 PRO 113 113 113 PRO PRO A . n 
A 1 114 SER 114 114 114 SER SER A . n 
A 1 115 LEU 115 115 115 LEU LEU A . n 
A 1 116 GLN 116 116 116 GLN GLN A . n 
A 1 117 VAL 117 117 117 VAL VAL A . n 
A 1 118 THR 118 118 118 THR THR A . n 
A 1 119 ASN 119 119 119 ASN ASN A . n 
A 1 120 THR 120 120 120 THR THR A . n 
A 1 121 THR 121 121 121 THR THR A . n 
A 1 122 VAL 122 122 122 VAL VAL A . n 
A 1 123 LYS 123 123 123 LYS LYS A . n 
A 1 124 GLU 124 124 124 GLU GLU A . n 
A 1 125 LEU 125 125 125 LEU LEU A . n 
A 1 126 ASP 126 126 126 ASP ASP A . n 
A 1 127 SER 127 127 127 SER SER A . n 
A 1 128 VAL 128 128 128 VAL VAL A . n 
A 1 129 THR 129 129 129 THR THR A . n 
A 1 130 LEU 130 130 130 LEU LEU A . n 
A 1 131 THR 131 131 131 THR THR A . n 
A 1 132 CYS 132 132 132 CYS CYS A . n 
A 1 133 LEU 133 133 133 LEU LEU A . n 
A 1 134 SER 134 134 134 SER SER A . n 
A 1 135 ASN 135 135 135 ASN ASN A . n 
A 1 136 ASP 136 136 136 ASP ASP A . n 
A 1 137 ILE 137 137 137 ILE ILE A . n 
A 1 138 GLY 138 138 138 GLY GLY A . n 
A 1 139 ALA 139 139 139 ALA ALA A . n 
A 1 140 ASN 140 140 140 ASN ASN A . n 
A 1 141 ILE 141 141 141 ILE ILE A . n 
A 1 142 GLN 142 142 142 GLN GLN A . n 
A 1 143 TRP 143 143 143 TRP TRP A . n 
A 1 144 LEU 144 144 144 LEU LEU A . n 
A 1 145 PHE 145 145 145 PHE PHE A . n 
A 1 146 ASN 146 146 146 ASN ASN A . n 
A 1 147 SER 147 147 147 SER SER A . n 
A 1 148 GLN 148 148 148 GLN GLN A . n 
A 1 149 SER 149 149 149 SER SER A . n 
A 1 150 LEU 150 150 150 LEU LEU A . n 
A 1 151 GLN 151 151 151 GLN GLN A . n 
A 1 152 LEU 152 152 152 LEU LEU A . n 
A 1 153 THR 153 153 153 THR THR A . n 
A 1 154 GLU 154 154 154 GLU GLU A . n 
A 1 155 ARG 155 155 155 ARG ARG A . n 
A 1 156 MET 156 156 156 MET MET A . n 
A 1 157 THR 157 157 157 THR THR A . n 
A 1 158 LEU 158 158 158 LEU LEU A . n 
A 1 159 SER 159 159 159 SER SER A . n 
A 1 160 GLN 160 160 160 GLN GLN A . n 
A 1 161 ASN 161 161 161 ASN ASN A . n 
A 1 162 ASN 162 162 162 ASN ASN A . n 
A 1 163 SER 163 163 163 SER SER A . n 
A 1 164 ILE 164 164 164 ILE ILE A . n 
A 1 165 LEU 165 165 165 LEU LEU A . n 
A 1 166 ARG 166 166 166 ARG ARG A . n 
A 1 167 ILE 167 167 167 ILE ILE A . n 
A 1 168 ASP 168 168 168 ASP ASP A . n 
A 1 169 PRO 169 169 169 PRO PRO A . n 
A 1 170 ILE 170 170 170 ILE ILE A . n 
A 1 171 LYS 171 171 171 LYS LYS A . n 
A 1 172 ARG 172 172 172 ARG ARG A . n 
A 1 173 GLU 173 173 173 GLU GLU A . n 
A 1 174 ASP 174 174 174 ASP ASP A . n 
A 1 175 ALA 175 175 175 ALA ALA A . n 
A 1 176 GLY 176 176 176 GLY GLY A . n 
A 1 177 GLU 177 177 177 GLU GLU A . n 
A 1 178 TYR 178 178 178 TYR TYR A . n 
A 1 179 GLN 179 179 179 GLN GLN A . n 
A 1 180 CYS 180 180 180 CYS CYS A . n 
A 1 181 GLU 181 181 181 GLU GLU A . n 
A 1 182 ILE 182 182 182 ILE ILE A . n 
A 1 183 SER 183 183 183 SER SER A . n 
A 1 184 ASN 184 184 184 ASN ASN A . n 
A 1 185 PRO 185 185 185 PRO PRO A . n 
A 1 186 VAL 186 186 186 VAL VAL A . n 
A 1 187 SER 187 187 187 SER SER A . n 
A 1 188 VAL 188 188 188 VAL VAL A . n 
A 1 189 LYS 189 189 189 LYS LYS A . n 
A 1 190 ARG 190 190 190 ARG ARG A . n 
A 1 191 SER 191 191 191 SER SER A . n 
A 1 192 ASN 192 192 192 ASN ASN A . n 
A 1 193 SER 193 193 193 SER SER A . n 
A 1 194 ILE 194 194 194 ILE ILE A . n 
A 1 195 LYS 195 195 195 LYS LYS A . n 
A 1 196 LEU 196 196 196 LEU LEU A . n 
A 1 197 ASP 197 197 197 ASP ASP A . n 
A 1 198 ILE 198 198 198 ILE ILE A . n 
A 1 199 ILE 199 199 199 ILE ILE A . n 
A 1 200 PHE 200 200 ?   ?   ?   A . n 
A 1 201 ASP 201 201 ?   ?   ?   A . n 
A 1 202 PRO 202 202 ?   ?   ?   A . n 
A 1 203 HIS 203 203 ?   ?   ?   A . n 
A 1 204 HIS 204 204 ?   ?   ?   A . n 
A 1 205 HIS 205 205 ?   ?   ?   A . n 
A 1 206 HIS 206 206 ?   ?   ?   A . n 
A 1 207 HIS 207 207 ?   ?   ?   A . n 
A 1 208 HIS 208 208 ?   ?   ?   A . n 
# 
loop_
_pdbx_branch_scheme.asym_id 
_pdbx_branch_scheme.entity_id 
_pdbx_branch_scheme.mon_id 
_pdbx_branch_scheme.num 
_pdbx_branch_scheme.pdb_asym_id 
_pdbx_branch_scheme.pdb_mon_id 
_pdbx_branch_scheme.pdb_seq_num 
_pdbx_branch_scheme.auth_asym_id 
_pdbx_branch_scheme.auth_mon_id 
_pdbx_branch_scheme.auth_seq_num 
_pdbx_branch_scheme.hetero 
B 2 NAG 1 B NAG 1 A NAG 301 n 
B 2 NAG 2 B NAG 2 A NAG 302 n 
# 
loop_
_pdbx_nonpoly_scheme.asym_id 
_pdbx_nonpoly_scheme.entity_id 
_pdbx_nonpoly_scheme.mon_id 
_pdbx_nonpoly_scheme.ndb_seq_num 
_pdbx_nonpoly_scheme.pdb_seq_num 
_pdbx_nonpoly_scheme.auth_seq_num 
_pdbx_nonpoly_scheme.pdb_mon_id 
_pdbx_nonpoly_scheme.auth_mon_id 
_pdbx_nonpoly_scheme.pdb_strand_id 
_pdbx_nonpoly_scheme.pdb_ins_code 
C 3 HOH 1  401 401 HOH HOH A . 
C 3 HOH 2  402 402 HOH HOH A . 
C 3 HOH 3  403 403 HOH HOH A . 
C 3 HOH 4  404 404 HOH HOH A . 
C 3 HOH 5  405 405 HOH HOH A . 
C 3 HOH 6  406 406 HOH HOH A . 
C 3 HOH 7  407 407 HOH HOH A . 
C 3 HOH 8  408 409 HOH HOH A . 
C 3 HOH 9  409 408 HOH HOH A . 
C 3 HOH 10 410 410 HOH HOH A . 
# 
loop_
_pdbx_unobs_or_zero_occ_atoms.id 
_pdbx_unobs_or_zero_occ_atoms.PDB_model_num 
_pdbx_unobs_or_zero_occ_atoms.polymer_flag 
_pdbx_unobs_or_zero_occ_atoms.occupancy_flag 
_pdbx_unobs_or_zero_occ_atoms.auth_asym_id 
_pdbx_unobs_or_zero_occ_atoms.auth_comp_id 
_pdbx_unobs_or_zero_occ_atoms.auth_seq_id 
_pdbx_unobs_or_zero_occ_atoms.PDB_ins_code 
_pdbx_unobs_or_zero_occ_atoms.auth_atom_id 
_pdbx_unobs_or_zero_occ_atoms.label_alt_id 
_pdbx_unobs_or_zero_occ_atoms.label_asym_id 
_pdbx_unobs_or_zero_occ_atoms.label_comp_id 
_pdbx_unobs_or_zero_occ_atoms.label_seq_id 
_pdbx_unobs_or_zero_occ_atoms.label_atom_id 
1 1 Y 1 A ARG 172 ? CG  ? A ARG 172 CG  
2 1 Y 1 A ARG 172 ? CD  ? A ARG 172 CD  
3 1 Y 1 A ARG 172 ? NE  ? A ARG 172 NE  
4 1 Y 1 A ARG 172 ? CZ  ? A ARG 172 CZ  
5 1 Y 1 A ARG 172 ? NH1 ? A ARG 172 NH1 
6 1 Y 1 A ARG 172 ? NH2 ? A ARG 172 NH2 
# 
loop_
_software.citation_id 
_software.classification 
_software.compiler_name 
_software.compiler_version 
_software.contact_author 
_software.contact_author_email 
_software.date 
_software.description 
_software.dependencies 
_software.hardware 
_software.language 
_software.location 
_software.mods 
_software.name 
_software.os 
_software.os_version 
_software.type 
_software.version 
_software.pdbx_ordinal 
? refinement       ? ? ? ? ? ? ? ? ? ? ? REFMAC   ? ? ? 5.8.0158 1 
? 'data reduction' ? ? ? ? ? ? ? ? ? ? ? HKL-2000 ? ? ? .        2 
? 'data scaling'   ? ? ? ? ? ? ? ? ? ? ? HKL-2000 ? ? ? .        3 
? phasing          ? ? ? ? ? ? ? ? ? ? ? PHASER   ? ? ? .        4 
# 
_cell.angle_alpha                  90.00 
_cell.angle_alpha_esd              ? 
_cell.angle_beta                   90.00 
_cell.angle_beta_esd               ? 
_cell.angle_gamma                  120.00 
_cell.angle_gamma_esd              ? 
_cell.entry_id                     5VST 
_cell.details                      ? 
_cell.formula_units_Z              ? 
_cell.length_a                     113.097 
_cell.length_a_esd                 ? 
_cell.length_b                     113.097 
_cell.length_b_esd                 ? 
_cell.length_c                     64.380 
_cell.length_c_esd                 ? 
_cell.volume                       ? 
_cell.volume_esd                   ? 
_cell.Z_PDB                        6 
_cell.reciprocal_angle_alpha       ? 
_cell.reciprocal_angle_beta        ? 
_cell.reciprocal_angle_gamma       ? 
_cell.reciprocal_angle_alpha_esd   ? 
_cell.reciprocal_angle_beta_esd    ? 
_cell.reciprocal_angle_gamma_esd   ? 
_cell.reciprocal_length_a          ? 
_cell.reciprocal_length_b          ? 
_cell.reciprocal_length_c          ? 
_cell.reciprocal_length_a_esd      ? 
_cell.reciprocal_length_b_esd      ? 
_cell.reciprocal_length_c_esd      ? 
_cell.pdbx_unique_axis             ? 
# 
_symmetry.entry_id                         5VST 
_symmetry.cell_setting                     ? 
_symmetry.Int_Tables_number                152 
_symmetry.space_group_name_Hall            ? 
_symmetry.space_group_name_H-M             'P 31 2 1' 
_symmetry.pdbx_full_space_group_name_H-M   ? 
# 
_exptl.absorpt_coefficient_mu     ? 
_exptl.absorpt_correction_T_max   ? 
_exptl.absorpt_correction_T_min   ? 
_exptl.absorpt_correction_type    ? 
_exptl.absorpt_process_details    ? 
_exptl.entry_id                   5VST 
_exptl.crystals_number            1 
_exptl.details                    ? 
_exptl.method                     'X-RAY DIFFRACTION' 
_exptl.method_details             ? 
# 
_exptl_crystal.colour                      ? 
_exptl_crystal.density_diffrn              ? 
_exptl_crystal.density_Matthews            5.11 
_exptl_crystal.density_method              ? 
_exptl_crystal.density_percent_sol         75.95 
_exptl_crystal.description                 ? 
_exptl_crystal.F_000                       ? 
_exptl_crystal.id                          1 
_exptl_crystal.preparation                 ? 
_exptl_crystal.size_max                    ? 
_exptl_crystal.size_mid                    ? 
_exptl_crystal.size_min                    ? 
_exptl_crystal.size_rad                    ? 
_exptl_crystal.colour_lustre               ? 
_exptl_crystal.colour_modifier             ? 
_exptl_crystal.colour_primary              ? 
_exptl_crystal.density_meas                ? 
_exptl_crystal.density_meas_esd            ? 
_exptl_crystal.density_meas_gt             ? 
_exptl_crystal.density_meas_lt             ? 
_exptl_crystal.density_meas_temp           ? 
_exptl_crystal.density_meas_temp_esd       ? 
_exptl_crystal.density_meas_temp_gt        ? 
_exptl_crystal.density_meas_temp_lt        ? 
_exptl_crystal.pdbx_crystal_image_url      ? 
_exptl_crystal.pdbx_crystal_image_format   ? 
_exptl_crystal.pdbx_mosaicity              ? 
_exptl_crystal.pdbx_mosaicity_esd          ? 
# 
_exptl_crystal_grow.apparatus       ? 
_exptl_crystal_grow.atmosphere      ? 
_exptl_crystal_grow.crystal_id      1 
_exptl_crystal_grow.details         ? 
_exptl_crystal_grow.method          'VAPOR DIFFUSION, SITTING DROP' 
_exptl_crystal_grow.method_ref      ? 
_exptl_crystal_grow.pH              ? 
_exptl_crystal_grow.pressure        ? 
_exptl_crystal_grow.pressure_esd    ? 
_exptl_crystal_grow.seeding         ? 
_exptl_crystal_grow.seeding_ref     ? 
_exptl_crystal_grow.temp            293 
_exptl_crystal_grow.temp_details    ? 
_exptl_crystal_grow.temp_esd        ? 
_exptl_crystal_grow.time            ? 
_exptl_crystal_grow.pdbx_details    'Tris-HCl, PEG4000, NaCl' 
_exptl_crystal_grow.pdbx_pH_range   ? 
# 
_diffrn.ambient_environment    ? 
_diffrn.ambient_temp           100 
_diffrn.ambient_temp_details   ? 
_diffrn.ambient_temp_esd       ? 
_diffrn.crystal_id             1 
_diffrn.crystal_support        ? 
_diffrn.crystal_treatment      ? 
_diffrn.details                ? 
_diffrn.id                     1 
_diffrn.ambient_pressure       ? 
_diffrn.ambient_pressure_esd   ? 
_diffrn.ambient_pressure_gt    ? 
_diffrn.ambient_pressure_lt    ? 
_diffrn.ambient_temp_gt        ? 
_diffrn.ambient_temp_lt        ? 
# 
_diffrn_detector.details                      ? 
_diffrn_detector.detector                     PIXEL 
_diffrn_detector.diffrn_id                    1 
_diffrn_detector.type                         'ADSC HF-4M' 
_diffrn_detector.area_resol_mean              ? 
_diffrn_detector.dtime                        ? 
_diffrn_detector.pdbx_frames_total            ? 
_diffrn_detector.pdbx_collection_time_total   ? 
_diffrn_detector.pdbx_collection_date         2009-10-25 
# 
_diffrn_radiation.collimation                      ? 
_diffrn_radiation.diffrn_id                        1 
_diffrn_radiation.filter_edge                      ? 
_diffrn_radiation.inhomogeneity                    ? 
_diffrn_radiation.monochromator                    ? 
_diffrn_radiation.polarisn_norm                    ? 
_diffrn_radiation.polarisn_ratio                   ? 
_diffrn_radiation.probe                            ? 
_diffrn_radiation.type                             ? 
_diffrn_radiation.xray_symbol                      ? 
_diffrn_radiation.wavelength_id                    1 
_diffrn_radiation.pdbx_monochromatic_or_laue_m_l   M 
_diffrn_radiation.pdbx_wavelength_list             ? 
_diffrn_radiation.pdbx_wavelength                  ? 
_diffrn_radiation.pdbx_diffrn_protocol             'SINGLE WAVELENGTH' 
_diffrn_radiation.pdbx_analyzer                    ? 
_diffrn_radiation.pdbx_scattering_type             x-ray 
# 
_diffrn_radiation_wavelength.id           1 
_diffrn_radiation_wavelength.wavelength   0.97918 
_diffrn_radiation_wavelength.wt           1.0 
# 
_diffrn_source.current                     ? 
_diffrn_source.details                     ? 
_diffrn_source.diffrn_id                   1 
_diffrn_source.power                       ? 
_diffrn_source.size                        ? 
_diffrn_source.source                      SYNCHROTRON 
_diffrn_source.target                      ? 
_diffrn_source.type                        'APS BEAMLINE 24-ID-E' 
_diffrn_source.voltage                     ? 
_diffrn_source.take-off_angle              ? 
_diffrn_source.pdbx_wavelength_list        0.97918 
_diffrn_source.pdbx_wavelength             ? 
_diffrn_source.pdbx_synchrotron_beamline   24-ID-E 
_diffrn_source.pdbx_synchrotron_site       APS 
# 
_reflns.B_iso_Wilson_estimate            ? 
_reflns.entry_id                         5VST 
_reflns.data_reduction_details           ? 
_reflns.data_reduction_method            ? 
_reflns.d_resolution_high                3.098 
_reflns.d_resolution_low                 16.969 
_reflns.details                          ? 
_reflns.limit_h_max                      ? 
_reflns.limit_h_min                      ? 
_reflns.limit_k_max                      ? 
_reflns.limit_k_min                      ? 
_reflns.limit_l_max                      ? 
_reflns.limit_l_min                      ? 
_reflns.number_all                       ? 
_reflns.number_obs                       8557 
_reflns.observed_criterion               ? 
_reflns.observed_criterion_F_max         ? 
_reflns.observed_criterion_F_min         ? 
_reflns.observed_criterion_I_max         ? 
_reflns.observed_criterion_I_min         ? 
_reflns.observed_criterion_sigma_F       ? 
_reflns.observed_criterion_sigma_I       ? 
_reflns.percent_possible_obs             96.3 
_reflns.R_free_details                   ? 
_reflns.Rmerge_F_all                     ? 
_reflns.Rmerge_F_obs                     ? 
_reflns.Friedel_coverage                 ? 
_reflns.number_gt                        ? 
_reflns.threshold_expression             ? 
_reflns.pdbx_redundancy                  2.5 
_reflns.pdbx_Rmerge_I_obs                ? 
_reflns.pdbx_Rmerge_I_all                ? 
_reflns.pdbx_Rsym_value                  0.114 
_reflns.pdbx_netI_over_av_sigmaI         ? 
_reflns.pdbx_netI_over_sigmaI            9.15 
_reflns.pdbx_res_netI_over_av_sigmaI_2   ? 
_reflns.pdbx_res_netI_over_sigmaI_2      ? 
_reflns.pdbx_chi_squared                 ? 
_reflns.pdbx_scaling_rejects             ? 
_reflns.pdbx_d_res_high_opt              ? 
_reflns.pdbx_d_res_low_opt               ? 
_reflns.pdbx_d_res_opt_method            ? 
_reflns.phase_calculation_details        ? 
_reflns.pdbx_Rrim_I_all                  ? 
_reflns.pdbx_Rpim_I_all                  ? 
_reflns.pdbx_d_opt                       ? 
_reflns.pdbx_number_measured_all         ? 
_reflns.pdbx_diffrn_id                   1 
_reflns.pdbx_ordinal                     1 
_reflns.pdbx_CC_half                     ? 
_reflns.pdbx_R_split                     ? 
# 
_reflns_shell.d_res_high                  . 
_reflns_shell.d_res_low                   ? 
_reflns_shell.meanI_over_sigI_all         ? 
_reflns_shell.meanI_over_sigI_obs         ? 
_reflns_shell.number_measured_all         ? 
_reflns_shell.number_measured_obs         ? 
_reflns_shell.number_possible             ? 
_reflns_shell.number_unique_all           ? 
_reflns_shell.number_unique_obs           ? 
_reflns_shell.percent_possible_all        ? 
_reflns_shell.percent_possible_obs        ? 
_reflns_shell.Rmerge_F_all                ? 
_reflns_shell.Rmerge_F_obs                ? 
_reflns_shell.Rmerge_I_all                ? 
_reflns_shell.Rmerge_I_obs                ? 
_reflns_shell.meanI_over_sigI_gt          ? 
_reflns_shell.meanI_over_uI_all           ? 
_reflns_shell.meanI_over_uI_gt            ? 
_reflns_shell.number_measured_gt          ? 
_reflns_shell.number_unique_gt            ? 
_reflns_shell.percent_possible_gt         ? 
_reflns_shell.Rmerge_F_gt                 ? 
_reflns_shell.Rmerge_I_gt                 ? 
_reflns_shell.pdbx_redundancy             ? 
_reflns_shell.pdbx_Rsym_value             ? 
_reflns_shell.pdbx_chi_squared            ? 
_reflns_shell.pdbx_netI_over_sigmaI_all   ? 
_reflns_shell.pdbx_netI_over_sigmaI_obs   ? 
_reflns_shell.pdbx_Rrim_I_all             ? 
_reflns_shell.pdbx_Rpim_I_all             ? 
_reflns_shell.pdbx_rejects                ? 
_reflns_shell.pdbx_ordinal                1 
_reflns_shell.pdbx_diffrn_id              1 
_reflns_shell.pdbx_CC_half                ? 
_reflns_shell.pdbx_R_split                ? 
# 
_refine.aniso_B[1][1]                            0.95 
_refine.aniso_B[1][2]                            0.47 
_refine.aniso_B[1][3]                            0.00 
_refine.aniso_B[2][2]                            0.95 
_refine.aniso_B[2][3]                            -0.00 
_refine.aniso_B[3][3]                            -3.08 
_refine.B_iso_max                                ? 
_refine.B_iso_mean                               53.829 
_refine.B_iso_min                                ? 
_refine.correlation_coeff_Fo_to_Fc               0.912 
_refine.correlation_coeff_Fo_to_Fc_free          0.876 
_refine.details                                  'HYDROGENS HAVE BEEN ADDED IN THE RIDING POSITIONS' 
_refine.diff_density_max                         ? 
_refine.diff_density_max_esd                     ? 
_refine.diff_density_min                         ? 
_refine.diff_density_min_esd                     ? 
_refine.diff_density_rms                         ? 
_refine.diff_density_rms_esd                     ? 
_refine.entry_id                                 5VST 
_refine.pdbx_refine_id                           'X-RAY DIFFRACTION' 
_refine.ls_abs_structure_details                 ? 
_refine.ls_abs_structure_Flack                   ? 
_refine.ls_abs_structure_Flack_esd               ? 
_refine.ls_abs_structure_Rogers                  ? 
_refine.ls_abs_structure_Rogers_esd              ? 
_refine.ls_d_res_high                            3.10 
_refine.ls_d_res_low                             16.969 
_refine.ls_extinction_coef                       ? 
_refine.ls_extinction_coef_esd                   ? 
_refine.ls_extinction_expression                 ? 
_refine.ls_extinction_method                     ? 
_refine.ls_goodness_of_fit_all                   ? 
_refine.ls_goodness_of_fit_all_esd               ? 
_refine.ls_goodness_of_fit_obs                   ? 
_refine.ls_goodness_of_fit_obs_esd               ? 
_refine.ls_hydrogen_treatment                    ? 
_refine.ls_matrix_type                           ? 
_refine.ls_number_constraints                    ? 
_refine.ls_number_parameters                     ? 
_refine.ls_number_reflns_all                     ? 
_refine.ls_number_reflns_obs                     8119 
_refine.ls_number_reflns_R_free                  438 
_refine.ls_number_reflns_R_work                  ? 
_refine.ls_number_restraints                     ? 
_refine.ls_percent_reflns_obs                    96.33 
_refine.ls_percent_reflns_R_free                 5.1 
_refine.ls_R_factor_all                          ? 
_refine.ls_R_factor_obs                          0.21467 
_refine.ls_R_factor_R_free                       0.25774 
_refine.ls_R_factor_R_free_error                 ? 
_refine.ls_R_factor_R_free_error_details         ? 
_refine.ls_R_factor_R_work                       0.21248 
_refine.ls_R_Fsqd_factor_obs                     ? 
_refine.ls_R_I_factor_obs                        ? 
_refine.ls_redundancy_reflns_all                 ? 
_refine.ls_redundancy_reflns_obs                 ? 
_refine.ls_restrained_S_all                      ? 
_refine.ls_restrained_S_obs                      ? 
_refine.ls_shift_over_esd_max                    ? 
_refine.ls_shift_over_esd_mean                   ? 
_refine.ls_structure_factor_coef                 ? 
_refine.ls_weighting_details                     ? 
_refine.ls_weighting_scheme                      ? 
_refine.ls_wR_factor_all                         ? 
_refine.ls_wR_factor_obs                         ? 
_refine.ls_wR_factor_R_free                      ? 
_refine.ls_wR_factor_R_work                      ? 
_refine.occupancy_max                            ? 
_refine.occupancy_min                            ? 
_refine.solvent_model_details                    ? 
_refine.solvent_model_param_bsol                 ? 
_refine.solvent_model_param_ksol                 ? 
_refine.ls_R_factor_gt                           ? 
_refine.ls_goodness_of_fit_gt                    ? 
_refine.ls_goodness_of_fit_ref                   ? 
_refine.ls_shift_over_su_max                     ? 
_refine.ls_shift_over_su_max_lt                  ? 
_refine.ls_shift_over_su_mean                    ? 
_refine.ls_shift_over_su_mean_lt                 ? 
_refine.pdbx_ls_sigma_I                          ? 
_refine.pdbx_ls_sigma_F                          ? 
_refine.pdbx_ls_sigma_Fsqd                       ? 
_refine.pdbx_data_cutoff_high_absF               ? 
_refine.pdbx_data_cutoff_high_rms_absF           ? 
_refine.pdbx_data_cutoff_low_absF                ? 
_refine.pdbx_isotropic_thermal_model             ? 
_refine.pdbx_ls_cross_valid_method               THROUGHOUT 
_refine.pdbx_method_to_determine_struct          'MOLECULAR REPLACEMENT' 
_refine.pdbx_starting_model                      3R4D 
_refine.pdbx_stereochemistry_target_values       ? 
_refine.pdbx_R_Free_selection_details            RANDOM 
_refine.pdbx_stereochem_target_val_spec_case     ? 
_refine.pdbx_overall_ESU_R                       0.637 
_refine.pdbx_overall_ESU_R_Free                  0.363 
_refine.pdbx_solvent_vdw_probe_radii             1.20 
_refine.pdbx_solvent_ion_probe_radii             0.80 
_refine.pdbx_solvent_shrinkage_radii             0.80 
_refine.pdbx_real_space_R                        ? 
_refine.pdbx_density_correlation                 ? 
_refine.pdbx_pd_number_of_powder_patterns        ? 
_refine.pdbx_pd_number_of_points                 ? 
_refine.pdbx_pd_meas_number_of_points            ? 
_refine.pdbx_pd_proc_ls_prof_R_factor            ? 
_refine.pdbx_pd_proc_ls_prof_wR_factor           ? 
_refine.pdbx_pd_Marquardt_correlation_coeff      ? 
_refine.pdbx_pd_Fsqrd_R_factor                   ? 
_refine.pdbx_pd_ls_matrix_band_width             ? 
_refine.pdbx_overall_phase_error                 ? 
_refine.pdbx_overall_SU_R_free_Cruickshank_DPI   ? 
_refine.pdbx_overall_SU_R_free_Blow_DPI          ? 
_refine.pdbx_overall_SU_R_Blow_DPI               ? 
_refine.pdbx_TLS_residual_ADP_flag               ? 
_refine.pdbx_diffrn_id                           1 
_refine.overall_SU_B                             15.140 
_refine.overall_SU_ML                            0.253 
_refine.overall_SU_R_Cruickshank_DPI             ? 
_refine.overall_SU_R_free                        ? 
_refine.overall_FOM_free_R_set                   ? 
_refine.overall_FOM_work_R_set                   ? 
_refine.pdbx_average_fsc_overall                 ? 
_refine.pdbx_average_fsc_work                    ? 
_refine.pdbx_average_fsc_free                    ? 
# 
_refine_hist.pdbx_refine_id                   'X-RAY DIFFRACTION' 
_refine_hist.cycle_id                         1 
_refine_hist.pdbx_number_atoms_protein        1543 
_refine_hist.pdbx_number_atoms_nucleic_acid   0 
_refine_hist.pdbx_number_atoms_ligand         28 
_refine_hist.number_atoms_solvent             10 
_refine_hist.number_atoms_total               1581 
_refine_hist.d_res_high                       3.10 
_refine_hist.d_res_low                        16.969 
# 
loop_
_refine_ls_restr.pdbx_refine_id 
_refine_ls_restr.criterion 
_refine_ls_restr.dev_ideal 
_refine_ls_restr.dev_ideal_target 
_refine_ls_restr.number 
_refine_ls_restr.rejects 
_refine_ls_restr.type 
_refine_ls_restr.weight 
_refine_ls_restr.pdbx_restraint_function 
'X-RAY DIFFRACTION' ? 0.008  0.019  1600 ? r_bond_refined_d             ? ? 
'X-RAY DIFFRACTION' ? 0.002  0.020  1455 ? r_bond_other_d               ? ? 
'X-RAY DIFFRACTION' ? 1.528  1.962  2187 ? r_angle_refined_deg          ? ? 
'X-RAY DIFFRACTION' ? 0.932  3.000  3394 ? r_angle_other_deg            ? ? 
'X-RAY DIFFRACTION' ? 6.822  5.000  198  ? r_dihedral_angle_1_deg       ? ? 
'X-RAY DIFFRACTION' ? 41.995 25.775 71   ? r_dihedral_angle_2_deg       ? ? 
'X-RAY DIFFRACTION' ? 17.380 15.000 264  ? r_dihedral_angle_3_deg       ? ? 
'X-RAY DIFFRACTION' ? 14.429 15.000 7    ? r_dihedral_angle_4_deg       ? ? 
'X-RAY DIFFRACTION' ? 0.082  0.200  272  ? r_chiral_restr               ? ? 
'X-RAY DIFFRACTION' ? 0.004  0.020  1742 ? r_gen_planes_refined         ? ? 
'X-RAY DIFFRACTION' ? 0.001  0.020  282  ? r_gen_planes_other           ? ? 
'X-RAY DIFFRACTION' ? ?      ?      ?    ? r_nbd_refined                ? ? 
'X-RAY DIFFRACTION' ? ?      ?      ?    ? r_nbd_other                  ? ? 
'X-RAY DIFFRACTION' ? ?      ?      ?    ? r_nbtor_refined              ? ? 
'X-RAY DIFFRACTION' ? ?      ?      ?    ? r_nbtor_other                ? ? 
'X-RAY DIFFRACTION' ? ?      ?      ?    ? r_xyhbond_nbd_refined        ? ? 
'X-RAY DIFFRACTION' ? ?      ?      ?    ? r_xyhbond_nbd_other          ? ? 
'X-RAY DIFFRACTION' ? ?      ?      ?    ? r_metal_ion_refined          ? ? 
'X-RAY DIFFRACTION' ? ?      ?      ?    ? r_metal_ion_other            ? ? 
'X-RAY DIFFRACTION' ? ?      ?      ?    ? r_symmetry_vdw_refined       ? ? 
'X-RAY DIFFRACTION' ? ?      ?      ?    ? r_symmetry_vdw_other         ? ? 
'X-RAY DIFFRACTION' ? ?      ?      ?    ? r_symmetry_hbond_refined     ? ? 
'X-RAY DIFFRACTION' ? ?      ?      ?    ? r_symmetry_hbond_other       ? ? 
'X-RAY DIFFRACTION' ? ?      ?      ?    ? r_symmetry_metal_ion_refined ? ? 
'X-RAY DIFFRACTION' ? ?      ?      ?    ? r_symmetry_metal_ion_other   ? ? 
'X-RAY DIFFRACTION' ? 2.224  5.418  795  ? r_mcbond_it                  ? ? 
'X-RAY DIFFRACTION' ? 2.215  5.416  794  ? r_mcbond_other               ? ? 
'X-RAY DIFFRACTION' ? 3.676  8.125  992  ? r_mcangle_it                 ? ? 
'X-RAY DIFFRACTION' ? 3.675  8.128  993  ? r_mcangle_other              ? ? 
'X-RAY DIFFRACTION' ? 2.206  5.665  805  ? r_scbond_it                  ? ? 
'X-RAY DIFFRACTION' ? 2.205  5.664  806  ? r_scbond_other               ? ? 
'X-RAY DIFFRACTION' ? ?      ?      ?    ? r_scangle_it                 ? ? 
'X-RAY DIFFRACTION' ? 3.786  8.395  1196 ? r_scangle_other              ? ? 
'X-RAY DIFFRACTION' ? 6.056  63.453 1617 ? r_long_range_B_refined       ? ? 
'X-RAY DIFFRACTION' ? 6.055  63.435 1618 ? r_long_range_B_other         ? ? 
'X-RAY DIFFRACTION' ? ?      ?      ?    ? r_rigid_bond_restr           ? ? 
'X-RAY DIFFRACTION' ? ?      ?      ?    ? r_sphericity_free            ? ? 
'X-RAY DIFFRACTION' ? ?      ?      ?    ? r_sphericity_bonded          ? ? 
# 
_refine_ls_shell.pdbx_refine_id                   'X-RAY DIFFRACTION' 
_refine_ls_shell.d_res_high                       3.098 
_refine_ls_shell.d_res_low                        3.176 
_refine_ls_shell.number_reflns_all                ? 
_refine_ls_shell.number_reflns_obs                ? 
_refine_ls_shell.number_reflns_R_free             24 
_refine_ls_shell.number_reflns_R_work             492 
_refine_ls_shell.percent_reflns_obs               82.17 
_refine_ls_shell.percent_reflns_R_free            ? 
_refine_ls_shell.R_factor_all                     ? 
_refine_ls_shell.R_factor_obs                     ? 
_refine_ls_shell.R_factor_R_free                  0.458 
_refine_ls_shell.R_factor_R_free_error            ? 
_refine_ls_shell.R_factor_R_work                  0.346 
_refine_ls_shell.redundancy_reflns_all            ? 
_refine_ls_shell.redundancy_reflns_obs            ? 
_refine_ls_shell.wR_factor_all                    ? 
_refine_ls_shell.wR_factor_obs                    ? 
_refine_ls_shell.wR_factor_R_free                 ? 
_refine_ls_shell.wR_factor_R_work                 ? 
_refine_ls_shell.pdbx_total_number_of_bins_used   20 
_refine_ls_shell.pdbx_phase_error                 ? 
_refine_ls_shell.pdbx_fsc_work                    ? 
_refine_ls_shell.pdbx_fsc_free                    ? 
# 
_struct.entry_id                     5VST 
_struct.title                        'Crystal structure of murine CEACAM1b' 
_struct.pdbx_model_details           ? 
_struct.pdbx_formula_weight          ? 
_struct.pdbx_formula_weight_method   ? 
_struct.pdbx_model_type_details      ? 
_struct.pdbx_CASP_flag               N 
# 
_struct_keywords.entry_id        5VST 
_struct_keywords.text            'coronavirus, MEMBRANE PROTEIN, CELL ADHESION' 
_struct_keywords.pdbx_keywords   'CELL ADHESION' 
# 
loop_
_struct_asym.id 
_struct_asym.pdbx_blank_PDB_chainid_flag 
_struct_asym.pdbx_modified 
_struct_asym.entity_id 
_struct_asym.details 
A N N 1 ? 
B N N 2 ? 
C N N 3 ? 
# 
_struct_ref.id                         1 
_struct_ref.db_name                    UNP 
_struct_ref.db_code                    Q61354_MOUSE 
_struct_ref.pdbx_db_accession          Q61354 
_struct_ref.pdbx_db_isoform            ? 
_struct_ref.entity_id                  1 
_struct_ref.pdbx_seq_one_letter_code   
;EVTIEAVPPQVAEDNNVLLLVHNLPLALGAFAWYKGNPVSTNAEIVHFVTGTNKTTTGPAHSGRETVYSNGSLLIQRVTV
KDTGVYTIEMTDENFRRTEATVQFHVHQPVTQPSLQVTNTTVKELDSVTLTCLSNDIGANIQWLFNSQSLQLTERMTLSQ
NNSILRIDPIKREDAGEYQCEISNPVSVKRSNSIKLDIIFDP
;
_struct_ref.pdbx_align_begin           35 
# 
_struct_ref_seq.align_id                      1 
_struct_ref_seq.ref_id                        1 
_struct_ref_seq.pdbx_PDB_id_code              5VST 
_struct_ref_seq.pdbx_strand_id                A 
_struct_ref_seq.seq_align_beg                 1 
_struct_ref_seq.pdbx_seq_align_beg_ins_code   ? 
_struct_ref_seq.seq_align_end                 202 
_struct_ref_seq.pdbx_seq_align_end_ins_code   ? 
_struct_ref_seq.pdbx_db_accession             Q61354 
_struct_ref_seq.db_align_beg                  35 
_struct_ref_seq.pdbx_db_align_beg_ins_code    ? 
_struct_ref_seq.db_align_end                  236 
_struct_ref_seq.pdbx_db_align_end_ins_code    ? 
_struct_ref_seq.pdbx_auth_seq_align_beg       1 
_struct_ref_seq.pdbx_auth_seq_align_end       202 
# 
loop_
_struct_ref_seq_dif.align_id 
_struct_ref_seq_dif.pdbx_pdb_id_code 
_struct_ref_seq_dif.mon_id 
_struct_ref_seq_dif.pdbx_pdb_strand_id 
_struct_ref_seq_dif.seq_num 
_struct_ref_seq_dif.pdbx_pdb_ins_code 
_struct_ref_seq_dif.pdbx_seq_db_name 
_struct_ref_seq_dif.pdbx_seq_db_accession_code 
_struct_ref_seq_dif.db_mon_id 
_struct_ref_seq_dif.pdbx_seq_db_seq_num 
_struct_ref_seq_dif.details 
_struct_ref_seq_dif.pdbx_auth_seq_num 
_struct_ref_seq_dif.pdbx_ordinal 
1 5VST HIS A 203 ? UNP Q61354 ? ? 'expression tag' 203 1 
1 5VST HIS A 204 ? UNP Q61354 ? ? 'expression tag' 204 2 
1 5VST HIS A 205 ? UNP Q61354 ? ? 'expression tag' 205 3 
1 5VST HIS A 206 ? UNP Q61354 ? ? 'expression tag' 206 4 
1 5VST HIS A 207 ? UNP Q61354 ? ? 'expression tag' 207 5 
1 5VST HIS A 208 ? UNP Q61354 ? ? 'expression tag' 208 6 
# 
_pdbx_struct_assembly.id                   1 
_pdbx_struct_assembly.details              author_and_software_defined_assembly 
_pdbx_struct_assembly.method_details       PISA 
_pdbx_struct_assembly.oligomeric_details   monomeric 
_pdbx_struct_assembly.oligomeric_count     1 
# 
loop_
_pdbx_struct_assembly_prop.biol_id 
_pdbx_struct_assembly_prop.type 
_pdbx_struct_assembly_prop.value 
_pdbx_struct_assembly_prop.details 
1 'ABSA (A^2)' 620   ? 
1 MORE         6     ? 
1 'SSA (A^2)'  11260 ? 
# 
_pdbx_struct_assembly_gen.assembly_id       1 
_pdbx_struct_assembly_gen.oper_expression   1 
_pdbx_struct_assembly_gen.asym_id_list      A,B,C 
# 
_pdbx_struct_assembly_auth_evidence.id                     1 
_pdbx_struct_assembly_auth_evidence.assembly_id            1 
_pdbx_struct_assembly_auth_evidence.experimental_support   none 
_pdbx_struct_assembly_auth_evidence.details                ? 
# 
_pdbx_struct_oper_list.id                   1 
_pdbx_struct_oper_list.type                 'identity operation' 
_pdbx_struct_oper_list.name                 1_555 
_pdbx_struct_oper_list.symmetry_operation   x,y,z 
_pdbx_struct_oper_list.matrix[1][1]         1.0000000000 
_pdbx_struct_oper_list.matrix[1][2]         0.0000000000 
_pdbx_struct_oper_list.matrix[1][3]         0.0000000000 
_pdbx_struct_oper_list.vector[1]            0.0000000000 
_pdbx_struct_oper_list.matrix[2][1]         0.0000000000 
_pdbx_struct_oper_list.matrix[2][2]         1.0000000000 
_pdbx_struct_oper_list.matrix[2][3]         0.0000000000 
_pdbx_struct_oper_list.vector[2]            0.0000000000 
_pdbx_struct_oper_list.matrix[3][1]         0.0000000000 
_pdbx_struct_oper_list.matrix[3][2]         0.0000000000 
_pdbx_struct_oper_list.matrix[3][3]         1.0000000000 
_pdbx_struct_oper_list.vector[3]            0.0000000000 
# 
loop_
_struct_conf.conf_type_id 
_struct_conf.id 
_struct_conf.pdbx_PDB_helix_id 
_struct_conf.beg_label_comp_id 
_struct_conf.beg_label_asym_id 
_struct_conf.beg_label_seq_id 
_struct_conf.pdbx_beg_PDB_ins_code 
_struct_conf.end_label_comp_id 
_struct_conf.end_label_asym_id 
_struct_conf.end_label_seq_id 
_struct_conf.pdbx_end_PDB_ins_code 
_struct_conf.beg_auth_comp_id 
_struct_conf.beg_auth_asym_id 
_struct_conf.beg_auth_seq_id 
_struct_conf.end_auth_comp_id 
_struct_conf.end_auth_asym_id 
_struct_conf.end_auth_seq_id 
_struct_conf.pdbx_PDB_helix_class 
_struct_conf.details 
_struct_conf.pdbx_PDB_helix_length 
HELX_P HELX_P1 AA1 THR A 79  ? THR A 83  ? THR A 79  THR A 83  5 ? 5 
HELX_P HELX_P2 AA2 LYS A 171 ? ALA A 175 ? LYS A 171 ALA A 175 5 ? 5 
# 
_struct_conf_type.id          HELX_P 
_struct_conf_type.criteria    ? 
_struct_conf_type.reference   ? 
# 
loop_
_struct_conn.id 
_struct_conn.conn_type_id 
_struct_conn.pdbx_leaving_atom_flag 
_struct_conn.pdbx_PDB_id 
_struct_conn.ptnr1_label_asym_id 
_struct_conn.ptnr1_label_comp_id 
_struct_conn.ptnr1_label_seq_id 
_struct_conn.ptnr1_label_atom_id 
_struct_conn.pdbx_ptnr1_label_alt_id 
_struct_conn.pdbx_ptnr1_PDB_ins_code 
_struct_conn.pdbx_ptnr1_standard_comp_id 
_struct_conn.ptnr1_symmetry 
_struct_conn.ptnr2_label_asym_id 
_struct_conn.ptnr2_label_comp_id 
_struct_conn.ptnr2_label_seq_id 
_struct_conn.ptnr2_label_atom_id 
_struct_conn.pdbx_ptnr2_label_alt_id 
_struct_conn.pdbx_ptnr2_PDB_ins_code 
_struct_conn.ptnr1_auth_asym_id 
_struct_conn.ptnr1_auth_comp_id 
_struct_conn.ptnr1_auth_seq_id 
_struct_conn.ptnr2_auth_asym_id 
_struct_conn.ptnr2_auth_comp_id 
_struct_conn.ptnr2_auth_seq_id 
_struct_conn.ptnr2_symmetry 
_struct_conn.pdbx_ptnr3_label_atom_id 
_struct_conn.pdbx_ptnr3_label_seq_id 
_struct_conn.pdbx_ptnr3_label_comp_id 
_struct_conn.pdbx_ptnr3_label_asym_id 
_struct_conn.pdbx_ptnr3_label_alt_id 
_struct_conn.pdbx_ptnr3_PDB_ins_code 
_struct_conn.details 
_struct_conn.pdbx_dist_value 
_struct_conn.pdbx_value_order 
_struct_conn.pdbx_role 
disulf1 disulf ?    ? A CYS 132 SG  ? ? ? 1_555 A CYS 180 SG ? ? A CYS 132 A CYS 180 1_555 ? ? ? ? ? ? ? 2.068 ? ?               
covale1 covale one  ? A ASN 70  ND2 ? ? ? 1_555 B NAG .   C1 ? ? A ASN 70  B NAG 1   1_555 ? ? ? ? ? ? ? 1.449 ? N-Glycosylation 
covale2 covale both ? B NAG .   O4  ? ? ? 1_555 B NAG .   C1 ? ? B NAG 1   B NAG 2   1_555 ? ? ? ? ? ? ? 1.452 ? ?               
# 
loop_
_struct_conn_type.id 
_struct_conn_type.criteria 
_struct_conn_type.reference 
disulf ? ? 
covale ? ? 
# 
loop_
_pdbx_modification_feature.ordinal 
_pdbx_modification_feature.label_comp_id 
_pdbx_modification_feature.label_asym_id 
_pdbx_modification_feature.label_seq_id 
_pdbx_modification_feature.label_alt_id 
_pdbx_modification_feature.modified_residue_label_comp_id 
_pdbx_modification_feature.modified_residue_label_asym_id 
_pdbx_modification_feature.modified_residue_label_seq_id 
_pdbx_modification_feature.modified_residue_label_alt_id 
_pdbx_modification_feature.auth_comp_id 
_pdbx_modification_feature.auth_asym_id 
_pdbx_modification_feature.auth_seq_id 
_pdbx_modification_feature.PDB_ins_code 
_pdbx_modification_feature.symmetry 
_pdbx_modification_feature.modified_residue_auth_comp_id 
_pdbx_modification_feature.modified_residue_auth_asym_id 
_pdbx_modification_feature.modified_residue_auth_seq_id 
_pdbx_modification_feature.modified_residue_PDB_ins_code 
_pdbx_modification_feature.modified_residue_symmetry 
_pdbx_modification_feature.comp_id_linking_atom 
_pdbx_modification_feature.modified_residue_id_linking_atom 
_pdbx_modification_feature.modified_residue_id 
_pdbx_modification_feature.ref_pcm_id 
_pdbx_modification_feature.ref_comp_id 
_pdbx_modification_feature.type 
_pdbx_modification_feature.category 
1 NAG B .   ? ASN A 70  ? NAG B 1   ? 1_555 ASN A 70  ? 1_555 C1 ND2 ASN 1 NAG N-Glycosylation Carbohydrate       
2 CYS A 132 ? CYS A 180 ? CYS A 132 ? 1_555 CYS A 180 ? 1_555 SG SG  .   . .   None            'Disulfide bridge' 
# 
loop_
_struct_mon_prot_cis.pdbx_id 
_struct_mon_prot_cis.label_comp_id 
_struct_mon_prot_cis.label_seq_id 
_struct_mon_prot_cis.label_asym_id 
_struct_mon_prot_cis.label_alt_id 
_struct_mon_prot_cis.pdbx_PDB_ins_code 
_struct_mon_prot_cis.auth_comp_id 
_struct_mon_prot_cis.auth_seq_id 
_struct_mon_prot_cis.auth_asym_id 
_struct_mon_prot_cis.pdbx_label_comp_id_2 
_struct_mon_prot_cis.pdbx_label_seq_id_2 
_struct_mon_prot_cis.pdbx_label_asym_id_2 
_struct_mon_prot_cis.pdbx_PDB_ins_code_2 
_struct_mon_prot_cis.pdbx_auth_comp_id_2 
_struct_mon_prot_cis.pdbx_auth_seq_id_2 
_struct_mon_prot_cis.pdbx_auth_asym_id_2 
_struct_mon_prot_cis.pdbx_PDB_model_num 
_struct_mon_prot_cis.pdbx_omega_angle 
1 VAL 7   A . ? VAL 7   A PRO 8   A ? PRO 8   A 1 -2.03 
2 ASN 37  A . ? ASN 37  A PRO 38  A ? PRO 38  A 1 -2.45 
3 ASP 168 A . ? ASP 168 A PRO 169 A ? PRO 169 A 1 -2.61 
# 
loop_
_struct_sheet.id 
_struct_sheet.type 
_struct_sheet.number_strands 
_struct_sheet.details 
AA1 ? 4 ? 
AA2 ? 6 ? 
AA3 ? 4 ? 
AA4 ? 5 ? 
AA5 ? 4 ? 
# 
loop_
_struct_sheet_order.sheet_id 
_struct_sheet_order.range_id_1 
_struct_sheet_order.range_id_2 
_struct_sheet_order.offset 
_struct_sheet_order.sense 
AA1 1 2 ? anti-parallel 
AA1 2 3 ? anti-parallel 
AA1 3 4 ? anti-parallel 
AA2 1 2 ? parallel      
AA2 2 3 ? anti-parallel 
AA2 3 4 ? anti-parallel 
AA2 4 5 ? anti-parallel 
AA2 5 6 ? anti-parallel 
AA3 1 2 ? anti-parallel 
AA3 2 3 ? anti-parallel 
AA3 3 4 ? anti-parallel 
AA4 1 2 ? parallel      
AA4 2 3 ? anti-parallel 
AA4 3 4 ? anti-parallel 
AA4 4 5 ? anti-parallel 
AA5 1 2 ? parallel      
AA5 2 3 ? anti-parallel 
AA5 3 4 ? anti-parallel 
# 
loop_
_struct_sheet_range.sheet_id 
_struct_sheet_range.id 
_struct_sheet_range.beg_label_comp_id 
_struct_sheet_range.beg_label_asym_id 
_struct_sheet_range.beg_label_seq_id 
_struct_sheet_range.pdbx_beg_PDB_ins_code 
_struct_sheet_range.end_label_comp_id 
_struct_sheet_range.end_label_asym_id 
_struct_sheet_range.end_label_seq_id 
_struct_sheet_range.pdbx_end_PDB_ins_code 
_struct_sheet_range.beg_auth_comp_id 
_struct_sheet_range.beg_auth_asym_id 
_struct_sheet_range.beg_auth_seq_id 
_struct_sheet_range.end_auth_comp_id 
_struct_sheet_range.end_auth_asym_id 
_struct_sheet_range.end_auth_seq_id 
AA1 1 THR A 3   ? VAL A 7   ? THR A 3   VAL A 7   
AA1 2 VAL A 17  ? HIS A 22  ? VAL A 17  HIS A 22  
AA1 3 LEU A 73  ? ILE A 75  ? LEU A 73  ILE A 75  
AA1 4 GLU A 65  ? VAL A 67  ? GLU A 65  VAL A 67  
AA2 1 GLN A 10  ? ALA A 12  ? GLN A 10  ALA A 12  
AA2 2 ARG A 97  ? HIS A 107 ? ARG A 97  HIS A 107 
AA2 3 GLY A 84  ? ASP A 92  ? GLY A 84  ASP A 92  
AA2 4 LEU A 28  ? LYS A 35  ? LEU A 28  LYS A 35  
AA2 5 GLU A 44  ? VAL A 49  ? GLU A 44  VAL A 49  
AA2 6 LYS A 54  ? THR A 57  ? LYS A 54  THR A 57  
AA3 1 SER A 114 ? VAL A 117 ? SER A 114 VAL A 117 
AA3 2 VAL A 128 ? LEU A 133 ? VAL A 128 LEU A 133 
AA3 3 ILE A 164 ? ILE A 167 ? ILE A 164 ILE A 167 
AA3 4 MET A 156 ? SER A 159 ? MET A 156 SER A 159 
AA4 1 THR A 121 ? VAL A 122 ? THR A 121 VAL A 122 
AA4 2 ILE A 194 ? ILE A 198 ? ILE A 194 ILE A 198 
AA4 3 GLY A 176 ? ASN A 184 ? GLY A 176 ASN A 184 
AA4 4 ASN A 140 ? PHE A 145 ? ASN A 140 PHE A 145 
AA4 5 GLN A 148 ? SER A 149 ? GLN A 148 SER A 149 
AA5 1 THR A 121 ? VAL A 122 ? THR A 121 VAL A 122 
AA5 2 ILE A 194 ? ILE A 198 ? ILE A 194 ILE A 198 
AA5 3 GLY A 176 ? ASN A 184 ? GLY A 176 ASN A 184 
AA5 4 SER A 187 ? ARG A 190 ? SER A 187 ARG A 190 
# 
loop_
_pdbx_struct_sheet_hbond.sheet_id 
_pdbx_struct_sheet_hbond.range_id_1 
_pdbx_struct_sheet_hbond.range_id_2 
_pdbx_struct_sheet_hbond.range_1_label_atom_id 
_pdbx_struct_sheet_hbond.range_1_label_comp_id 
_pdbx_struct_sheet_hbond.range_1_label_asym_id 
_pdbx_struct_sheet_hbond.range_1_label_seq_id 
_pdbx_struct_sheet_hbond.range_1_PDB_ins_code 
_pdbx_struct_sheet_hbond.range_1_auth_atom_id 
_pdbx_struct_sheet_hbond.range_1_auth_comp_id 
_pdbx_struct_sheet_hbond.range_1_auth_asym_id 
_pdbx_struct_sheet_hbond.range_1_auth_seq_id 
_pdbx_struct_sheet_hbond.range_2_label_atom_id 
_pdbx_struct_sheet_hbond.range_2_label_comp_id 
_pdbx_struct_sheet_hbond.range_2_label_asym_id 
_pdbx_struct_sheet_hbond.range_2_label_seq_id 
_pdbx_struct_sheet_hbond.range_2_PDB_ins_code 
_pdbx_struct_sheet_hbond.range_2_auth_atom_id 
_pdbx_struct_sheet_hbond.range_2_auth_comp_id 
_pdbx_struct_sheet_hbond.range_2_auth_asym_id 
_pdbx_struct_sheet_hbond.range_2_auth_seq_id 
AA1 1 2 N THR A 3   ? N THR A 3   O HIS A 22  ? O HIS A 22  
AA1 2 3 N LEU A 19  ? N LEU A 19  O LEU A 73  ? O LEU A 73  
AA1 3 4 O LEU A 74  ? O LEU A 74  N THR A 66  ? N THR A 66  
AA2 1 2 N VAL A 11  ? N VAL A 11  O HIS A 105 ? O HIS A 105 
AA2 2 3 O VAL A 102 ? O VAL A 102 N TYR A 86  ? N TYR A 86  
AA2 3 4 O THR A 87  ? O THR A 87  N TYR A 34  ? N TYR A 34  
AA2 4 5 N TRP A 33  ? N TRP A 33  O ILE A 45  ? O ILE A 45  
AA2 5 6 N VAL A 49  ? N VAL A 49  O LYS A 54  ? O LYS A 54  
AA3 1 2 N SER A 114 ? N SER A 114 O LEU A 133 ? O LEU A 133 
AA3 2 3 N LEU A 130 ? N LEU A 130 O LEU A 165 ? O LEU A 165 
AA3 3 4 O ILE A 164 ? O ILE A 164 N SER A 159 ? N SER A 159 
AA4 1 2 N VAL A 122 ? N VAL A 122 O ASP A 197 ? O ASP A 197 
AA4 2 3 O ILE A 194 ? O ILE A 194 N TYR A 178 ? N TYR A 178 
AA4 3 4 O GLU A 181 ? O GLU A 181 N GLN A 142 ? N GLN A 142 
AA4 4 5 N PHE A 145 ? N PHE A 145 O GLN A 148 ? O GLN A 148 
AA5 1 2 N VAL A 122 ? N VAL A 122 O ASP A 197 ? O ASP A 197 
AA5 2 3 O ILE A 194 ? O ILE A 194 N TYR A 178 ? N TYR A 178 
AA5 3 4 N ILE A 182 ? N ILE A 182 O LYS A 189 ? O LYS A 189 
# 
_pdbx_entry_details.entry_id                   5VST 
_pdbx_entry_details.compound_details           ? 
_pdbx_entry_details.source_details             ? 
_pdbx_entry_details.nonpolymer_details         ? 
_pdbx_entry_details.sequence_details           ? 
_pdbx_entry_details.has_ligand_of_interest     ? 
_pdbx_entry_details.has_protein_modification   Y 
# 
loop_
_pdbx_validate_torsion.id 
_pdbx_validate_torsion.PDB_model_num 
_pdbx_validate_torsion.auth_comp_id 
_pdbx_validate_torsion.auth_asym_id 
_pdbx_validate_torsion.auth_seq_id 
_pdbx_validate_torsion.PDB_ins_code 
_pdbx_validate_torsion.label_alt_id 
_pdbx_validate_torsion.phi 
_pdbx_validate_torsion.psi 
1 1 ASP A 14  ? ? 67.34   -1.61   
2 1 ALA A 27  ? ? -106.75 44.57   
3 1 ASN A 94  ? ? -68.67  -144.40 
4 1 LEU A 125 ? ? 81.86   -4.66   
5 1 GLN A 160 ? ? 39.13   68.78   
6 1 ASP A 168 ? ? -171.16 117.07  
7 1 PRO A 185 ? ? -56.52  -5.41   
# 
loop_
_pdbx_unobs_or_zero_occ_residues.id 
_pdbx_unobs_or_zero_occ_residues.PDB_model_num 
_pdbx_unobs_or_zero_occ_residues.polymer_flag 
_pdbx_unobs_or_zero_occ_residues.occupancy_flag 
_pdbx_unobs_or_zero_occ_residues.auth_asym_id 
_pdbx_unobs_or_zero_occ_residues.auth_comp_id 
_pdbx_unobs_or_zero_occ_residues.auth_seq_id 
_pdbx_unobs_or_zero_occ_residues.PDB_ins_code 
_pdbx_unobs_or_zero_occ_residues.label_asym_id 
_pdbx_unobs_or_zero_occ_residues.label_comp_id 
_pdbx_unobs_or_zero_occ_residues.label_seq_id 
1 1 Y 1 A PHE 200 ? A PHE 200 
2 1 Y 1 A ASP 201 ? A ASP 201 
3 1 Y 1 A PRO 202 ? A PRO 202 
4 1 Y 1 A HIS 203 ? A HIS 203 
5 1 Y 1 A HIS 204 ? A HIS 204 
6 1 Y 1 A HIS 205 ? A HIS 205 
7 1 Y 1 A HIS 206 ? A HIS 206 
8 1 Y 1 A HIS 207 ? A HIS 207 
9 1 Y 1 A HIS 208 ? A HIS 208 
# 
loop_
_chem_comp_atom.comp_id 
_chem_comp_atom.atom_id 
_chem_comp_atom.type_symbol 
_chem_comp_atom.pdbx_aromatic_flag 
_chem_comp_atom.pdbx_stereo_config 
_chem_comp_atom.pdbx_ordinal 
ALA N    N N N 1   
ALA CA   C N S 2   
ALA C    C N N 3   
ALA O    O N N 4   
ALA CB   C N N 5   
ALA OXT  O N N 6   
ALA H    H N N 7   
ALA H2   H N N 8   
ALA HA   H N N 9   
ALA HB1  H N N 10  
ALA HB2  H N N 11  
ALA HB3  H N N 12  
ALA HXT  H N N 13  
ARG N    N N N 14  
ARG CA   C N S 15  
ARG C    C N N 16  
ARG O    O N N 17  
ARG CB   C N N 18  
ARG CG   C N N 19  
ARG CD   C N N 20  
ARG NE   N N N 21  
ARG CZ   C N N 22  
ARG NH1  N N N 23  
ARG NH2  N N N 24  
ARG OXT  O N N 25  
ARG H    H N N 26  
ARG H2   H N N 27  
ARG HA   H N N 28  
ARG HB2  H N N 29  
ARG HB3  H N N 30  
ARG HG2  H N N 31  
ARG HG3  H N N 32  
ARG HD2  H N N 33  
ARG HD3  H N N 34  
ARG HE   H N N 35  
ARG HH11 H N N 36  
ARG HH12 H N N 37  
ARG HH21 H N N 38  
ARG HH22 H N N 39  
ARG HXT  H N N 40  
ASN N    N N N 41  
ASN CA   C N S 42  
ASN C    C N N 43  
ASN O    O N N 44  
ASN CB   C N N 45  
ASN CG   C N N 46  
ASN OD1  O N N 47  
ASN ND2  N N N 48  
ASN OXT  O N N 49  
ASN H    H N N 50  
ASN H2   H N N 51  
ASN HA   H N N 52  
ASN HB2  H N N 53  
ASN HB3  H N N 54  
ASN HD21 H N N 55  
ASN HD22 H N N 56  
ASN HXT  H N N 57  
ASP N    N N N 58  
ASP CA   C N S 59  
ASP C    C N N 60  
ASP O    O N N 61  
ASP CB   C N N 62  
ASP CG   C N N 63  
ASP OD1  O N N 64  
ASP OD2  O N N 65  
ASP OXT  O N N 66  
ASP H    H N N 67  
ASP H2   H N N 68  
ASP HA   H N N 69  
ASP HB2  H N N 70  
ASP HB3  H N N 71  
ASP HD2  H N N 72  
ASP HXT  H N N 73  
CYS N    N N N 74  
CYS CA   C N R 75  
CYS C    C N N 76  
CYS O    O N N 77  
CYS CB   C N N 78  
CYS SG   S N N 79  
CYS OXT  O N N 80  
CYS H    H N N 81  
CYS H2   H N N 82  
CYS HA   H N N 83  
CYS HB2  H N N 84  
CYS HB3  H N N 85  
CYS HG   H N N 86  
CYS HXT  H N N 87  
GLN N    N N N 88  
GLN CA   C N S 89  
GLN C    C N N 90  
GLN O    O N N 91  
GLN CB   C N N 92  
GLN CG   C N N 93  
GLN CD   C N N 94  
GLN OE1  O N N 95  
GLN NE2  N N N 96  
GLN OXT  O N N 97  
GLN H    H N N 98  
GLN H2   H N N 99  
GLN HA   H N N 100 
GLN HB2  H N N 101 
GLN HB3  H N N 102 
GLN HG2  H N N 103 
GLN HG3  H N N 104 
GLN HE21 H N N 105 
GLN HE22 H N N 106 
GLN HXT  H N N 107 
GLU N    N N N 108 
GLU CA   C N S 109 
GLU C    C N N 110 
GLU O    O N N 111 
GLU CB   C N N 112 
GLU CG   C N N 113 
GLU CD   C N N 114 
GLU OE1  O N N 115 
GLU OE2  O N N 116 
GLU OXT  O N N 117 
GLU H    H N N 118 
GLU H2   H N N 119 
GLU HA   H N N 120 
GLU HB2  H N N 121 
GLU HB3  H N N 122 
GLU HG2  H N N 123 
GLU HG3  H N N 124 
GLU HE2  H N N 125 
GLU HXT  H N N 126 
GLY N    N N N 127 
GLY CA   C N N 128 
GLY C    C N N 129 
GLY O    O N N 130 
GLY OXT  O N N 131 
GLY H    H N N 132 
GLY H2   H N N 133 
GLY HA2  H N N 134 
GLY HA3  H N N 135 
GLY HXT  H N N 136 
HIS N    N N N 137 
HIS CA   C N S 138 
HIS C    C N N 139 
HIS O    O N N 140 
HIS CB   C N N 141 
HIS CG   C Y N 142 
HIS ND1  N Y N 143 
HIS CD2  C Y N 144 
HIS CE1  C Y N 145 
HIS NE2  N Y N 146 
HIS OXT  O N N 147 
HIS H    H N N 148 
HIS H2   H N N 149 
HIS HA   H N N 150 
HIS HB2  H N N 151 
HIS HB3  H N N 152 
HIS HD1  H N N 153 
HIS HD2  H N N 154 
HIS HE1  H N N 155 
HIS HE2  H N N 156 
HIS HXT  H N N 157 
HOH O    O N N 158 
HOH H1   H N N 159 
HOH H2   H N N 160 
ILE N    N N N 161 
ILE CA   C N S 162 
ILE C    C N N 163 
ILE O    O N N 164 
ILE CB   C N S 165 
ILE CG1  C N N 166 
ILE CG2  C N N 167 
ILE CD1  C N N 168 
ILE OXT  O N N 169 
ILE H    H N N 170 
ILE H2   H N N 171 
ILE HA   H N N 172 
ILE HB   H N N 173 
ILE HG12 H N N 174 
ILE HG13 H N N 175 
ILE HG21 H N N 176 
ILE HG22 H N N 177 
ILE HG23 H N N 178 
ILE HD11 H N N 179 
ILE HD12 H N N 180 
ILE HD13 H N N 181 
ILE HXT  H N N 182 
LEU N    N N N 183 
LEU CA   C N S 184 
LEU C    C N N 185 
LEU O    O N N 186 
LEU CB   C N N 187 
LEU CG   C N N 188 
LEU CD1  C N N 189 
LEU CD2  C N N 190 
LEU OXT  O N N 191 
LEU H    H N N 192 
LEU H2   H N N 193 
LEU HA   H N N 194 
LEU HB2  H N N 195 
LEU HB3  H N N 196 
LEU HG   H N N 197 
LEU HD11 H N N 198 
LEU HD12 H N N 199 
LEU HD13 H N N 200 
LEU HD21 H N N 201 
LEU HD22 H N N 202 
LEU HD23 H N N 203 
LEU HXT  H N N 204 
LYS N    N N N 205 
LYS CA   C N S 206 
LYS C    C N N 207 
LYS O    O N N 208 
LYS CB   C N N 209 
LYS CG   C N N 210 
LYS CD   C N N 211 
LYS CE   C N N 212 
LYS NZ   N N N 213 
LYS OXT  O N N 214 
LYS H    H N N 215 
LYS H2   H N N 216 
LYS HA   H N N 217 
LYS HB2  H N N 218 
LYS HB3  H N N 219 
LYS HG2  H N N 220 
LYS HG3  H N N 221 
LYS HD2  H N N 222 
LYS HD3  H N N 223 
LYS HE2  H N N 224 
LYS HE3  H N N 225 
LYS HZ1  H N N 226 
LYS HZ2  H N N 227 
LYS HZ3  H N N 228 
LYS HXT  H N N 229 
MET N    N N N 230 
MET CA   C N S 231 
MET C    C N N 232 
MET O    O N N 233 
MET CB   C N N 234 
MET CG   C N N 235 
MET SD   S N N 236 
MET CE   C N N 237 
MET OXT  O N N 238 
MET H    H N N 239 
MET H2   H N N 240 
MET HA   H N N 241 
MET HB2  H N N 242 
MET HB3  H N N 243 
MET HG2  H N N 244 
MET HG3  H N N 245 
MET HE1  H N N 246 
MET HE2  H N N 247 
MET HE3  H N N 248 
MET HXT  H N N 249 
NAG C1   C N R 250 
NAG C2   C N R 251 
NAG C3   C N R 252 
NAG C4   C N S 253 
NAG C5   C N R 254 
NAG C6   C N N 255 
NAG C7   C N N 256 
NAG C8   C N N 257 
NAG N2   N N N 258 
NAG O1   O N N 259 
NAG O3   O N N 260 
NAG O4   O N N 261 
NAG O5   O N N 262 
NAG O6   O N N 263 
NAG O7   O N N 264 
NAG H1   H N N 265 
NAG H2   H N N 266 
NAG H3   H N N 267 
NAG H4   H N N 268 
NAG H5   H N N 269 
NAG H61  H N N 270 
NAG H62  H N N 271 
NAG H81  H N N 272 
NAG H82  H N N 273 
NAG H83  H N N 274 
NAG HN2  H N N 275 
NAG HO1  H N N 276 
NAG HO3  H N N 277 
NAG HO4  H N N 278 
NAG HO6  H N N 279 
PHE N    N N N 280 
PHE CA   C N S 281 
PHE C    C N N 282 
PHE O    O N N 283 
PHE CB   C N N 284 
PHE CG   C Y N 285 
PHE CD1  C Y N 286 
PHE CD2  C Y N 287 
PHE CE1  C Y N 288 
PHE CE2  C Y N 289 
PHE CZ   C Y N 290 
PHE OXT  O N N 291 
PHE H    H N N 292 
PHE H2   H N N 293 
PHE HA   H N N 294 
PHE HB2  H N N 295 
PHE HB3  H N N 296 
PHE HD1  H N N 297 
PHE HD2  H N N 298 
PHE HE1  H N N 299 
PHE HE2  H N N 300 
PHE HZ   H N N 301 
PHE HXT  H N N 302 
PRO N    N N N 303 
PRO CA   C N S 304 
PRO C    C N N 305 
PRO O    O N N 306 
PRO CB   C N N 307 
PRO CG   C N N 308 
PRO CD   C N N 309 
PRO OXT  O N N 310 
PRO H    H N N 311 
PRO HA   H N N 312 
PRO HB2  H N N 313 
PRO HB3  H N N 314 
PRO HG2  H N N 315 
PRO HG3  H N N 316 
PRO HD2  H N N 317 
PRO HD3  H N N 318 
PRO HXT  H N N 319 
SER N    N N N 320 
SER CA   C N S 321 
SER C    C N N 322 
SER O    O N N 323 
SER CB   C N N 324 
SER OG   O N N 325 
SER OXT  O N N 326 
SER H    H N N 327 
SER H2   H N N 328 
SER HA   H N N 329 
SER HB2  H N N 330 
SER HB3  H N N 331 
SER HG   H N N 332 
SER HXT  H N N 333 
THR N    N N N 334 
THR CA   C N S 335 
THR C    C N N 336 
THR O    O N N 337 
THR CB   C N R 338 
THR OG1  O N N 339 
THR CG2  C N N 340 
THR OXT  O N N 341 
THR H    H N N 342 
THR H2   H N N 343 
THR HA   H N N 344 
THR HB   H N N 345 
THR HG1  H N N 346 
THR HG21 H N N 347 
THR HG22 H N N 348 
THR HG23 H N N 349 
THR HXT  H N N 350 
TRP N    N N N 351 
TRP CA   C N S 352 
TRP C    C N N 353 
TRP O    O N N 354 
TRP CB   C N N 355 
TRP CG   C Y N 356 
TRP CD1  C Y N 357 
TRP CD2  C Y N 358 
TRP NE1  N Y N 359 
TRP CE2  C Y N 360 
TRP CE3  C Y N 361 
TRP CZ2  C Y N 362 
TRP CZ3  C Y N 363 
TRP CH2  C Y N 364 
TRP OXT  O N N 365 
TRP H    H N N 366 
TRP H2   H N N 367 
TRP HA   H N N 368 
TRP HB2  H N N 369 
TRP HB3  H N N 370 
TRP HD1  H N N 371 
TRP HE1  H N N 372 
TRP HE3  H N N 373 
TRP HZ2  H N N 374 
TRP HZ3  H N N 375 
TRP HH2  H N N 376 
TRP HXT  H N N 377 
TYR N    N N N 378 
TYR CA   C N S 379 
TYR C    C N N 380 
TYR O    O N N 381 
TYR CB   C N N 382 
TYR CG   C Y N 383 
TYR CD1  C Y N 384 
TYR CD2  C Y N 385 
TYR CE1  C Y N 386 
TYR CE2  C Y N 387 
TYR CZ   C Y N 388 
TYR OH   O N N 389 
TYR OXT  O N N 390 
TYR H    H N N 391 
TYR H2   H N N 392 
TYR HA   H N N 393 
TYR HB2  H N N 394 
TYR HB3  H N N 395 
TYR HD1  H N N 396 
TYR HD2  H N N 397 
TYR HE1  H N N 398 
TYR HE2  H N N 399 
TYR HH   H N N 400 
TYR HXT  H N N 401 
VAL N    N N N 402 
VAL CA   C N S 403 
VAL C    C N N 404 
VAL O    O N N 405 
VAL CB   C N N 406 
VAL CG1  C N N 407 
VAL CG2  C N N 408 
VAL OXT  O N N 409 
VAL H    H N N 410 
VAL H2   H N N 411 
VAL HA   H N N 412 
VAL HB   H N N 413 
VAL HG11 H N N 414 
VAL HG12 H N N 415 
VAL HG13 H N N 416 
VAL HG21 H N N 417 
VAL HG22 H N N 418 
VAL HG23 H N N 419 
VAL HXT  H N N 420 
# 
loop_
_chem_comp_bond.comp_id 
_chem_comp_bond.atom_id_1 
_chem_comp_bond.atom_id_2 
_chem_comp_bond.value_order 
_chem_comp_bond.pdbx_aromatic_flag 
_chem_comp_bond.pdbx_stereo_config 
_chem_comp_bond.pdbx_ordinal 
ALA N   CA   sing N N 1   
ALA N   H    sing N N 2   
ALA N   H2   sing N N 3   
ALA CA  C    sing N N 4   
ALA CA  CB   sing N N 5   
ALA CA  HA   sing N N 6   
ALA C   O    doub N N 7   
ALA C   OXT  sing N N 8   
ALA CB  HB1  sing N N 9   
ALA CB  HB2  sing N N 10  
ALA CB  HB3  sing N N 11  
ALA OXT HXT  sing N N 12  
ARG N   CA   sing N N 13  
ARG N   H    sing N N 14  
ARG N   H2   sing N N 15  
ARG CA  C    sing N N 16  
ARG CA  CB   sing N N 17  
ARG CA  HA   sing N N 18  
ARG C   O    doub N N 19  
ARG C   OXT  sing N N 20  
ARG CB  CG   sing N N 21  
ARG CB  HB2  sing N N 22  
ARG CB  HB3  sing N N 23  
ARG CG  CD   sing N N 24  
ARG CG  HG2  sing N N 25  
ARG CG  HG3  sing N N 26  
ARG CD  NE   sing N N 27  
ARG CD  HD2  sing N N 28  
ARG CD  HD3  sing N N 29  
ARG NE  CZ   sing N N 30  
ARG NE  HE   sing N N 31  
ARG CZ  NH1  sing N N 32  
ARG CZ  NH2  doub N N 33  
ARG NH1 HH11 sing N N 34  
ARG NH1 HH12 sing N N 35  
ARG NH2 HH21 sing N N 36  
ARG NH2 HH22 sing N N 37  
ARG OXT HXT  sing N N 38  
ASN N   CA   sing N N 39  
ASN N   H    sing N N 40  
ASN N   H2   sing N N 41  
ASN CA  C    sing N N 42  
ASN CA  CB   sing N N 43  
ASN CA  HA   sing N N 44  
ASN C   O    doub N N 45  
ASN C   OXT  sing N N 46  
ASN CB  CG   sing N N 47  
ASN CB  HB2  sing N N 48  
ASN CB  HB3  sing N N 49  
ASN CG  OD1  doub N N 50  
ASN CG  ND2  sing N N 51  
ASN ND2 HD21 sing N N 52  
ASN ND2 HD22 sing N N 53  
ASN OXT HXT  sing N N 54  
ASP N   CA   sing N N 55  
ASP N   H    sing N N 56  
ASP N   H2   sing N N 57  
ASP CA  C    sing N N 58  
ASP CA  CB   sing N N 59  
ASP CA  HA   sing N N 60  
ASP C   O    doub N N 61  
ASP C   OXT  sing N N 62  
ASP CB  CG   sing N N 63  
ASP CB  HB2  sing N N 64  
ASP CB  HB3  sing N N 65  
ASP CG  OD1  doub N N 66  
ASP CG  OD2  sing N N 67  
ASP OD2 HD2  sing N N 68  
ASP OXT HXT  sing N N 69  
CYS N   CA   sing N N 70  
CYS N   H    sing N N 71  
CYS N   H2   sing N N 72  
CYS CA  C    sing N N 73  
CYS CA  CB   sing N N 74  
CYS CA  HA   sing N N 75  
CYS C   O    doub N N 76  
CYS C   OXT  sing N N 77  
CYS CB  SG   sing N N 78  
CYS CB  HB2  sing N N 79  
CYS CB  HB3  sing N N 80  
CYS SG  HG   sing N N 81  
CYS OXT HXT  sing N N 82  
GLN N   CA   sing N N 83  
GLN N   H    sing N N 84  
GLN N   H2   sing N N 85  
GLN CA  C    sing N N 86  
GLN CA  CB   sing N N 87  
GLN CA  HA   sing N N 88  
GLN C   O    doub N N 89  
GLN C   OXT  sing N N 90  
GLN CB  CG   sing N N 91  
GLN CB  HB2  sing N N 92  
GLN CB  HB3  sing N N 93  
GLN CG  CD   sing N N 94  
GLN CG  HG2  sing N N 95  
GLN CG  HG3  sing N N 96  
GLN CD  OE1  doub N N 97  
GLN CD  NE2  sing N N 98  
GLN NE2 HE21 sing N N 99  
GLN NE2 HE22 sing N N 100 
GLN OXT HXT  sing N N 101 
GLU N   CA   sing N N 102 
GLU N   H    sing N N 103 
GLU N   H2   sing N N 104 
GLU CA  C    sing N N 105 
GLU CA  CB   sing N N 106 
GLU CA  HA   sing N N 107 
GLU C   O    doub N N 108 
GLU C   OXT  sing N N 109 
GLU CB  CG   sing N N 110 
GLU CB  HB2  sing N N 111 
GLU CB  HB3  sing N N 112 
GLU CG  CD   sing N N 113 
GLU CG  HG2  sing N N 114 
GLU CG  HG3  sing N N 115 
GLU CD  OE1  doub N N 116 
GLU CD  OE2  sing N N 117 
GLU OE2 HE2  sing N N 118 
GLU OXT HXT  sing N N 119 
GLY N   CA   sing N N 120 
GLY N   H    sing N N 121 
GLY N   H2   sing N N 122 
GLY CA  C    sing N N 123 
GLY CA  HA2  sing N N 124 
GLY CA  HA3  sing N N 125 
GLY C   O    doub N N 126 
GLY C   OXT  sing N N 127 
GLY OXT HXT  sing N N 128 
HIS N   CA   sing N N 129 
HIS N   H    sing N N 130 
HIS N   H2   sing N N 131 
HIS CA  C    sing N N 132 
HIS CA  CB   sing N N 133 
HIS CA  HA   sing N N 134 
HIS C   O    doub N N 135 
HIS C   OXT  sing N N 136 
HIS CB  CG   sing N N 137 
HIS CB  HB2  sing N N 138 
HIS CB  HB3  sing N N 139 
HIS CG  ND1  sing Y N 140 
HIS CG  CD2  doub Y N 141 
HIS ND1 CE1  doub Y N 142 
HIS ND1 HD1  sing N N 143 
HIS CD2 NE2  sing Y N 144 
HIS CD2 HD2  sing N N 145 
HIS CE1 NE2  sing Y N 146 
HIS CE1 HE1  sing N N 147 
HIS NE2 HE2  sing N N 148 
HIS OXT HXT  sing N N 149 
HOH O   H1   sing N N 150 
HOH O   H2   sing N N 151 
ILE N   CA   sing N N 152 
ILE N   H    sing N N 153 
ILE N   H2   sing N N 154 
ILE CA  C    sing N N 155 
ILE CA  CB   sing N N 156 
ILE CA  HA   sing N N 157 
ILE C   O    doub N N 158 
ILE C   OXT  sing N N 159 
ILE CB  CG1  sing N N 160 
ILE CB  CG2  sing N N 161 
ILE CB  HB   sing N N 162 
ILE CG1 CD1  sing N N 163 
ILE CG1 HG12 sing N N 164 
ILE CG1 HG13 sing N N 165 
ILE CG2 HG21 sing N N 166 
ILE CG2 HG22 sing N N 167 
ILE CG2 HG23 sing N N 168 
ILE CD1 HD11 sing N N 169 
ILE CD1 HD12 sing N N 170 
ILE CD1 HD13 sing N N 171 
ILE OXT HXT  sing N N 172 
LEU N   CA   sing N N 173 
LEU N   H    sing N N 174 
LEU N   H2   sing N N 175 
LEU CA  C    sing N N 176 
LEU CA  CB   sing N N 177 
LEU CA  HA   sing N N 178 
LEU C   O    doub N N 179 
LEU C   OXT  sing N N 180 
LEU CB  CG   sing N N 181 
LEU CB  HB2  sing N N 182 
LEU CB  HB3  sing N N 183 
LEU CG  CD1  sing N N 184 
LEU CG  CD2  sing N N 185 
LEU CG  HG   sing N N 186 
LEU CD1 HD11 sing N N 187 
LEU CD1 HD12 sing N N 188 
LEU CD1 HD13 sing N N 189 
LEU CD2 HD21 sing N N 190 
LEU CD2 HD22 sing N N 191 
LEU CD2 HD23 sing N N 192 
LEU OXT HXT  sing N N 193 
LYS N   CA   sing N N 194 
LYS N   H    sing N N 195 
LYS N   H2   sing N N 196 
LYS CA  C    sing N N 197 
LYS CA  CB   sing N N 198 
LYS CA  HA   sing N N 199 
LYS C   O    doub N N 200 
LYS C   OXT  sing N N 201 
LYS CB  CG   sing N N 202 
LYS CB  HB2  sing N N 203 
LYS CB  HB3  sing N N 204 
LYS CG  CD   sing N N 205 
LYS CG  HG2  sing N N 206 
LYS CG  HG3  sing N N 207 
LYS CD  CE   sing N N 208 
LYS CD  HD2  sing N N 209 
LYS CD  HD3  sing N N 210 
LYS CE  NZ   sing N N 211 
LYS CE  HE2  sing N N 212 
LYS CE  HE3  sing N N 213 
LYS NZ  HZ1  sing N N 214 
LYS NZ  HZ2  sing N N 215 
LYS NZ  HZ3  sing N N 216 
LYS OXT HXT  sing N N 217 
MET N   CA   sing N N 218 
MET N   H    sing N N 219 
MET N   H2   sing N N 220 
MET CA  C    sing N N 221 
MET CA  CB   sing N N 222 
MET CA  HA   sing N N 223 
MET C   O    doub N N 224 
MET C   OXT  sing N N 225 
MET CB  CG   sing N N 226 
MET CB  HB2  sing N N 227 
MET CB  HB3  sing N N 228 
MET CG  SD   sing N N 229 
MET CG  HG2  sing N N 230 
MET CG  HG3  sing N N 231 
MET SD  CE   sing N N 232 
MET CE  HE1  sing N N 233 
MET CE  HE2  sing N N 234 
MET CE  HE3  sing N N 235 
MET OXT HXT  sing N N 236 
NAG C1  C2   sing N N 237 
NAG C1  O1   sing N N 238 
NAG C1  O5   sing N N 239 
NAG C1  H1   sing N N 240 
NAG C2  C3   sing N N 241 
NAG C2  N2   sing N N 242 
NAG C2  H2   sing N N 243 
NAG C3  C4   sing N N 244 
NAG C3  O3   sing N N 245 
NAG C3  H3   sing N N 246 
NAG C4  C5   sing N N 247 
NAG C4  O4   sing N N 248 
NAG C4  H4   sing N N 249 
NAG C5  C6   sing N N 250 
NAG C5  O5   sing N N 251 
NAG C5  H5   sing N N 252 
NAG C6  O6   sing N N 253 
NAG C6  H61  sing N N 254 
NAG C6  H62  sing N N 255 
NAG C7  C8   sing N N 256 
NAG C7  N2   sing N N 257 
NAG C7  O7   doub N N 258 
NAG C8  H81  sing N N 259 
NAG C8  H82  sing N N 260 
NAG C8  H83  sing N N 261 
NAG N2  HN2  sing N N 262 
NAG O1  HO1  sing N N 263 
NAG O3  HO3  sing N N 264 
NAG O4  HO4  sing N N 265 
NAG O6  HO6  sing N N 266 
PHE N   CA   sing N N 267 
PHE N   H    sing N N 268 
PHE N   H2   sing N N 269 
PHE CA  C    sing N N 270 
PHE CA  CB   sing N N 271 
PHE CA  HA   sing N N 272 
PHE C   O    doub N N 273 
PHE C   OXT  sing N N 274 
PHE CB  CG   sing N N 275 
PHE CB  HB2  sing N N 276 
PHE CB  HB3  sing N N 277 
PHE CG  CD1  doub Y N 278 
PHE CG  CD2  sing Y N 279 
PHE CD1 CE1  sing Y N 280 
PHE CD1 HD1  sing N N 281 
PHE CD2 CE2  doub Y N 282 
PHE CD2 HD2  sing N N 283 
PHE CE1 CZ   doub Y N 284 
PHE CE1 HE1  sing N N 285 
PHE CE2 CZ   sing Y N 286 
PHE CE2 HE2  sing N N 287 
PHE CZ  HZ   sing N N 288 
PHE OXT HXT  sing N N 289 
PRO N   CA   sing N N 290 
PRO N   CD   sing N N 291 
PRO N   H    sing N N 292 
PRO CA  C    sing N N 293 
PRO CA  CB   sing N N 294 
PRO CA  HA   sing N N 295 
PRO C   O    doub N N 296 
PRO C   OXT  sing N N 297 
PRO CB  CG   sing N N 298 
PRO CB  HB2  sing N N 299 
PRO CB  HB3  sing N N 300 
PRO CG  CD   sing N N 301 
PRO CG  HG2  sing N N 302 
PRO CG  HG3  sing N N 303 
PRO CD  HD2  sing N N 304 
PRO CD  HD3  sing N N 305 
PRO OXT HXT  sing N N 306 
SER N   CA   sing N N 307 
SER N   H    sing N N 308 
SER N   H2   sing N N 309 
SER CA  C    sing N N 310 
SER CA  CB   sing N N 311 
SER CA  HA   sing N N 312 
SER C   O    doub N N 313 
SER C   OXT  sing N N 314 
SER CB  OG   sing N N 315 
SER CB  HB2  sing N N 316 
SER CB  HB3  sing N N 317 
SER OG  HG   sing N N 318 
SER OXT HXT  sing N N 319 
THR N   CA   sing N N 320 
THR N   H    sing N N 321 
THR N   H2   sing N N 322 
THR CA  C    sing N N 323 
THR CA  CB   sing N N 324 
THR CA  HA   sing N N 325 
THR C   O    doub N N 326 
THR C   OXT  sing N N 327 
THR CB  OG1  sing N N 328 
THR CB  CG2  sing N N 329 
THR CB  HB   sing N N 330 
THR OG1 HG1  sing N N 331 
THR CG2 HG21 sing N N 332 
THR CG2 HG22 sing N N 333 
THR CG2 HG23 sing N N 334 
THR OXT HXT  sing N N 335 
TRP N   CA   sing N N 336 
TRP N   H    sing N N 337 
TRP N   H2   sing N N 338 
TRP CA  C    sing N N 339 
TRP CA  CB   sing N N 340 
TRP CA  HA   sing N N 341 
TRP C   O    doub N N 342 
TRP C   OXT  sing N N 343 
TRP CB  CG   sing N N 344 
TRP CB  HB2  sing N N 345 
TRP CB  HB3  sing N N 346 
TRP CG  CD1  doub Y N 347 
TRP CG  CD2  sing Y N 348 
TRP CD1 NE1  sing Y N 349 
TRP CD1 HD1  sing N N 350 
TRP CD2 CE2  doub Y N 351 
TRP CD2 CE3  sing Y N 352 
TRP NE1 CE2  sing Y N 353 
TRP NE1 HE1  sing N N 354 
TRP CE2 CZ2  sing Y N 355 
TRP CE3 CZ3  doub Y N 356 
TRP CE3 HE3  sing N N 357 
TRP CZ2 CH2  doub Y N 358 
TRP CZ2 HZ2  sing N N 359 
TRP CZ3 CH2  sing Y N 360 
TRP CZ3 HZ3  sing N N 361 
TRP CH2 HH2  sing N N 362 
TRP OXT HXT  sing N N 363 
TYR N   CA   sing N N 364 
TYR N   H    sing N N 365 
TYR N   H2   sing N N 366 
TYR CA  C    sing N N 367 
TYR CA  CB   sing N N 368 
TYR CA  HA   sing N N 369 
TYR C   O    doub N N 370 
TYR C   OXT  sing N N 371 
TYR CB  CG   sing N N 372 
TYR CB  HB2  sing N N 373 
TYR CB  HB3  sing N N 374 
TYR CG  CD1  doub Y N 375 
TYR CG  CD2  sing Y N 376 
TYR CD1 CE1  sing Y N 377 
TYR CD1 HD1  sing N N 378 
TYR CD2 CE2  doub Y N 379 
TYR CD2 HD2  sing N N 380 
TYR CE1 CZ   doub Y N 381 
TYR CE1 HE1  sing N N 382 
TYR CE2 CZ   sing Y N 383 
TYR CE2 HE2  sing N N 384 
TYR CZ  OH   sing N N 385 
TYR OH  HH   sing N N 386 
TYR OXT HXT  sing N N 387 
VAL N   CA   sing N N 388 
VAL N   H    sing N N 389 
VAL N   H2   sing N N 390 
VAL CA  C    sing N N 391 
VAL CA  CB   sing N N 392 
VAL CA  HA   sing N N 393 
VAL C   O    doub N N 394 
VAL C   OXT  sing N N 395 
VAL CB  CG1  sing N N 396 
VAL CB  CG2  sing N N 397 
VAL CB  HB   sing N N 398 
VAL CG1 HG11 sing N N 399 
VAL CG1 HG12 sing N N 400 
VAL CG1 HG13 sing N N 401 
VAL CG2 HG21 sing N N 402 
VAL CG2 HG22 sing N N 403 
VAL CG2 HG23 sing N N 404 
VAL OXT HXT  sing N N 405 
# 
loop_
_pdbx_entity_branch_list.entity_id 
_pdbx_entity_branch_list.comp_id 
_pdbx_entity_branch_list.num 
_pdbx_entity_branch_list.hetero 
2 NAG 1 n 
2 NAG 2 n 
# 
_pdbx_initial_refinement_model.id               1 
_pdbx_initial_refinement_model.entity_id_list   ? 
_pdbx_initial_refinement_model.type             'experimental model' 
_pdbx_initial_refinement_model.source_name      PDB 
_pdbx_initial_refinement_model.accession_code   3R4D 
_pdbx_initial_refinement_model.details          ? 
# 
_atom_sites.entry_id                    5VST 
_atom_sites.fract_transf_matrix[1][1]   -0.00083621 
_atom_sites.fract_transf_matrix[1][2]   -0.00971978 
_atom_sites.fract_transf_matrix[1][3]   -0.00301140 
_atom_sites.fract_transf_matrix[2][1]   0.00839340 
_atom_sites.fract_transf_matrix[2][2]   -0.00558846 
_atom_sites.fract_transf_matrix[2][3]   -0.00160127 
_atom_sites.fract_transf_matrix[3][1]   -0.00021766 
_atom_sites.fract_transf_matrix[3][2]   -0.00457935 
_atom_sites.fract_transf_matrix[3][3]   0.01484103 
_atom_sites.fract_transf_vector[1]      0.228971 
_atom_sites.fract_transf_vector[2]      -0.211450 
_atom_sites.fract_transf_vector[3]      0.070746 
# 
loop_
_atom_type.symbol 
C 
N 
O 
S 
# 
loop_
_atom_site.group_PDB 
_atom_site.id 
_atom_site.type_symbol 
_atom_site.label_atom_id 
_atom_site.label_alt_id 
_atom_site.label_comp_id 
_atom_site.label_asym_id 
_atom_site.label_entity_id 
_atom_site.label_seq_id 
_atom_site.pdbx_PDB_ins_code 
_atom_site.Cartn_x 
_atom_site.Cartn_y 
_atom_site.Cartn_z 
_atom_site.occupancy 
_atom_site.B_iso_or_equiv 
_atom_site.pdbx_formal_charge 
_atom_site.auth_seq_id 
_atom_site.auth_comp_id 
_atom_site.auth_asym_id 
_atom_site.auth_atom_id 
_atom_site.pdbx_PDB_model_num 
ATOM   1    N N   . GLU A 1 1   ? 13.138  11.807  22.708  1.00 61.16  ? 1   GLU A N   1 
ATOM   2    C CA  . GLU A 1 1   ? 13.360  10.524  21.975  1.00 58.45  ? 1   GLU A CA  1 
ATOM   3    C C   . GLU A 1 1   ? 13.291  10.738  20.470  1.00 52.37  ? 1   GLU A C   1 
ATOM   4    O O   . GLU A 1 1   ? 12.556  11.605  19.998  1.00 48.09  ? 1   GLU A O   1 
ATOM   5    C CB  . GLU A 1 1   ? 12.334  9.464   22.394  1.00 62.34  ? 1   GLU A CB  1 
ATOM   6    C CG  . GLU A 1 1   ? 10.887  9.799   22.042  1.00 66.57  ? 1   GLU A CG  1 
ATOM   7    C CD  . GLU A 1 1   ? 9.900   8.745   22.512  1.00 71.52  ? 1   GLU A CD  1 
ATOM   8    O OE1 . GLU A 1 1   ? 10.316  7.605   22.825  1.00 74.20  ? 1   GLU A OE1 1 
ATOM   9    O OE2 . GLU A 1 1   ? 8.691   9.059   22.559  1.00 75.21  ? 1   GLU A OE2 1 
ATOM   10   N N   . VAL A 1 2   ? 14.042  9.929   19.725  1.00 50.90  ? 2   VAL A N   1 
ATOM   11   C CA  . VAL A 1 2   ? 14.000  9.997   18.264  1.00 51.28  ? 2   VAL A CA  1 
ATOM   12   C C   . VAL A 1 2   ? 12.720  9.290   17.796  1.00 49.66  ? 2   VAL A C   1 
ATOM   13   O O   . VAL A 1 2   ? 12.226  8.367   18.455  1.00 46.77  ? 2   VAL A O   1 
ATOM   14   C CB  . VAL A 1 2   ? 15.279  9.452   17.533  1.00 51.30  ? 2   VAL A CB  1 
ATOM   15   C CG1 . VAL A 1 2   ? 16.535  9.619   18.379  1.00 52.14  ? 2   VAL A CG1 1 
ATOM   16   C CG2 . VAL A 1 2   ? 15.140  8.001   17.100  1.00 50.95  ? 2   VAL A CG2 1 
ATOM   17   N N   . THR A 1 3   ? 12.180  9.764   16.679  1.00 48.43  ? 3   THR A N   1 
ATOM   18   C CA  . THR A 1 3   ? 11.060  9.121   16.014  1.00 47.55  ? 3   THR A CA  1 
ATOM   19   C C   . THR A 1 3   ? 11.267  9.238   14.518  1.00 47.49  ? 3   THR A C   1 
ATOM   20   O O   . THR A 1 3   ? 11.657  10.298  14.026  1.00 46.81  ? 3   THR A O   1 
ATOM   21   C CB  . THR A 1 3   ? 9.720   9.782   16.361  1.00 45.99  ? 3   THR A CB  1 
ATOM   22   O OG1 . THR A 1 3   ? 9.772   11.157  15.994  1.00 45.63  ? 3   THR A OG1 1 
ATOM   23   C CG2 . THR A 1 3   ? 9.412   9.662   17.845  1.00 46.21  ? 3   THR A CG2 1 
ATOM   24   N N   . ILE A 1 4   ? 11.006  8.143   13.810  1.00 48.00  ? 4   ILE A N   1 
ATOM   25   C CA  . ILE A 1 4   ? 11.053  8.119   12.360  1.00 48.41  ? 4   ILE A CA  1 
ATOM   26   C C   . ILE A 1 4   ? 9.624   8.106   11.832  1.00 47.75  ? 4   ILE A C   1 
ATOM   27   O O   . ILE A 1 4   ? 8.704   7.620   12.501  1.00 49.61  ? 4   ILE A O   1 
ATOM   28   C CB  . ILE A 1 4   ? 11.798  6.875   11.826  1.00 49.44  ? 4   ILE A CB  1 
ATOM   29   C CG1 . ILE A 1 4   ? 13.094  6.616   12.606  1.00 50.28  ? 4   ILE A CG1 1 
ATOM   30   C CG2 . ILE A 1 4   ? 12.118  7.016   10.340  1.00 51.24  ? 4   ILE A CG2 1 
ATOM   31   C CD1 . ILE A 1 4   ? 13.010  5.438   13.540  1.00 50.84  ? 4   ILE A CD1 1 
ATOM   32   N N   . GLU A 1 5   ? 9.441   8.663   10.642  1.00 46.16  ? 5   GLU A N   1 
ATOM   33   C CA  . GLU A 1 5   ? 8.235   8.438   9.877   1.00 46.53  ? 5   GLU A CA  1 
ATOM   34   C C   . GLU A 1 5   ? 8.591   8.134   8.435   1.00 46.46  ? 5   GLU A C   1 
ATOM   35   O O   . GLU A 1 5   ? 9.515   8.717   7.868   1.00 46.07  ? 5   GLU A O   1 
ATOM   36   C CB  . GLU A 1 5   ? 7.288   9.630   9.970   1.00 48.91  ? 5   GLU A CB  1 
ATOM   37   C CG  . GLU A 1 5   ? 7.877   10.976  9.587   1.00 50.47  ? 5   GLU A CG  1 
ATOM   38   C CD  . GLU A 1 5   ? 6.823   12.062  9.585   1.00 50.91  ? 5   GLU A CD  1 
ATOM   39   O OE1 . GLU A 1 5   ? 6.856   12.948  10.463  1.00 52.68  ? 5   GLU A OE1 1 
ATOM   40   O OE2 . GLU A 1 5   ? 5.942   12.012  8.711   1.00 51.50  ? 5   GLU A OE2 1 
ATOM   41   N N   . ALA A 1 6   ? 7.850   7.196   7.856   1.00 48.15  ? 6   ALA A N   1 
ATOM   42   C CA  . ALA A 1 6   ? 7.983   6.839   6.445   1.00 47.03  ? 6   ALA A CA  1 
ATOM   43   C C   . ALA A 1 6   ? 7.257   7.873   5.598   1.00 44.83  ? 6   ALA A C   1 
ATOM   44   O O   . ALA A 1 6   ? 6.127   8.278   5.904   1.00 43.75  ? 6   ALA A O   1 
ATOM   45   C CB  . ALA A 1 6   ? 7.408   5.453   6.188   1.00 47.62  ? 6   ALA A CB  1 
ATOM   46   N N   . VAL A 1 7   ? 7.909   8.294   4.528   1.00 43.51  ? 7   VAL A N   1 
ATOM   47   C CA  . VAL A 1 7   ? 7.372   9.335   3.680   1.00 42.91  ? 7   VAL A CA  1 
ATOM   48   C C   . VAL A 1 7   ? 7.402   8.804   2.247   1.00 43.02  ? 7   VAL A C   1 
ATOM   49   O O   . VAL A 1 7   ? 8.447   8.875   1.602   1.00 42.05  ? 7   VAL A O   1 
ATOM   50   C CB  . VAL A 1 7   ? 8.196   10.624  3.846   1.00 41.59  ? 7   VAL A CB  1 
ATOM   51   C CG1 . VAL A 1 7   ? 7.715   11.702  2.899   1.00 41.25  ? 7   VAL A CG1 1 
ATOM   52   C CG2 . VAL A 1 7   ? 8.117   11.109  5.287   1.00 41.87  ? 7   VAL A CG2 1 
ATOM   53   N N   . PRO A 1 8   ? 6.298   8.243   1.743   1.00 43.98  ? 8   PRO A N   1 
ATOM   54   C CA  . PRO A 1 8   ? 5.023   8.033   2.447   1.00 44.57  ? 8   PRO A CA  1 
ATOM   55   C C   . PRO A 1 8   ? 4.977   6.682   3.149   1.00 46.18  ? 8   PRO A C   1 
ATOM   56   O O   . PRO A 1 8   ? 5.802   5.830   2.833   1.00 48.36  ? 8   PRO A O   1 
ATOM   57   C CB  . PRO A 1 8   ? 4.014   8.022   1.308   1.00 45.02  ? 8   PRO A CB  1 
ATOM   58   C CG  . PRO A 1 8   ? 4.787   7.471   0.159   1.00 45.75  ? 8   PRO A CG  1 
ATOM   59   C CD  . PRO A 1 8   ? 6.167   8.022   0.294   1.00 45.82  ? 8   PRO A CD  1 
ATOM   60   N N   . PRO A 1 9   ? 4.001   6.463   4.068   1.00 46.36  ? 9   PRO A N   1 
ATOM   61   C CA  . PRO A 1 9   ? 3.868   5.148   4.727   1.00 45.20  ? 9   PRO A CA  1 
ATOM   62   C C   . PRO A 1 9   ? 3.467   4.033   3.764   1.00 47.18  ? 9   PRO A C   1 
ATOM   63   O O   . PRO A 1 9   ? 3.919   2.900   3.916   1.00 49.58  ? 9   PRO A O   1 
ATOM   64   C CB  . PRO A 1 9   ? 2.759   5.365   5.767   1.00 44.49  ? 9   PRO A CB  1 
ATOM   65   C CG  . PRO A 1 9   ? 2.475   6.826   5.782   1.00 45.08  ? 9   PRO A CG  1 
ATOM   66   C CD  . PRO A 1 9   ? 2.913   7.376   4.465   1.00 45.82  ? 9   PRO A CD  1 
ATOM   67   N N   . GLN A 1 10  ? 2.608   4.359   2.799   1.00 48.45  ? 10  GLN A N   1 
ATOM   68   C CA  . GLN A 1 10  ? 2.217   3.447   1.734   1.00 47.66  ? 10  GLN A CA  1 
ATOM   69   C C   . GLN A 1 10  ? 2.853   3.972   0.474   1.00 45.89  ? 10  GLN A C   1 
ATOM   70   O O   . GLN A 1 10  ? 2.748   5.157   0.201   1.00 43.98  ? 10  GLN A O   1 
ATOM   71   C CB  . GLN A 1 10  ? 0.701   3.437   1.582   1.00 49.64  ? 10  GLN A CB  1 
ATOM   72   C CG  . GLN A 1 10  ? -0.056  3.067   2.851   1.00 51.87  ? 10  GLN A CG  1 
ATOM   73   C CD  . GLN A 1 10  ? 0.207   1.641   3.308   1.00 53.79  ? 10  GLN A CD  1 
ATOM   74   O OE1 . GLN A 1 10  ? 0.288   0.717   2.497   1.00 54.39  ? 10  GLN A OE1 1 
ATOM   75   N NE2 . GLN A 1 10  ? 0.332   1.456   4.617   1.00 55.50  ? 10  GLN A NE2 1 
ATOM   76   N N   . VAL A 1 11  ? 3.485   3.085   -0.297  1.00 47.34  ? 11  VAL A N   1 
ATOM   77   C CA  . VAL A 1 11  ? 4.393   3.468   -1.399  1.00 48.39  ? 11  VAL A CA  1 
ATOM   78   C C   . VAL A 1 11  ? 4.143   2.637   -2.658  1.00 46.92  ? 11  VAL A C   1 
ATOM   79   O O   . VAL A 1 11  ? 4.042   1.420   -2.576  1.00 45.98  ? 11  VAL A O   1 
ATOM   80   C CB  . VAL A 1 11  ? 5.880   3.232   -1.009  1.00 49.46  ? 11  VAL A CB  1 
ATOM   81   C CG1 . VAL A 1 11  ? 6.819   4.062   -1.886  1.00 50.28  ? 11  VAL A CG1 1 
ATOM   82   C CG2 . VAL A 1 11  ? 6.130   3.531   0.460   1.00 48.96  ? 11  VAL A CG2 1 
ATOM   83   N N   . ALA A 1 12  ? 4.072   3.277   -3.823  1.00 47.56  ? 12  ALA A N   1 
ATOM   84   C CA  . ALA A 1 12  ? 3.903   2.526   -5.073  1.00 49.18  ? 12  ALA A CA  1 
ATOM   85   C C   . ALA A 1 12  ? 5.207   1.829   -5.423  1.00 51.12  ? 12  ALA A C   1 
ATOM   86   O O   . ALA A 1 12  ? 6.273   2.309   -5.048  1.00 53.31  ? 12  ALA A O   1 
ATOM   87   C CB  . ALA A 1 12  ? 3.475   3.446   -6.203  1.00 48.40  ? 12  ALA A CB  1 
ATOM   88   N N   . GLU A 1 13  ? 5.133   0.701   -6.126  1.00 53.40  ? 13  GLU A N   1 
ATOM   89   C CA  . GLU A 1 13  ? 6.339   0.105   -6.710  1.00 56.84  ? 13  GLU A CA  1 
ATOM   90   C C   . GLU A 1 13  ? 7.056   1.129   -7.589  1.00 59.36  ? 13  GLU A C   1 
ATOM   91   O O   . GLU A 1 13  ? 6.421   1.979   -8.211  1.00 63.51  ? 13  GLU A O   1 
ATOM   92   C CB  . GLU A 1 13  ? 6.032   -1.153  -7.533  1.00 58.82  ? 13  GLU A CB  1 
ATOM   93   C CG  . GLU A 1 13  ? 6.247   -2.455  -6.779  1.00 62.13  ? 13  GLU A CG  1 
ATOM   94   C CD  . GLU A 1 13  ? 6.380   -3.664  -7.695  1.00 65.77  ? 13  GLU A CD  1 
ATOM   95   O OE1 . GLU A 1 13  ? 7.119   -4.610  -7.314  1.00 68.72  ? 13  GLU A OE1 1 
ATOM   96   O OE2 . GLU A 1 13  ? 5.750   -3.669  -8.786  1.00 65.09  ? 13  GLU A OE2 1 
ATOM   97   N N   . ASP A 1 14  ? 8.382   1.057   -7.601  1.00 61.36  ? 14  ASP A N   1 
ATOM   98   C CA  . ASP A 1 14  ? 9.246   1.998   -8.338  1.00 63.71  ? 14  ASP A CA  1 
ATOM   99   C C   . ASP A 1 14  ? 9.289   3.467   -7.850  1.00 58.95  ? 14  ASP A C   1 
ATOM   100  O O   . ASP A 1 14  ? 10.061  4.260   -8.393  1.00 59.88  ? 14  ASP A O   1 
ATOM   101  C CB  . ASP A 1 14  ? 9.008   1.918   -9.870  1.00 67.68  ? 14  ASP A CB  1 
ATOM   102  C CG  . ASP A 1 14  ? 10.043  1.047   -10.573 1.00 72.79  ? 14  ASP A CG  1 
ATOM   103  O OD1 . ASP A 1 14  ? 10.818  1.573   -11.406 1.00 71.21  ? 14  ASP A OD1 1 
ATOM   104  O OD2 . ASP A 1 14  ? 10.096  -0.165  -10.266 1.00 79.71  ? 14  ASP A OD2 1 
ATOM   105  N N   . ASN A 1 15  ? 8.528   3.824   -6.818  1.00 54.65  ? 15  ASN A N   1 
ATOM   106  C CA  . ASN A 1 15  ? 8.648   5.157   -6.210  1.00 55.98  ? 15  ASN A CA  1 
ATOM   107  C C   . ASN A 1 15  ? 9.708   5.135   -5.096  1.00 53.84  ? 15  ASN A C   1 
ATOM   108  O O   . ASN A 1 15  ? 10.451  4.153   -4.979  1.00 54.04  ? 15  ASN A O   1 
ATOM   109  C CB  . ASN A 1 15  ? 7.276   5.644   -5.714  1.00 56.32  ? 15  ASN A CB  1 
ATOM   110  C CG  . ASN A 1 15  ? 6.358   6.057   -6.848  1.00 55.29  ? 15  ASN A CG  1 
ATOM   111  O OD1 . ASN A 1 15  ? 6.717   6.003   -8.029  1.00 54.70  ? 15  ASN A OD1 1 
ATOM   112  N ND2 . ASN A 1 15  ? 5.157   6.470   -6.489  1.00 55.76  ? 15  ASN A ND2 1 
ATOM   113  N N   . ASN A 1 16  ? 9.813   6.220   -4.319  1.00 50.64  ? 16  ASN A N   1 
ATOM   114  C CA  . ASN A 1 16  ? 10.778  6.298   -3.216  1.00 49.58  ? 16  ASN A CA  1 
ATOM   115  C C   . ASN A 1 16  ? 10.103  6.467   -1.856  1.00 47.43  ? 16  ASN A C   1 
ATOM   116  O O   . ASN A 1 16  ? 8.912   6.783   -1.766  1.00 45.94  ? 16  ASN A O   1 
ATOM   117  C CB  . ASN A 1 16  ? 11.761  7.459   -3.424  1.00 50.10  ? 16  ASN A CB  1 
ATOM   118  C CG  . ASN A 1 16  ? 12.031  7.753   -4.887  1.00 50.26  ? 16  ASN A CG  1 
ATOM   119  O OD1 . ASN A 1 16  ? 12.583  6.929   -5.615  1.00 49.85  ? 16  ASN A OD1 1 
ATOM   120  N ND2 . ASN A 1 16  ? 11.641  8.944   -5.321  1.00 50.67  ? 16  ASN A ND2 1 
ATOM   121  N N   . VAL A 1 17  ? 10.901  6.249   -0.812  1.00 46.96  ? 17  VAL A N   1 
ATOM   122  C CA  . VAL A 1 17  ? 10.538  6.575   0.570   1.00 47.66  ? 17  VAL A CA  1 
ATOM   123  C C   . VAL A 1 17  ? 11.682  7.248   1.274   1.00 46.33  ? 17  VAL A C   1 
ATOM   124  O O   . VAL A 1 17  ? 12.830  6.857   1.098   1.00 43.83  ? 17  VAL A O   1 
ATOM   125  C CB  . VAL A 1 17  ? 10.218  5.355   1.460   1.00 49.22  ? 17  VAL A CB  1 
ATOM   126  C CG1 . VAL A 1 17  ? 8.730   5.286   1.746   1.00 50.65  ? 17  VAL A CG1 1 
ATOM   127  C CG2 . VAL A 1 17  ? 10.784  4.062   0.886   1.00 49.44  ? 17  VAL A CG2 1 
ATOM   128  N N   . LEU A 1 18  ? 11.350  8.234   2.100   1.00 46.75  ? 18  LEU A N   1 
ATOM   129  C CA  . LEU A 1 18  ? 12.285  8.757   3.065   1.00 46.26  ? 18  LEU A CA  1 
ATOM   130  C C   . LEU A 1 18  ? 11.891  8.189   4.397   1.00 44.77  ? 18  LEU A C   1 
ATOM   131  O O   . LEU A 1 18  ? 10.719  8.250   4.793   1.00 42.96  ? 18  LEU A O   1 
ATOM   132  C CB  . LEU A 1 18  ? 12.253  10.281  3.127   1.00 47.58  ? 18  LEU A CB  1 
ATOM   133  C CG  . LEU A 1 18  ? 13.451  10.892  3.863   1.00 48.46  ? 18  LEU A CG  1 
ATOM   134  C CD1 . LEU A 1 18  ? 14.770  10.534  3.183   1.00 48.55  ? 18  LEU A CD1 1 
ATOM   135  C CD2 . LEU A 1 18  ? 13.305  12.403  3.972   1.00 49.74  ? 18  LEU A CD2 1 
ATOM   136  N N   . LEU A 1 19  ? 12.879  7.608   5.060   1.00 43.50  ? 19  LEU A N   1 
ATOM   137  C CA  . LEU A 1 19  ? 12.766  7.249   6.451   1.00 43.61  ? 19  LEU A CA  1 
ATOM   138  C C   . LEU A 1 19  ? 13.270  8.467   7.198   1.00 43.18  ? 19  LEU A C   1 
ATOM   139  O O   . LEU A 1 19  ? 14.461  8.659   7.348   1.00 43.14  ? 19  LEU A O   1 
ATOM   140  C CB  . LEU A 1 19  ? 13.594  6.008   6.746   1.00 43.99  ? 19  LEU A CB  1 
ATOM   141  C CG  . LEU A 1 19  ? 12.954  4.654   6.417   1.00 44.15  ? 19  LEU A CG  1 
ATOM   142  C CD1 . LEU A 1 19  ? 11.919  4.698   5.299   1.00 44.10  ? 19  LEU A CD1 1 
ATOM   143  C CD2 . LEU A 1 19  ? 14.050  3.647   6.096   1.00 44.54  ? 19  LEU A CD2 1 
ATOM   144  N N   . LEU A 1 20  ? 12.341  9.298   7.641   1.00 43.49  ? 20  LEU A N   1 
ATOM   145  C CA  . LEU A 1 20  ? 12.651  10.633  8.118   1.00 44.11  ? 20  LEU A CA  1 
ATOM   146  C C   . LEU A 1 20  ? 12.807  10.651  9.630   1.00 44.16  ? 20  LEU A C   1 
ATOM   147  O O   . LEU A 1 20  ? 11.817  10.633  10.355  1.00 44.62  ? 20  LEU A O   1 
ATOM   148  C CB  . LEU A 1 20  ? 11.525  11.574  7.702   1.00 45.14  ? 20  LEU A CB  1 
ATOM   149  C CG  . LEU A 1 20  ? 11.608  13.025  8.165   1.00 45.02  ? 20  LEU A CG  1 
ATOM   150  C CD1 . LEU A 1 20  ? 12.603  13.775  7.299   1.00 45.12  ? 20  LEU A CD1 1 
ATOM   151  C CD2 . LEU A 1 20  ? 10.229  13.652  8.088   1.00 45.41  ? 20  LEU A CD2 1 
ATOM   152  N N   . VAL A 1 21  ? 14.049  10.740  10.091  1.00 44.95  ? 21  VAL A N   1 
ATOM   153  C CA  . VAL A 1 21  ? 14.376  10.695  11.519  1.00 44.10  ? 21  VAL A CA  1 
ATOM   154  C C   . VAL A 1 21  ? 14.266  12.079  12.169  1.00 41.97  ? 21  VAL A C   1 
ATOM   155  O O   . VAL A 1 21  ? 15.016  12.998  11.825  1.00 40.03  ? 21  VAL A O   1 
ATOM   156  C CB  . VAL A 1 21  ? 15.815  10.171  11.739  1.00 46.60  ? 21  VAL A CB  1 
ATOM   157  C CG1 . VAL A 1 21  ? 16.154  10.110  13.228  1.00 47.87  ? 21  VAL A CG1 1 
ATOM   158  C CG2 . VAL A 1 21  ? 16.007  8.807   11.076  1.00 46.13  ? 21  VAL A CG2 1 
ATOM   159  N N   . HIS A 1 22  ? 13.352  12.196  13.128  1.00 42.20  ? 22  HIS A N   1 
ATOM   160  C CA  . HIS A 1 22  ? 13.222  13.385  13.977  1.00 43.32  ? 22  HIS A CA  1 
ATOM   161  C C   . HIS A 1 22  ? 14.009  13.229  15.271  1.00 42.65  ? 22  HIS A C   1 
ATOM   162  O O   . HIS A 1 22  ? 14.053  12.153  15.841  1.00 42.69  ? 22  HIS A O   1 
ATOM   163  C CB  . HIS A 1 22  ? 11.757  13.636  14.317  1.00 42.92  ? 22  HIS A CB  1 
ATOM   164  C CG  . HIS A 1 22  ? 10.893  13.812  13.113  1.00 44.50  ? 22  HIS A CG  1 
ATOM   165  N ND1 . HIS A 1 22  ? 10.925  14.952  12.339  1.00 45.13  ? 22  HIS A ND1 1 
ATOM   166  C CD2 . HIS A 1 22  ? 9.991   12.985  12.531  1.00 45.88  ? 22  HIS A CD2 1 
ATOM   167  C CE1 . HIS A 1 22  ? 10.075  14.824  11.336  1.00 45.68  ? 22  HIS A CE1 1 
ATOM   168  N NE2 . HIS A 1 22  ? 9.498   13.638  11.427  1.00 46.15  ? 22  HIS A NE2 1 
ATOM   169  N N   . ASN A 1 23  ? 14.628  14.311  15.718  1.00 43.60  ? 23  ASN A N   1 
ATOM   170  C CA  . ASN A 1 23  ? 15.326  14.381  17.019  1.00 45.44  ? 23  ASN A CA  1 
ATOM   171  C C   . ASN A 1 23  ? 16.503  13.437  17.193  1.00 45.17  ? 23  ASN A C   1 
ATOM   172  O O   . ASN A 1 23  ? 16.703  12.844  18.268  1.00 41.57  ? 23  ASN A O   1 
ATOM   173  C CB  . ASN A 1 23  ? 14.344  14.214  18.172  1.00 44.81  ? 23  ASN A CB  1 
ATOM   174  C CG  . ASN A 1 23  ? 13.180  15.141  18.051  1.00 43.59  ? 23  ASN A CG  1 
ATOM   175  O OD1 . ASN A 1 23  ? 12.068  14.686  17.855  1.00 43.59  ? 23  ASN A OD1 1 
ATOM   176  N ND2 . ASN A 1 23  ? 13.432  16.459  18.130  1.00 42.94  ? 23  ASN A ND2 1 
ATOM   177  N N   . LEU A 1 24  ? 17.294  13.334  16.130  1.00 46.49  ? 24  LEU A N   1 
ATOM   178  C CA  . LEU A 1 24  ? 18.572  12.653  16.191  1.00 48.78  ? 24  LEU A CA  1 
ATOM   179  C C   . LEU A 1 24  ? 19.428  13.370  17.223  1.00 48.38  ? 24  LEU A C   1 
ATOM   180  O O   . LEU A 1 24  ? 19.551  14.583  17.155  1.00 49.74  ? 24  LEU A O   1 
ATOM   181  C CB  . LEU A 1 24  ? 19.248  12.716  14.825  1.00 51.25  ? 24  LEU A CB  1 
ATOM   182  C CG  . LEU A 1 24  ? 20.523  11.892  14.637  1.00 55.23  ? 24  LEU A CG  1 
ATOM   183  C CD1 . LEU A 1 24  ? 20.242  10.414  14.877  1.00 58.13  ? 24  LEU A CD1 1 
ATOM   184  C CD2 . LEU A 1 24  ? 21.115  12.099  13.243  1.00 55.88  ? 24  LEU A CD2 1 
ATOM   185  N N   . PRO A 1 25  ? 19.995  12.647  18.203  1.00 49.97  ? 25  PRO A N   1 
ATOM   186  C CA  . PRO A 1 25  ? 20.882  13.351  19.119  1.00 51.81  ? 25  PRO A CA  1 
ATOM   187  C C   . PRO A 1 25  ? 22.013  14.066  18.390  1.00 55.00  ? 25  PRO A C   1 
ATOM   188  O O   . PRO A 1 25  ? 22.465  13.628  17.320  1.00 54.43  ? 25  PRO A O   1 
ATOM   189  C CB  . PRO A 1 25  ? 21.432  12.234  20.007  1.00 51.30  ? 25  PRO A CB  1 
ATOM   190  C CG  . PRO A 1 25  ? 20.346  11.236  20.033  1.00 50.66  ? 25  PRO A CG  1 
ATOM   191  C CD  . PRO A 1 25  ? 19.735  11.273  18.661  1.00 50.61  ? 25  PRO A CD  1 
ATOM   192  N N   . LEU A 1 26  ? 22.469  15.154  18.987  1.00 57.33  ? 26  LEU A N   1 
ATOM   193  C CA  . LEU A 1 26  ? 23.432  16.021  18.335  1.00 58.71  ? 26  LEU A CA  1 
ATOM   194  C C   . LEU A 1 26  ? 24.848  15.475  18.494  1.00 59.94  ? 26  LEU A C   1 
ATOM   195  O O   . LEU A 1 26  ? 25.706  15.759  17.665  1.00 67.53  ? 26  LEU A O   1 
ATOM   196  C CB  . LEU A 1 26  ? 23.334  17.439  18.888  1.00 59.05  ? 26  LEU A CB  1 
ATOM   197  C CG  . LEU A 1 26  ? 21.920  18.037  18.845  1.00 61.05  ? 26  LEU A CG  1 
ATOM   198  C CD1 . LEU A 1 26  ? 21.159  17.830  20.155  1.00 64.38  ? 26  LEU A CD1 1 
ATOM   199  C CD2 . LEU A 1 26  ? 21.974  19.514  18.489  1.00 61.62  ? 26  LEU A CD2 1 
ATOM   200  N N   . ALA A 1 27  ? 25.076  14.678  19.541  1.00 59.64  ? 27  ALA A N   1 
ATOM   201  C CA  . ALA A 1 27  ? 26.406  14.196  19.911  1.00 56.73  ? 27  ALA A CA  1 
ATOM   202  C C   . ALA A 1 27  ? 26.577  12.711  19.574  1.00 55.72  ? 27  ALA A C   1 
ATOM   203  O O   . ALA A 1 27  ? 27.096  11.947  20.386  1.00 57.54  ? 27  ALA A O   1 
ATOM   204  C CB  . ALA A 1 27  ? 26.628  14.438  21.402  1.00 55.94  ? 27  ALA A CB  1 
ATOM   205  N N   . LEU A 1 28  ? 26.145  12.289  18.387  1.00 52.50  ? 28  LEU A N   1 
ATOM   206  C CA  . LEU A 1 28  ? 26.265  10.878  18.029  1.00 51.06  ? 28  LEU A CA  1 
ATOM   207  C C   . LEU A 1 28  ? 27.648  10.588  17.478  1.00 49.67  ? 28  LEU A C   1 
ATOM   208  O O   . LEU A 1 28  ? 28.197  11.366  16.699  1.00 48.01  ? 28  LEU A O   1 
ATOM   209  C CB  . LEU A 1 28  ? 25.194  10.427  17.028  1.00 51.00  ? 28  LEU A CB  1 
ATOM   210  C CG  . LEU A 1 28  ? 23.768  10.168  17.550  1.00 50.76  ? 28  LEU A CG  1 
ATOM   211  C CD1 . LEU A 1 28  ? 23.004  9.364   16.505  1.00 50.43  ? 28  LEU A CD1 1 
ATOM   212  C CD2 . LEU A 1 28  ? 23.714  9.469   18.904  1.00 48.66  ? 28  LEU A CD2 1 
ATOM   213  N N   . GLY A 1 29  ? 28.197  9.459   17.915  1.00 48.92  ? 29  GLY A N   1 
ATOM   214  C CA  . GLY A 1 29  ? 29.448  8.941   17.403  1.00 48.99  ? 29  GLY A CA  1 
ATOM   215  C C   . GLY A 1 29  ? 29.233  8.358   16.030  1.00 48.56  ? 29  GLY A C   1 
ATOM   216  O O   . GLY A 1 29  ? 29.967  8.681   15.087  1.00 49.25  ? 29  GLY A O   1 
ATOM   217  N N   . ALA A 1 30  ? 28.220  7.498   15.929  1.00 48.41  ? 30  ALA A N   1 
ATOM   218  C CA  . ALA A 1 30  ? 27.766  6.975   14.642  1.00 48.68  ? 30  ALA A CA  1 
ATOM   219  C C   . ALA A 1 30  ? 26.314  6.495   14.693  1.00 48.98  ? 30  ALA A C   1 
ATOM   220  O O   . ALA A 1 30  ? 25.723  6.341   15.771  1.00 48.79  ? 30  ALA A O   1 
ATOM   221  C CB  . ALA A 1 30  ? 28.683  5.849   14.194  1.00 48.57  ? 30  ALA A CB  1 
ATOM   222  N N   . PHE A 1 31  ? 25.744  6.286   13.510  1.00 50.24  ? 31  PHE A N   1 
ATOM   223  C CA  . PHE A 1 31  ? 24.481  5.550   13.370  1.00 51.02  ? 31  PHE A CA  1 
ATOM   224  C C   . PHE A 1 31  ? 24.507  4.627   12.156  1.00 49.77  ? 31  PHE A C   1 
ATOM   225  O O   . PHE A 1 31  ? 25.281  4.834   11.208  1.00 46.99  ? 31  PHE A O   1 
ATOM   226  C CB  . PHE A 1 31  ? 23.264  6.490   13.308  1.00 51.22  ? 31  PHE A CB  1 
ATOM   227  C CG  . PHE A 1 31  ? 23.360  7.553   12.249  1.00 50.70  ? 31  PHE A CG  1 
ATOM   228  C CD1 . PHE A 1 31  ? 23.809  8.830   12.570  1.00 51.91  ? 31  PHE A CD1 1 
ATOM   229  C CD2 . PHE A 1 31  ? 22.990  7.287   10.942  1.00 50.34  ? 31  PHE A CD2 1 
ATOM   230  C CE1 . PHE A 1 31  ? 23.902  9.815   11.605  1.00 51.90  ? 31  PHE A CE1 1 
ATOM   231  C CE2 . PHE A 1 31  ? 23.080  8.269   9.973   1.00 51.81  ? 31  PHE A CE2 1 
ATOM   232  C CZ  . PHE A 1 31  ? 23.534  9.535   10.303  1.00 52.56  ? 31  PHE A CZ  1 
ATOM   233  N N   . ALA A 1 32  ? 23.650  3.609   12.205  1.00 49.69  ? 32  ALA A N   1 
ATOM   234  C CA  . ALA A 1 32  ? 23.541  2.634   11.128  1.00 50.12  ? 32  ALA A CA  1 
ATOM   235  C C   . ALA A 1 32  ? 22.121  2.082   10.989  1.00 48.14  ? 32  ALA A C   1 
ATOM   236  O O   . ALA A 1 32  ? 21.447  1.838   11.992  1.00 46.04  ? 32  ALA A O   1 
ATOM   237  C CB  . ALA A 1 32  ? 24.526  1.503   11.356  1.00 53.14  ? 32  ALA A CB  1 
ATOM   238  N N   . TRP A 1 33  ? 21.697  1.889   9.736   1.00 47.49  ? 33  TRP A N   1 
ATOM   239  C CA  . TRP A 1 33  ? 20.357  1.398   9.393   1.00 47.74  ? 33  TRP A CA  1 
ATOM   240  C C   . TRP A 1 33  ? 20.387  -0.109  9.157   1.00 49.01  ? 33  TRP A C   1 
ATOM   241  O O   . TRP A 1 33  ? 21.246  -0.603  8.431   1.00 48.20  ? 33  TRP A O   1 
ATOM   242  C CB  . TRP A 1 33  ? 19.821  2.102   8.137   1.00 46.98  ? 33  TRP A CB  1 
ATOM   243  C CG  . TRP A 1 33  ? 19.218  3.445   8.409   1.00 46.30  ? 33  TRP A CG  1 
ATOM   244  C CD1 . TRP A 1 33  ? 19.816  4.658   8.261   1.00 46.16  ? 33  TRP A CD1 1 
ATOM   245  C CD2 . TRP A 1 33  ? 17.896  3.706   8.884   1.00 45.54  ? 33  TRP A CD2 1 
ATOM   246  N NE1 . TRP A 1 33  ? 18.950  5.661   8.619   1.00 45.09  ? 33  TRP A NE1 1 
ATOM   247  C CE2 . TRP A 1 33  ? 17.762  5.101   8.999   1.00 45.31  ? 33  TRP A CE2 1 
ATOM   248  C CE3 . TRP A 1 33  ? 16.809  2.892   9.229   1.00 46.91  ? 33  TRP A CE3 1 
ATOM   249  C CZ2 . TRP A 1 33  ? 16.582  5.704   9.440   1.00 47.48  ? 33  TRP A CZ2 1 
ATOM   250  C CZ3 . TRP A 1 33  ? 15.631  3.495   9.672   1.00 46.81  ? 33  TRP A CZ3 1 
ATOM   251  C CH2 . TRP A 1 33  ? 15.531  4.886   9.774   1.00 47.06  ? 33  TRP A CH2 1 
ATOM   252  N N   . TYR A 1 34  ? 19.444  -0.824  9.765   1.00 51.34  ? 34  TYR A N   1 
ATOM   253  C CA  . TYR A 1 34  ? 19.364  -2.277  9.656   1.00 54.41  ? 34  TYR A CA  1 
ATOM   254  C C   . TYR A 1 34  ? 17.967  -2.667  9.175   1.00 54.89  ? 34  TYR A C   1 
ATOM   255  O O   . TYR A 1 34  ? 16.967  -2.065  9.575   1.00 54.35  ? 34  TYR A O   1 
ATOM   256  C CB  . TYR A 1 34  ? 19.694  -2.964  10.998  1.00 56.57  ? 34  TYR A CB  1 
ATOM   257  C CG  . TYR A 1 34  ? 21.043  -2.586  11.586  1.00 58.11  ? 34  TYR A CG  1 
ATOM   258  C CD1 . TYR A 1 34  ? 21.171  -1.470  12.399  1.00 61.64  ? 34  TYR A CD1 1 
ATOM   259  C CD2 . TYR A 1 34  ? 22.193  -3.344  11.329  1.00 60.18  ? 34  TYR A CD2 1 
ATOM   260  C CE1 . TYR A 1 34  ? 22.401  -1.105  12.936  1.00 65.67  ? 34  TYR A CE1 1 
ATOM   261  C CE2 . TYR A 1 34  ? 23.434  -2.991  11.868  1.00 62.18  ? 34  TYR A CE2 1 
ATOM   262  C CZ  . TYR A 1 34  ? 23.534  -1.864  12.676  1.00 65.54  ? 34  TYR A CZ  1 
ATOM   263  O OH  . TYR A 1 34  ? 24.741  -1.462  13.232  1.00 62.98  ? 34  TYR A OH  1 
ATOM   264  N N   . LYS A 1 35  ? 17.926  -3.676  8.305   1.00 56.89  ? 35  LYS A N   1 
ATOM   265  C CA  . LYS A 1 35  ? 16.690  -4.215  7.730   1.00 57.54  ? 35  LYS A CA  1 
ATOM   266  C C   . LYS A 1 35  ? 16.036  -5.092  8.786   1.00 52.10  ? 35  LYS A C   1 
ATOM   267  O O   . LYS A 1 35  ? 16.648  -6.020  9.277   1.00 51.08  ? 35  LYS A O   1 
ATOM   268  C CB  . LYS A 1 35  ? 17.018  -5.021  6.451   1.00 62.37  ? 35  LYS A CB  1 
ATOM   269  C CG  . LYS A 1 35  ? 15.890  -5.193  5.430   1.00 67.77  ? 35  LYS A CG  1 
ATOM   270  C CD  . LYS A 1 35  ? 16.437  -5.248  3.992   1.00 70.85  ? 35  LYS A CD  1 
ATOM   271  C CE  . LYS A 1 35  ? 15.447  -5.820  2.977   1.00 73.62  ? 35  LYS A CE  1 
ATOM   272  N NZ  . LYS A 1 35  ? 14.038  -5.345  3.144   1.00 76.12  ? 35  LYS A NZ  1 
ATOM   273  N N   . GLY A 1 36  ? 14.808  -4.780  9.164   1.00 50.63  ? 36  GLY A N   1 
ATOM   274  C CA  . GLY A 1 36  ? 14.126  -5.532  10.217  1.00 51.37  ? 36  GLY A CA  1 
ATOM   275  C C   . GLY A 1 36  ? 14.604  -5.205  11.615  1.00 51.79  ? 36  GLY A C   1 
ATOM   276  O O   . GLY A 1 36  ? 15.386  -4.273  11.816  1.00 54.99  ? 36  GLY A O   1 
ATOM   277  N N   . ASN A 1 37  ? 14.125  -5.993  12.576  1.00 52.20  ? 37  ASN A N   1 
ATOM   278  C CA  . ASN A 1 37  ? 14.421  -5.817  14.002  1.00 52.65  ? 37  ASN A CA  1 
ATOM   279  C C   . ASN A 1 37  ? 14.326  -7.205  14.694  1.00 56.37  ? 37  ASN A C   1 
ATOM   280  O O   . ASN A 1 37  ? 13.501  -8.025  14.265  1.00 60.74  ? 37  ASN A O   1 
ATOM   281  C CB  . ASN A 1 37  ? 13.413  -4.819  14.574  1.00 50.20  ? 37  ASN A CB  1 
ATOM   282  C CG  . ASN A 1 37  ? 13.783  -4.322  15.946  1.00 48.54  ? 37  ASN A CG  1 
ATOM   283  O OD1 . ASN A 1 37  ? 13.381  -4.905  16.940  1.00 48.07  ? 37  ASN A OD1 1 
ATOM   284  N ND2 . ASN A 1 37  ? 14.540  -3.232  16.009  1.00 46.75  ? 37  ASN A ND2 1 
ATOM   285  N N   . PRO A 1 38  ? 15.145  -7.518  15.709  1.00 58.11  ? 38  PRO A N   1 
ATOM   286  C CA  . PRO A 1 38  ? 16.220  -6.681  16.256  1.00 59.71  ? 38  PRO A CA  1 
ATOM   287  C C   . PRO A 1 38  ? 17.458  -6.584  15.382  1.00 62.37  ? 38  PRO A C   1 
ATOM   288  O O   . PRO A 1 38  ? 17.515  -7.201  14.316  1.00 65.67  ? 38  PRO A O   1 
ATOM   289  C CB  . PRO A 1 38  ? 16.571  -7.397  17.557  1.00 59.95  ? 38  PRO A CB  1 
ATOM   290  C CG  . PRO A 1 38  ? 15.265  -7.953  18.003  1.00 61.25  ? 38  PRO A CG  1 
ATOM   291  C CD  . PRO A 1 38  ? 14.562  -8.390  16.748  1.00 60.64  ? 38  PRO A CD  1 
ATOM   292  N N   . VAL A 1 39  ? 18.446  -5.821  15.854  1.00 62.57  ? 39  VAL A N   1 
ATOM   293  C CA  . VAL A 1 39  ? 19.626  -5.485  15.045  1.00 60.55  ? 39  VAL A CA  1 
ATOM   294  C C   . VAL A 1 39  ? 20.516  -6.718  14.867  1.00 60.28  ? 39  VAL A C   1 
ATOM   295  O O   . VAL A 1 39  ? 20.823  -7.404  15.835  1.00 61.05  ? 39  VAL A O   1 
ATOM   296  C CB  . VAL A 1 39  ? 20.452  -4.323  15.665  1.00 59.77  ? 39  VAL A CB  1 
ATOM   297  C CG1 . VAL A 1 39  ? 21.689  -4.003  14.821  1.00 57.95  ? 39  VAL A CG1 1 
ATOM   298  C CG2 . VAL A 1 39  ? 19.584  -3.079  15.843  1.00 59.89  ? 39  VAL A CG2 1 
ATOM   299  N N   . SER A 1 40  ? 20.897  -6.994  13.621  1.00 59.26  ? 40  SER A N   1 
ATOM   300  C CA  . SER A 1 40  ? 21.833  -8.064  13.293  1.00 57.14  ? 40  SER A CA  1 
ATOM   301  C C   . SER A 1 40  ? 22.854  -7.567  12.256  1.00 56.45  ? 40  SER A C   1 
ATOM   302  O O   . SER A 1 40  ? 22.552  -6.689  11.468  1.00 54.59  ? 40  SER A O   1 
ATOM   303  C CB  . SER A 1 40  ? 21.052  -9.276  12.786  1.00 57.43  ? 40  SER A CB  1 
ATOM   304  O OG  . SER A 1 40  ? 21.886  -10.195 12.105  1.00 60.62  ? 40  SER A OG  1 
ATOM   305  N N   . THR A 1 41  ? 24.062  -8.124  12.276  1.00 61.11  ? 41  THR A N   1 
ATOM   306  C CA  . THR A 1 41  ? 25.122  -7.811  11.295  1.00 65.97  ? 41  THR A CA  1 
ATOM   307  C C   . THR A 1 41  ? 24.717  -8.032  9.819   1.00 68.26  ? 41  THR A C   1 
ATOM   308  O O   . THR A 1 41  ? 25.139  -7.274  8.937   1.00 66.00  ? 41  THR A O   1 
ATOM   309  C CB  . THR A 1 41  ? 26.380  -8.679  11.567  1.00 71.50  ? 41  THR A CB  1 
ATOM   310  O OG1 . THR A 1 41  ? 26.872  -8.423  12.886  1.00 69.41  ? 41  THR A OG1 1 
ATOM   311  C CG2 . THR A 1 41  ? 27.514  -8.428  10.531  1.00 73.79  ? 41  THR A CG2 1 
ATOM   312  N N   . ASN A 1 42  ? 23.919  -9.075  9.563   1.00 71.47  ? 42  ASN A N   1 
ATOM   313  C CA  . ASN A 1 42  ? 23.521  -9.467  8.182   1.00 72.02  ? 42  ASN A CA  1 
ATOM   314  C C   . ASN A 1 42  ? 22.645  -8.390  7.599   1.00 68.13  ? 42  ASN A C   1 
ATOM   315  O O   . ASN A 1 42  ? 22.792  -8.009  6.437   1.00 68.51  ? 42  ASN A O   1 
ATOM   316  C CB  . ASN A 1 42  ? 22.715  -10.782 8.121   1.00 73.67  ? 42  ASN A CB  1 
ATOM   317  C CG  . ASN A 1 42  ? 22.840  -11.610 9.373   1.00 76.50  ? 42  ASN A CG  1 
ATOM   318  O OD1 . ASN A 1 42  ? 23.946  -11.900 9.824   1.00 83.78  ? 42  ASN A OD1 1 
ATOM   319  N ND2 . ASN A 1 42  ? 21.707  -11.958 9.969   1.00 76.92  ? 42  ASN A ND2 1 
ATOM   320  N N   . ALA A 1 43  ? 21.731  -7.922  8.444   1.00 63.93  ? 43  ALA A N   1 
ATOM   321  C CA  . ALA A 1 43  ? 20.750  -6.912  8.100   1.00 61.38  ? 43  ALA A CA  1 
ATOM   322  C C   . ALA A 1 43  ? 21.305  -5.513  7.842   1.00 59.91  ? 43  ALA A C   1 
ATOM   323  O O   . ALA A 1 43  ? 20.554  -4.660  7.375   1.00 61.93  ? 43  ALA A O   1 
ATOM   324  C CB  . ALA A 1 43  ? 19.703  -6.836  9.201   1.00 60.78  ? 43  ALA A CB  1 
ATOM   325  N N   . GLU A 1 44  ? 22.578  -5.247  8.143   1.00 57.96  ? 44  GLU A N   1 
ATOM   326  C CA  . GLU A 1 44  ? 23.074  -3.885  8.033   1.00 57.82  ? 44  GLU A CA  1 
ATOM   327  C C   . GLU A 1 44  ? 23.007  -3.373  6.596   1.00 57.93  ? 44  GLU A C   1 
ATOM   328  O O   . GLU A 1 44  ? 23.534  -3.988  5.671   1.00 59.61  ? 44  GLU A O   1 
ATOM   329  C CB  . GLU A 1 44  ? 24.483  -3.712  8.593   1.00 58.05  ? 44  GLU A CB  1 
ATOM   330  C CG  . GLU A 1 44  ? 24.825  -2.238  8.745   1.00 59.81  ? 44  GLU A CG  1 
ATOM   331  C CD  . GLU A 1 44  ? 26.249  -2.001  9.141   1.00 60.52  ? 44  GLU A CD  1 
ATOM   332  O OE1 . GLU A 1 44  ? 26.553  -2.266  10.321  1.00 62.66  ? 44  GLU A OE1 1 
ATOM   333  O OE2 . GLU A 1 44  ? 27.040  -1.538  8.284   1.00 58.94  ? 44  GLU A OE2 1 
ATOM   334  N N   . ILE A 1 45  ? 22.338  -2.236  6.445   1.00 57.27  ? 45  ILE A N   1 
ATOM   335  C CA  . ILE A 1 45  ? 22.164  -1.574  5.176   1.00 54.73  ? 45  ILE A CA  1 
ATOM   336  C C   . ILE A 1 45  ? 23.331  -0.618  5.015   1.00 54.80  ? 45  ILE A C   1 
ATOM   337  O O   . ILE A 1 45  ? 24.033  -0.681  4.016   1.00 56.47  ? 45  ILE A O   1 
ATOM   338  C CB  . ILE A 1 45  ? 20.824  -0.806  5.132   1.00 54.54  ? 45  ILE A CB  1 
ATOM   339  C CG1 . ILE A 1 45  ? 19.657  -1.738  5.475   1.00 53.31  ? 45  ILE A CG1 1 
ATOM   340  C CG2 . ILE A 1 45  ? 20.587  -0.194  3.757   1.00 56.20  ? 45  ILE A CG2 1 
ATOM   341  C CD1 . ILE A 1 45  ? 18.331  -1.036  5.647   1.00 53.15  ? 45  ILE A CD1 1 
ATOM   342  N N   . VAL A 1 46  ? 23.541  0.248   6.008   1.00 56.29  ? 46  VAL A N   1 
ATOM   343  C CA  . VAL A 1 46  ? 24.559  1.312   5.941   1.00 60.54  ? 46  VAL A CA  1 
ATOM   344  C C   . VAL A 1 46  ? 25.000  1.813   7.314   1.00 64.98  ? 46  VAL A C   1 
ATOM   345  O O   . VAL A 1 46  ? 24.208  1.863   8.251   1.00 63.87  ? 46  VAL A O   1 
ATOM   346  C CB  . VAL A 1 46  ? 24.065  2.564   5.179   1.00 58.52  ? 46  VAL A CB  1 
ATOM   347  C CG1 . VAL A 1 46  ? 24.537  2.553   3.736   1.00 59.16  ? 46  VAL A CG1 1 
ATOM   348  C CG2 . VAL A 1 46  ? 22.546  2.724   5.292   1.00 59.37  ? 46  VAL A CG2 1 
ATOM   349  N N   . HIS A 1 47  ? 26.263  2.229   7.388   1.00 68.38  ? 47  HIS A N   1 
ATOM   350  C CA  . HIS A 1 47  ? 26.899  2.674   8.623   1.00 67.65  ? 47  HIS A CA  1 
ATOM   351  C C   . HIS A 1 47  ? 27.592  3.991   8.311   1.00 66.06  ? 47  HIS A C   1 
ATOM   352  O O   . HIS A 1 47  ? 28.426  4.060   7.402   1.00 62.64  ? 47  HIS A O   1 
ATOM   353  C CB  . HIS A 1 47  ? 27.901  1.613   9.107   1.00 68.44  ? 47  HIS A CB  1 
ATOM   354  C CG  . HIS A 1 47  ? 28.671  2.002   10.331  1.00 67.83  ? 47  HIS A CG  1 
ATOM   355  N ND1 . HIS A 1 47  ? 28.307  1.596   11.597  1.00 70.51  ? 47  HIS A ND1 1 
ATOM   356  C CD2 . HIS A 1 47  ? 29.795  2.742   10.480  1.00 66.55  ? 47  HIS A CD2 1 
ATOM   357  C CE1 . HIS A 1 47  ? 29.169  2.075   12.476  1.00 70.61  ? 47  HIS A CE1 1 
ATOM   358  N NE2 . HIS A 1 47  ? 30.080  2.775   11.824  1.00 69.88  ? 47  HIS A NE2 1 
ATOM   359  N N   . PHE A 1 48  ? 27.236  5.024   9.070   1.00 65.67  ? 48  PHE A N   1 
ATOM   360  C CA  . PHE A 1 48  ? 27.739  6.381   8.868   1.00 63.85  ? 48  PHE A CA  1 
ATOM   361  C C   . PHE A 1 48  ? 28.417  6.843   10.154  1.00 61.14  ? 48  PHE A C   1 
ATOM   362  O O   . PHE A 1 48  ? 27.842  6.700   11.241  1.00 56.88  ? 48  PHE A O   1 
ATOM   363  C CB  . PHE A 1 48  ? 26.573  7.305   8.498   1.00 63.91  ? 48  PHE A CB  1 
ATOM   364  C CG  . PHE A 1 48  ? 26.950  8.751   8.377   1.00 62.99  ? 48  PHE A CG  1 
ATOM   365  C CD1 . PHE A 1 48  ? 26.832  9.607   9.476   1.00 64.82  ? 48  PHE A CD1 1 
ATOM   366  C CD2 . PHE A 1 48  ? 27.409  9.267   7.171   1.00 61.79  ? 48  PHE A CD2 1 
ATOM   367  C CE1 . PHE A 1 48  ? 27.179  10.947  9.374   1.00 65.20  ? 48  PHE A CE1 1 
ATOM   368  C CE2 . PHE A 1 48  ? 27.749  10.609  7.058   1.00 62.41  ? 48  PHE A CE2 1 
ATOM   369  C CZ  . PHE A 1 48  ? 27.636  11.449  8.159   1.00 63.84  ? 48  PHE A CZ  1 
ATOM   370  N N   . VAL A 1 49  ? 29.632  7.390   10.014  1.00 59.03  ? 49  VAL A N   1 
ATOM   371  C CA  . VAL A 1 49  ? 30.408  7.927   11.138  1.00 57.90  ? 49  VAL A CA  1 
ATOM   372  C C   . VAL A 1 49  ? 30.373  9.456   11.114  1.00 56.66  ? 49  VAL A C   1 
ATOM   373  O O   . VAL A 1 49  ? 30.723  10.076  10.109  1.00 55.16  ? 49  VAL A O   1 
ATOM   374  C CB  . VAL A 1 49  ? 31.864  7.424   11.110  1.00 58.96  ? 49  VAL A CB  1 
ATOM   375  C CG1 . VAL A 1 49  ? 32.671  8.025   12.259  1.00 60.39  ? 49  VAL A CG1 1 
ATOM   376  C CG2 . VAL A 1 49  ? 31.893  5.900   11.183  1.00 59.13  ? 49  VAL A CG2 1 
ATOM   377  N N   . THR A 1 50  ? 29.984  10.036  12.250  1.00 57.14  ? 50  THR A N   1 
ATOM   378  C CA  . THR A 1 50  ? 29.629  11.450  12.375  1.00 57.94  ? 50  THR A CA  1 
ATOM   379  C C   . THR A 1 50  ? 30.767  12.413  12.034  1.00 60.46  ? 50  THR A C   1 
ATOM   380  O O   . THR A 1 50  ? 30.631  13.250  11.132  1.00 59.46  ? 50  THR A O   1 
ATOM   381  C CB  . THR A 1 50  ? 29.166  11.741  13.817  1.00 58.85  ? 50  THR A CB  1 
ATOM   382  O OG1 . THR A 1 50  ? 28.206  10.759  14.211  1.00 59.08  ? 50  THR A OG1 1 
ATOM   383  C CG2 . THR A 1 50  ? 28.543  13.123  13.942  1.00 62.03  ? 50  THR A CG2 1 
ATOM   384  N N   . GLY A 1 51  ? 31.878  12.285  12.760  1.00 62.52  ? 51  GLY A N   1 
ATOM   385  C CA  . GLY A 1 51  ? 33.014  13.203  12.645  1.00 63.61  ? 51  GLY A CA  1 
ATOM   386  C C   . GLY A 1 51  ? 33.743  13.151  11.318  1.00 65.28  ? 51  GLY A C   1 
ATOM   387  O O   . GLY A 1 51  ? 34.179  14.185  10.798  1.00 67.94  ? 51  GLY A O   1 
ATOM   388  N N   . THR A 1 52  ? 33.842  11.948  10.757  1.00 67.02  ? 52  THR A N   1 
ATOM   389  C CA  . THR A 1 52  ? 34.673  11.678  9.582   1.00 66.90  ? 52  THR A CA  1 
ATOM   390  C C   . THR A 1 52  ? 33.932  11.737  8.237   1.00 65.44  ? 52  THR A C   1 
ATOM   391  O O   . THR A 1 52  ? 34.585  11.718  7.201   1.00 64.13  ? 52  THR A O   1 
ATOM   392  C CB  . THR A 1 52  ? 35.352  10.292  9.707   1.00 68.05  ? 52  THR A CB  1 
ATOM   393  O OG1 . THR A 1 52  ? 34.380  9.258   9.516   1.00 70.70  ? 52  THR A OG1 1 
ATOM   394  C CG2 . THR A 1 52  ? 36.008  10.109  11.090  1.00 67.05  ? 52  THR A CG2 1 
ATOM   395  N N   . ASN A 1 53  ? 32.596  11.798  8.248   1.00 67.50  ? 53  ASN A N   1 
ATOM   396  C CA  . ASN A 1 53  ? 31.778  11.755  7.017   1.00 70.57  ? 53  ASN A CA  1 
ATOM   397  C C   . ASN A 1 53  ? 31.974  10.435  6.230   1.00 75.57  ? 53  ASN A C   1 
ATOM   398  O O   . ASN A 1 53  ? 31.842  10.416  4.999   1.00 79.11  ? 53  ASN A O   1 
ATOM   399  C CB  . ASN A 1 53  ? 32.076  12.988  6.120   1.00 69.14  ? 53  ASN A CB  1 
ATOM   400  C CG  . ASN A 1 53  ? 30.898  13.400  5.231   1.00 68.56  ? 53  ASN A CG  1 
ATOM   401  O OD1 . ASN A 1 53  ? 29.744  13.127  5.544   1.00 68.76  ? 53  ASN A OD1 1 
ATOM   402  N ND2 . ASN A 1 53  ? 31.195  14.088  4.125   1.00 67.62  ? 53  ASN A ND2 1 
ATOM   403  N N   . LYS A 1 54  ? 32.268  9.339   6.939   1.00 78.48  ? 54  LYS A N   1 
ATOM   404  C CA  . LYS A 1 54  ? 32.600  8.057   6.299   1.00 81.86  ? 54  LYS A CA  1 
ATOM   405  C C   . LYS A 1 54  ? 31.391  7.112   6.273   1.00 81.73  ? 54  LYS A C   1 
ATOM   406  O O   . LYS A 1 54  ? 30.824  6.777   7.325   1.00 77.84  ? 54  LYS A O   1 
ATOM   407  C CB  . LYS A 1 54  ? 33.801  7.384   6.993   1.00 86.95  ? 54  LYS A CB  1 
ATOM   408  C CG  . LYS A 1 54  ? 34.443  6.219   6.223   1.00 92.30  ? 54  LYS A CG  1 
ATOM   409  C CD  . LYS A 1 54  ? 35.224  6.675   4.984   1.00 97.16  ? 54  LYS A CD  1 
ATOM   410  C CE  . LYS A 1 54  ? 35.176  5.667   3.835   1.00 97.91  ? 54  LYS A CE  1 
ATOM   411  N NZ  . LYS A 1 54  ? 35.541  6.309   2.538   1.00 97.54  ? 54  LYS A NZ  1 
ATOM   412  N N   . THR A 1 55  ? 31.023  6.694   5.057   1.00 79.91  ? 55  THR A N   1 
ATOM   413  C CA  . THR A 1 55  ? 29.953  5.724   4.811   1.00 76.67  ? 55  THR A CA  1 
ATOM   414  C C   . THR A 1 55  ? 30.548  4.352   4.463   1.00 74.89  ? 55  THR A C   1 
ATOM   415  O O   . THR A 1 55  ? 31.568  4.274   3.774   1.00 74.29  ? 55  THR A O   1 
ATOM   416  C CB  . THR A 1 55  ? 29.057  6.190   3.644   1.00 73.99  ? 55  THR A CB  1 
ATOM   417  O OG1 . THR A 1 55  ? 28.735  7.578   3.803   1.00 69.75  ? 55  THR A OG1 1 
ATOM   418  C CG2 . THR A 1 55  ? 27.768  5.372   3.582   1.00 74.33  ? 55  THR A CG2 1 
ATOM   419  N N   . THR A 1 56  ? 29.921  3.282   4.958   1.00 74.21  ? 56  THR A N   1 
ATOM   420  C CA  . THR A 1 56  ? 30.273  1.904   4.583   1.00 73.38  ? 56  THR A CA  1 
ATOM   421  C C   . THR A 1 56  ? 29.006  1.073   4.420   1.00 71.22  ? 56  THR A C   1 
ATOM   422  O O   . THR A 1 56  ? 28.248  0.894   5.372   1.00 71.04  ? 56  THR A O   1 
ATOM   423  C CB  . THR A 1 56  ? 31.188  1.217   5.621   1.00 74.55  ? 56  THR A CB  1 
ATOM   424  O OG1 . THR A 1 56  ? 30.539  1.167   6.899   1.00 74.14  ? 56  THR A OG1 1 
ATOM   425  C CG2 . THR A 1 56  ? 32.514  1.958   5.751   1.00 76.87  ? 56  THR A CG2 1 
ATOM   426  N N   . THR A 1 57  ? 28.790  0.565   3.212   1.00 68.93  ? 57  THR A N   1 
ATOM   427  C CA  . THR A 1 57  ? 27.585  -0.183  2.896   1.00 65.27  ? 57  THR A CA  1 
ATOM   428  C C   . THR A 1 57  ? 27.714  -1.586  3.472   1.00 64.38  ? 57  THR A C   1 
ATOM   429  O O   . THR A 1 57  ? 28.744  -2.233  3.323   1.00 65.82  ? 57  THR A O   1 
ATOM   430  C CB  . THR A 1 57  ? 27.366  -0.270  1.379   1.00 65.21  ? 57  THR A CB  1 
ATOM   431  O OG1 . THR A 1 57  ? 28.488  -0.918  0.769   1.00 70.39  ? 57  THR A OG1 1 
ATOM   432  C CG2 . THR A 1 57  ? 27.227  1.114   0.775   1.00 65.47  ? 57  THR A CG2 1 
ATOM   433  N N   . GLY A 1 58  ? 26.666  -2.044  4.139   1.00 64.74  ? 58  GLY A N   1 
ATOM   434  C CA  . GLY A 1 58  ? 26.648  -3.363  4.745   1.00 63.03  ? 58  GLY A CA  1 
ATOM   435  C C   . GLY A 1 58  ? 26.238  -4.437  3.754   1.00 61.20  ? 58  GLY A C   1 
ATOM   436  O O   . GLY A 1 58  ? 26.166  -4.171  2.554   1.00 56.63  ? 58  GLY A O   1 
ATOM   437  N N   . PRO A 1 59  ? 25.974  -5.663  4.255   1.00 63.98  ? 59  PRO A N   1 
ATOM   438  C CA  . PRO A 1 59  ? 25.503  -6.780  3.427   1.00 65.06  ? 59  PRO A CA  1 
ATOM   439  C C   . PRO A 1 59  ? 24.093  -6.606  2.849   1.00 63.62  ? 59  PRO A C   1 
ATOM   440  O O   . PRO A 1 59  ? 23.802  -7.157  1.788   1.00 68.74  ? 59  PRO A O   1 
ATOM   441  C CB  . PRO A 1 59  ? 25.520  -7.988  4.383   1.00 66.76  ? 59  PRO A CB  1 
ATOM   442  C CG  . PRO A 1 59  ? 26.210  -7.549  5.624   1.00 67.03  ? 59  PRO A CG  1 
ATOM   443  C CD  . PRO A 1 59  ? 26.128  -6.058  5.670   1.00 67.25  ? 59  PRO A CD  1 
ATOM   444  N N   . ALA A 1 60  ? 23.229  -5.870  3.543   1.00 58.99  ? 60  ALA A N   1 
ATOM   445  C CA  . ALA A 1 60  ? 21.870  -5.635  3.067   1.00 56.97  ? 60  ALA A CA  1 
ATOM   446  C C   . ALA A 1 60  ? 21.732  -4.502  2.039   1.00 57.01  ? 60  ALA A C   1 
ATOM   447  O O   . ALA A 1 60  ? 20.620  -4.251  1.588   1.00 59.60  ? 60  ALA A O   1 
ATOM   448  C CB  . ALA A 1 60  ? 20.945  -5.376  4.245   1.00 56.94  ? 60  ALA A CB  1 
ATOM   449  N N   . HIS A 1 61  ? 22.817  -3.817  1.662   1.00 56.72  ? 61  HIS A N   1 
ATOM   450  C CA  . HIS A 1 61  ? 22.719  -2.742  0.656   1.00 57.61  ? 61  HIS A CA  1 
ATOM   451  C C   . HIS A 1 61  ? 22.375  -3.330  -0.702  1.00 55.37  ? 61  HIS A C   1 
ATOM   452  O O   . HIS A 1 61  ? 22.811  -4.435  -1.018  1.00 55.57  ? 61  HIS A O   1 
ATOM   453  C CB  . HIS A 1 61  ? 24.019  -1.933  0.552   1.00 60.73  ? 61  HIS A CB  1 
ATOM   454  C CG  . HIS A 1 61  ? 23.831  -0.541  0.015   1.00 63.67  ? 61  HIS A CG  1 
ATOM   455  N ND1 . HIS A 1 61  ? 24.302  -0.146  -1.221  1.00 64.78  ? 61  HIS A ND1 1 
ATOM   456  C CD2 . HIS A 1 61  ? 23.244  0.554   0.561   1.00 64.27  ? 61  HIS A CD2 1 
ATOM   457  C CE1 . HIS A 1 61  ? 24.002  1.128   -1.418  1.00 66.14  ? 61  HIS A CE1 1 
ATOM   458  N NE2 . HIS A 1 61  ? 23.361  1.576   -0.351  1.00 65.00  ? 61  HIS A NE2 1 
ATOM   459  N N   . SER A 1 62  ? 21.590  -2.585  -1.483  1.00 54.27  ? 62  SER A N   1 
ATOM   460  C CA  . SER A 1 62  ? 21.119  -3.010  -2.810  1.00 52.98  ? 62  SER A CA  1 
ATOM   461  C C   . SER A 1 62  ? 21.358  -1.940  -3.901  1.00 55.20  ? 62  SER A C   1 
ATOM   462  O O   . SER A 1 62  ? 20.763  -1.986  -4.972  1.00 58.03  ? 62  SER A O   1 
ATOM   463  C CB  . SER A 1 62  ? 19.637  -3.361  -2.719  1.00 48.83  ? 62  SER A CB  1 
ATOM   464  O OG  . SER A 1 62  ? 18.897  -2.230  -2.308  1.00 46.89  ? 62  SER A OG  1 
ATOM   465  N N   . GLY A 1 63  ? 22.257  -1.001  -3.637  1.00 57.91  ? 63  GLY A N   1 
ATOM   466  C CA  . GLY A 1 63  ? 22.539  0.104   -4.551  1.00 59.79  ? 63  GLY A CA  1 
ATOM   467  C C   . GLY A 1 63  ? 21.431  1.131   -4.711  1.00 60.70  ? 63  GLY A C   1 
ATOM   468  O O   . GLY A 1 63  ? 21.458  1.906   -5.664  1.00 66.31  ? 63  GLY A O   1 
ATOM   469  N N   . ARG A 1 64  ? 20.462  1.139   -3.792  1.00 60.36  ? 64  ARG A N   1 
ATOM   470  C CA  . ARG A 1 64  ? 19.332  2.081   -3.820  1.00 59.61  ? 64  ARG A CA  1 
ATOM   471  C C   . ARG A 1 64  ? 19.238  3.013   -2.601  1.00 59.56  ? 64  ARG A C   1 
ATOM   472  O O   . ARG A 1 64  ? 18.571  4.050   -2.671  1.00 59.73  ? 64  ARG A O   1 
ATOM   473  C CB  . ARG A 1 64  ? 18.032  1.294   -3.930  1.00 59.17  ? 64  ARG A CB  1 
ATOM   474  C CG  . ARG A 1 64  ? 17.966  0.369   -5.136  1.00 59.32  ? 64  ARG A CG  1 
ATOM   475  C CD  . ARG A 1 64  ? 16.684  -0.437  -5.122  1.00 59.64  ? 64  ARG A CD  1 
ATOM   476  N NE  . ARG A 1 64  ? 16.672  -1.409  -4.029  1.00 61.61  ? 64  ARG A NE  1 
ATOM   477  C CZ  . ARG A 1 64  ? 15.584  -1.933  -3.458  1.00 61.07  ? 64  ARG A CZ  1 
ATOM   478  N NH1 . ARG A 1 64  ? 14.354  -1.590  -3.842  1.00 62.16  ? 64  ARG A NH1 1 
ATOM   479  N NH2 . ARG A 1 64  ? 15.731  -2.811  -2.474  1.00 60.16  ? 64  ARG A NH2 1 
ATOM   480  N N   . GLU A 1 65  ? 19.917  2.653   -1.509  1.00 59.05  ? 65  GLU A N   1 
ATOM   481  C CA  . GLU A 1 65  ? 19.744  3.283   -0.207  1.00 57.76  ? 65  GLU A CA  1 
ATOM   482  C C   . GLU A 1 65  ? 20.784  4.371   -0.007  1.00 55.46  ? 65  GLU A C   1 
ATOM   483  O O   . GLU A 1 65  ? 21.971  4.098   -0.149  1.00 57.71  ? 65  GLU A O   1 
ATOM   484  C CB  . GLU A 1 65  ? 19.897  2.239   0.901   1.00 58.99  ? 65  GLU A CB  1 
ATOM   485  C CG  . GLU A 1 65  ? 18.886  1.094   0.829   1.00 60.23  ? 65  GLU A CG  1 
ATOM   486  C CD  . GLU A 1 65  ? 19.342  -0.140  0.052   1.00 57.46  ? 65  GLU A CD  1 
ATOM   487  O OE1 . GLU A 1 65  ? 18.655  -1.175  0.155   1.00 54.82  ? 65  GLU A OE1 1 
ATOM   488  O OE2 . GLU A 1 65  ? 20.361  -0.101  -0.666  1.00 56.26  ? 65  GLU A OE2 1 
ATOM   489  N N   . THR A 1 66  ? 20.336  5.581   0.333   1.00 51.79  ? 66  THR A N   1 
ATOM   490  C CA  . THR A 1 66  ? 21.209  6.732   0.572   1.00 50.70  ? 66  THR A CA  1 
ATOM   491  C C   . THR A 1 66  ? 20.983  7.243   1.981   1.00 51.43  ? 66  THR A C   1 
ATOM   492  O O   . THR A 1 66  ? 19.843  7.543   2.333   1.00 52.84  ? 66  THR A O   1 
ATOM   493  C CB  . THR A 1 66  ? 20.873  7.880   -0.397  1.00 50.04  ? 66  THR A CB  1 
ATOM   494  O OG1 . THR A 1 66  ? 21.127  7.462   -1.741  1.00 50.23  ? 66  THR A OG1 1 
ATOM   495  C CG2 . THR A 1 66  ? 21.698  9.130   -0.094  1.00 49.57  ? 66  THR A CG2 1 
ATOM   496  N N   . VAL A 1 67  ? 22.059  7.380   2.764   1.00 51.76  ? 67  VAL A N   1 
ATOM   497  C CA  . VAL A 1 67  ? 21.964  7.903   4.141   1.00 51.06  ? 67  VAL A CA  1 
ATOM   498  C C   . VAL A 1 67  ? 22.384  9.346   4.173   1.00 49.84  ? 67  VAL A C   1 
ATOM   499  O O   . VAL A 1 67  ? 23.363  9.718   3.538   1.00 50.89  ? 67  VAL A O   1 
ATOM   500  C CB  . VAL A 1 67  ? 22.916  7.240   5.153   1.00 53.73  ? 67  VAL A CB  1 
ATOM   501  C CG1 . VAL A 1 67  ? 22.321  7.322   6.553   1.00 54.22  ? 67  VAL A CG1 1 
ATOM   502  C CG2 . VAL A 1 67  ? 23.204  5.803   4.789   1.00 58.18  ? 67  VAL A CG2 1 
ATOM   503  N N   . TYR A 1 68  ? 21.672  10.137  4.961   1.00 48.90  ? 68  TYR A N   1 
ATOM   504  C CA  . TYR A 1 68  ? 22.049  11.504  5.230   1.00 48.17  ? 68  TYR A CA  1 
ATOM   505  C C   . TYR A 1 68  ? 22.549  11.594  6.661   1.00 47.39  ? 68  TYR A C   1 
ATOM   506  O O   . TYR A 1 68  ? 22.136  10.813  7.530   1.00 45.18  ? 68  TYR A O   1 
ATOM   507  C CB  . TYR A 1 68  ? 20.855  12.422  4.999   1.00 49.71  ? 68  TYR A CB  1 
ATOM   508  C CG  . TYR A 1 68  ? 20.278  12.264  3.616   1.00 51.34  ? 68  TYR A CG  1 
ATOM   509  C CD1 . TYR A 1 68  ? 20.974  12.716  2.489   1.00 51.46  ? 68  TYR A CD1 1 
ATOM   510  C CD2 . TYR A 1 68  ? 19.053  11.626  3.420   1.00 52.97  ? 68  TYR A CD2 1 
ATOM   511  C CE1 . TYR A 1 68  ? 20.457  12.553  1.210   1.00 50.91  ? 68  TYR A CE1 1 
ATOM   512  C CE2 . TYR A 1 68  ? 18.528  11.462  2.144   1.00 53.23  ? 68  TYR A CE2 1 
ATOM   513  C CZ  . TYR A 1 68  ? 19.230  11.927  1.047   1.00 51.40  ? 68  TYR A CZ  1 
ATOM   514  O OH  . TYR A 1 68  ? 18.694  11.762  -0.199  1.00 50.17  ? 68  TYR A OH  1 
ATOM   515  N N   . SER A 1 69  ? 23.447  12.555  6.887   1.00 48.25  ? 69  SER A N   1 
ATOM   516  C CA  . SER A 1 69  ? 24.008  12.851  8.208   1.00 47.30  ? 69  SER A CA  1 
ATOM   517  C C   . SER A 1 69  ? 22.955  13.172  9.270   1.00 49.01  ? 69  SER A C   1 
ATOM   518  O O   . SER A 1 69  ? 23.193  12.930  10.453  1.00 50.07  ? 69  SER A O   1 
ATOM   519  C CB  . SER A 1 69  ? 24.997  14.007  8.107   1.00 46.48  ? 69  SER A CB  1 
ATOM   520  O OG  . SER A 1 69  ? 24.412  15.127  7.470   1.00 46.12  ? 69  SER A OG  1 
ATOM   521  N N   . ASN A 1 70  ? 21.793  13.685  8.852   1.00 49.67  ? 70  ASN A N   1 
ATOM   522  C CA  . ASN A 1 70  ? 20.671  13.929  9.769   1.00 50.68  ? 70  ASN A CA  1 
ATOM   523  C C   . ASN A 1 70  ? 19.878  12.663  10.151  1.00 50.44  ? 70  ASN A C   1 
ATOM   524  O O   . ASN A 1 70  ? 18.773  12.776  10.704  1.00 52.30  ? 70  ASN A O   1 
ATOM   525  C CB  . ASN A 1 70  ? 19.743  15.040  9.215   1.00 52.63  ? 70  ASN A CB  1 
ATOM   526  C CG  . ASN A 1 70  ? 18.878  14.591  8.037   1.00 54.34  ? 70  ASN A CG  1 
ATOM   527  O OD1 . ASN A 1 70  ? 19.096  13.533  7.439   1.00 55.76  ? 70  ASN A OD1 1 
ATOM   528  N ND2 . ASN A 1 70  ? 17.884  15.422  7.698   1.00 52.68  ? 70  ASN A ND2 1 
ATOM   529  N N   . GLY A 1 71  ? 20.424  11.480  9.834   1.00 49.36  ? 71  GLY A N   1 
ATOM   530  C CA  . GLY A 1 71  ? 19.863  10.187  10.245  1.00 49.48  ? 71  GLY A CA  1 
ATOM   531  C C   . GLY A 1 71  ? 18.939  9.528   9.234   1.00 48.76  ? 71  GLY A C   1 
ATOM   532  O O   . GLY A 1 71  ? 18.732  8.316   9.272   1.00 46.70  ? 71  GLY A O   1 
ATOM   533  N N   . SER A 1 72  ? 18.392  10.323  8.321   1.00 49.02  ? 72  SER A N   1 
ATOM   534  C CA  . SER A 1 72  ? 17.327  9.864   7.457   1.00 48.74  ? 72  SER A CA  1 
ATOM   535  C C   . SER A 1 72  ? 17.895  9.071   6.293   1.00 49.15  ? 72  SER A C   1 
ATOM   536  O O   . SER A 1 72  ? 18.963  9.393   5.789   1.00 50.50  ? 72  SER A O   1 
ATOM   537  C CB  . SER A 1 72  ? 16.500  11.055  6.982   1.00 48.02  ? 72  SER A CB  1 
ATOM   538  O OG  . SER A 1 72  ? 16.012  11.783  8.106   1.00 47.32  ? 72  SER A OG  1 
ATOM   539  N N   . LEU A 1 73  ? 17.180  8.016   5.903   1.00 50.23  ? 73  LEU A N   1 
ATOM   540  C CA  . LEU A 1 73  ? 17.576  7.126   4.812   1.00 49.46  ? 73  LEU A CA  1 
ATOM   541  C C   . LEU A 1 73  ? 16.575  7.228   3.692   1.00 48.30  ? 73  LEU A C   1 
ATOM   542  O O   . LEU A 1 73  ? 15.376  7.074   3.920   1.00 49.81  ? 73  LEU A O   1 
ATOM   543  C CB  . LEU A 1 73  ? 17.602  5.679   5.296   1.00 50.63  ? 73  LEU A CB  1 
ATOM   544  C CG  . LEU A 1 73  ? 18.169  4.615   4.353   1.00 50.73  ? 73  LEU A CG  1 
ATOM   545  C CD1 . LEU A 1 73  ? 19.686  4.678   4.309   1.00 49.69  ? 73  LEU A CD1 1 
ATOM   546  C CD2 . LEU A 1 73  ? 17.720  3.237   4.811   1.00 52.12  ? 73  LEU A CD2 1 
ATOM   547  N N   . LEU A 1 74  ? 17.071  7.475   2.486   1.00 49.14  ? 74  LEU A N   1 
ATOM   548  C CA  . LEU A 1 74  ? 16.245  7.448   1.278   1.00 52.27  ? 74  LEU A CA  1 
ATOM   549  C C   . LEU A 1 74  ? 16.427  6.107   0.578   1.00 53.08  ? 74  LEU A C   1 
ATOM   550  O O   . LEU A 1 74  ? 17.545  5.759   0.212   1.00 55.60  ? 74  LEU A O   1 
ATOM   551  C CB  . LEU A 1 74  ? 16.634  8.587   0.325   1.00 53.25  ? 74  LEU A CB  1 
ATOM   552  C CG  . LEU A 1 74  ? 16.172  8.499   -1.139  1.00 53.37  ? 74  LEU A CG  1 
ATOM   553  C CD1 . LEU A 1 74  ? 14.660  8.582   -1.235  1.00 54.36  ? 74  LEU A CD1 1 
ATOM   554  C CD2 . LEU A 1 74  ? 16.824  9.584   -1.979  1.00 53.82  ? 74  LEU A CD2 1 
ATOM   555  N N   . ILE A 1 75  ? 15.336  5.366   0.395   1.00 54.40  ? 75  ILE A N   1 
ATOM   556  C CA  . ILE A 1 75  ? 15.330  4.180   -0.458  1.00 55.82  ? 75  ILE A CA  1 
ATOM   557  C C   . ILE A 1 75  ? 14.581  4.534   -1.735  1.00 56.73  ? 75  ILE A C   1 
ATOM   558  O O   . ILE A 1 75  ? 13.417  4.925   -1.682  1.00 58.86  ? 75  ILE A O   1 
ATOM   559  C CB  . ILE A 1 75  ? 14.628  2.982   0.199   1.00 55.97  ? 75  ILE A CB  1 
ATOM   560  C CG1 . ILE A 1 75  ? 15.250  2.665   1.564   1.00 57.46  ? 75  ILE A CG1 1 
ATOM   561  C CG2 . ILE A 1 75  ? 14.695  1.766   -0.723  1.00 56.45  ? 75  ILE A CG2 1 
ATOM   562  C CD1 . ILE A 1 75  ? 14.394  1.764   2.439   1.00 58.55  ? 75  ILE A CD1 1 
ATOM   563  N N   . GLN A 1 76  ? 15.252  4.390   -2.874  1.00 56.70  ? 76  GLN A N   1 
ATOM   564  C CA  . GLN A 1 76  ? 14.666  4.696   -4.171  1.00 57.43  ? 76  GLN A CA  1 
ATOM   565  C C   . GLN A 1 76  ? 14.242  3.430   -4.892  1.00 61.76  ? 76  GLN A C   1 
ATOM   566  O O   . GLN A 1 76  ? 14.854  2.376   -4.723  1.00 64.07  ? 76  GLN A O   1 
ATOM   567  C CB  . GLN A 1 76  ? 15.680  5.420   -5.045  1.00 55.60  ? 76  GLN A CB  1 
ATOM   568  C CG  . GLN A 1 76  ? 15.935  6.856   -4.647  1.00 54.16  ? 76  GLN A CG  1 
ATOM   569  C CD  . GLN A 1 76  ? 17.098  7.434   -5.411  1.00 51.14  ? 76  GLN A CD  1 
ATOM   570  O OE1 . GLN A 1 76  ? 18.226  7.004   -5.244  1.00 51.82  ? 76  GLN A OE1 1 
ATOM   571  N NE2 . GLN A 1 76  ? 16.826  8.397   -6.262  1.00 50.12  ? 76  GLN A NE2 1 
ATOM   572  N N   . ARG A 1 77  ? 13.202  3.551   -5.710  1.00 64.47  ? 77  ARG A N   1 
ATOM   573  C CA  . ARG A 1 77  ? 12.804  2.494   -6.632  1.00 66.17  ? 77  ARG A CA  1 
ATOM   574  C C   . ARG A 1 77  ? 12.488  1.218   -5.849  1.00 60.99  ? 77  ARG A C   1 
ATOM   575  O O   . ARG A 1 77  ? 13.159  0.201   -5.978  1.00 58.72  ? 77  ARG A O   1 
ATOM   576  C CB  . ARG A 1 77  ? 13.885  2.298   -7.726  1.00 71.60  ? 77  ARG A CB  1 
ATOM   577  C CG  . ARG A 1 77  ? 13.324  1.930   -9.100  1.00 78.39  ? 77  ARG A CG  1 
ATOM   578  C CD  . ARG A 1 77  ? 14.290  2.206   -10.250 1.00 82.51  ? 77  ARG A CD  1 
ATOM   579  N NE  . ARG A 1 77  ? 13.583  2.456   -11.516 1.00 88.48  ? 77  ARG A NE  1 
ATOM   580  C CZ  . ARG A 1 77  ? 12.964  3.597   -11.852 1.00 92.24  ? 77  ARG A CZ  1 
ATOM   581  N NH1 . ARG A 1 77  ? 12.915  4.638   -11.018 1.00 95.44  ? 77  ARG A NH1 1 
ATOM   582  N NH2 . ARG A 1 77  ? 12.361  3.696   -13.037 1.00 90.63  ? 77  ARG A NH2 1 
ATOM   583  N N   . VAL A 1 78  ? 11.460  1.318   -5.015  1.00 59.17  ? 78  VAL A N   1 
ATOM   584  C CA  . VAL A 1 78  ? 11.066  0.235   -4.103  1.00 60.69  ? 78  VAL A CA  1 
ATOM   585  C C   . VAL A 1 78  ? 10.402  -0.957  -4.797  1.00 59.89  ? 78  VAL A C   1 
ATOM   586  O O   . VAL A 1 78  ? 9.972   -0.863  -5.948  1.00 56.25  ? 78  VAL A O   1 
ATOM   587  C CB  . VAL A 1 78  ? 10.128  0.730   -2.962  1.00 62.47  ? 78  VAL A CB  1 
ATOM   588  C CG1 . VAL A 1 78  ? 10.909  1.525   -1.925  1.00 63.55  ? 78  VAL A CG1 1 
ATOM   589  C CG2 . VAL A 1 78  ? 8.949   1.542   -3.497  1.00 62.57  ? 78  VAL A CG2 1 
ATOM   590  N N   . THR A 1 79  ? 10.349  -2.071  -4.060  1.00 62.41  ? 79  THR A N   1 
ATOM   591  C CA  . THR A 1 79  ? 9.661   -3.307  -4.455  1.00 64.55  ? 79  THR A CA  1 
ATOM   592  C C   . THR A 1 79  ? 8.824   -3.787  -3.290  1.00 64.89  ? 79  THR A C   1 
ATOM   593  O O   . THR A 1 79  ? 9.104   -3.434  -2.155  1.00 65.26  ? 79  THR A O   1 
ATOM   594  C CB  . THR A 1 79  ? 10.655  -4.453  -4.736  1.00 65.91  ? 79  THR A CB  1 
ATOM   595  O OG1 . THR A 1 79  ? 11.901  -3.921  -5.189  1.00 65.79  ? 79  THR A OG1 1 
ATOM   596  C CG2 . THR A 1 79  ? 10.087  -5.435  -5.772  1.00 67.80  ? 79  THR A CG2 1 
ATOM   597  N N   . VAL A 1 80  ? 7.854   -4.656  -3.557  1.00 66.57  ? 80  VAL A N   1 
ATOM   598  C CA  . VAL A 1 80  ? 7.044   -5.267  -2.484  1.00 67.89  ? 80  VAL A CA  1 
ATOM   599  C C   . VAL A 1 80  ? 7.906   -6.026  -1.441  1.00 68.15  ? 80  VAL A C   1 
ATOM   600  O O   . VAL A 1 80  ? 7.521   -6.155  -0.273  1.00 66.90  ? 80  VAL A O   1 
ATOM   601  C CB  . VAL A 1 80  ? 5.924   -6.184  -3.057  1.00 67.61  ? 80  VAL A CB  1 
ATOM   602  C CG1 . VAL A 1 80  ? 5.037   -6.735  -1.931  1.00 68.63  ? 80  VAL A CG1 1 
ATOM   603  C CG2 . VAL A 1 80  ? 5.083   -5.426  -4.091  1.00 66.23  ? 80  VAL A CG2 1 
ATOM   604  N N   . LYS A 1 81  ? 9.080   -6.491  -1.862  1.00 68.93  ? 81  LYS A N   1 
ATOM   605  C CA  . LYS A 1 81  ? 10.028  -7.184  -0.980  1.00 67.66  ? 81  LYS A CA  1 
ATOM   606  C C   . LYS A 1 81  ? 10.639  -6.242  0.077   1.00 63.11  ? 81  LYS A C   1 
ATOM   607  O O   . LYS A 1 81  ? 11.019  -6.683  1.161   1.00 60.91  ? 81  LYS A O   1 
ATOM   608  C CB  . LYS A 1 81  ? 11.148  -7.840  -1.807  1.00 71.61  ? 81  LYS A CB  1 
ATOM   609  C CG  . LYS A 1 81  ? 10.695  -8.693  -3.001  1.00 74.68  ? 81  LYS A CG  1 
ATOM   610  C CD  . LYS A 1 81  ? 10.049  -10.008 -2.581  1.00 76.70  ? 81  LYS A CD  1 
ATOM   611  C CE  . LYS A 1 81  ? 11.084  -11.114 -2.408  1.00 78.92  ? 81  LYS A CE  1 
ATOM   612  N NZ  . LYS A 1 81  ? 10.586  -12.228 -1.553  1.00 79.98  ? 81  LYS A NZ  1 
ATOM   613  N N   . ASP A 1 82  ? 10.731  -4.950  -0.249  1.00 59.50  ? 82  ASP A N   1 
ATOM   614  C CA  . ASP A 1 82  ? 11.179  -3.926  0.707   1.00 56.59  ? 82  ASP A CA  1 
ATOM   615  C C   . ASP A 1 82  ? 10.200  -3.639  1.835   1.00 54.14  ? 82  ASP A C   1 
ATOM   616  O O   . ASP A 1 82  ? 10.578  -3.001  2.816   1.00 55.52  ? 82  ASP A O   1 
ATOM   617  C CB  . ASP A 1 82  ? 11.484  -2.601  0.006   1.00 55.60  ? 82  ASP A CB  1 
ATOM   618  C CG  . ASP A 1 82  ? 12.642  -2.697  -0.939  1.00 55.99  ? 82  ASP A CG  1 
ATOM   619  O OD1 . ASP A 1 82  ? 13.464  -3.624  -0.793  1.00 57.85  ? 82  ASP A OD1 1 
ATOM   620  O OD2 . ASP A 1 82  ? 12.740  -1.834  -1.833  1.00 54.74  ? 82  ASP A OD2 1 
ATOM   621  N N   . THR A 1 83  ? 8.949   -4.078  1.703   1.00 52.00  ? 83  THR A N   1 
ATOM   622  C CA  . THR A 1 83  ? 7.978   -3.950  2.786   1.00 50.78  ? 83  THR A CA  1 
ATOM   623  C C   . THR A 1 83  ? 8.583   -4.508  4.062   1.00 49.68  ? 83  THR A C   1 
ATOM   624  O O   . THR A 1 83  ? 9.384   -5.438  4.015   1.00 50.94  ? 83  THR A O   1 
ATOM   625  C CB  . THR A 1 83  ? 6.657   -4.688  2.463   1.00 50.64  ? 83  THR A CB  1 
ATOM   626  O OG1 . THR A 1 83  ? 6.081   -4.146  1.270   1.00 50.82  ? 83  THR A OG1 1 
ATOM   627  C CG2 . THR A 1 83  ? 5.636   -4.567  3.604   1.00 50.88  ? 83  THR A CG2 1 
ATOM   628  N N   . GLY A 1 84  ? 8.232   -3.902  5.186   1.00 51.21  ? 84  GLY A N   1 
ATOM   629  C CA  . GLY A 1 84  ? 8.635   -4.408  6.487   1.00 53.86  ? 84  GLY A CA  1 
ATOM   630  C C   . GLY A 1 84  ? 9.154   -3.318  7.389   1.00 54.19  ? 84  GLY A C   1 
ATOM   631  O O   . GLY A 1 84  ? 8.924   -2.136  7.142   1.00 54.90  ? 84  GLY A O   1 
ATOM   632  N N   . VAL A 1 85  ? 9.874   -3.739  8.422   1.00 54.06  ? 85  VAL A N   1 
ATOM   633  C CA  . VAL A 1 85  ? 10.350  -2.843  9.477   1.00 52.94  ? 85  VAL A CA  1 
ATOM   634  C C   . VAL A 1 85  ? 11.855  -2.592  9.276   1.00 51.93  ? 85  VAL A C   1 
ATOM   635  O O   . VAL A 1 85  ? 12.566  -3.426  8.732   1.00 51.58  ? 85  VAL A O   1 
ATOM   636  C CB  . VAL A 1 85  ? 9.960   -3.359  10.900  1.00 52.29  ? 85  VAL A CB  1 
ATOM   637  C CG1 . VAL A 1 85  ? 10.113  -4.872  11.029  1.00 54.14  ? 85  VAL A CG1 1 
ATOM   638  C CG2 . VAL A 1 85  ? 10.729  -2.634  12.004  1.00 51.82  ? 85  VAL A CG2 1 
ATOM   639  N N   . TYR A 1 86  ? 12.304  -1.398  9.648   1.00 51.46  ? 86  TYR A N   1 
ATOM   640  C CA  . TYR A 1 86  ? 13.695  -0.995  9.542   1.00 48.84  ? 86  TYR A CA  1 
ATOM   641  C C   . TYR A 1 86  ? 14.070  -0.336  10.837  1.00 48.58  ? 86  TYR A C   1 
ATOM   642  O O   . TYR A 1 86  ? 13.226  0.287   11.483  1.00 47.18  ? 86  TYR A O   1 
ATOM   643  C CB  . TYR A 1 86  ? 13.855  -0.007  8.409   1.00 49.59  ? 86  TYR A CB  1 
ATOM   644  C CG  . TYR A 1 86  ? 13.698  -0.628  7.047   1.00 51.79  ? 86  TYR A CG  1 
ATOM   645  C CD1 . TYR A 1 86  ? 12.437  -0.917  6.524   1.00 52.76  ? 86  TYR A CD1 1 
ATOM   646  C CD2 . TYR A 1 86  ? 14.812  -0.923  6.271   1.00 53.04  ? 86  TYR A CD2 1 
ATOM   647  C CE1 . TYR A 1 86  ? 12.292  -1.489  5.266   1.00 54.80  ? 86  TYR A CE1 1 
ATOM   648  C CE2 . TYR A 1 86  ? 14.684  -1.492  5.016   1.00 55.22  ? 86  TYR A CE2 1 
ATOM   649  C CZ  . TYR A 1 86  ? 13.426  -1.774  4.507   1.00 56.77  ? 86  TYR A CZ  1 
ATOM   650  O OH  . TYR A 1 86  ? 13.321  -2.335  3.242   1.00 58.27  ? 86  TYR A OH  1 
ATOM   651  N N   . THR A 1 87  ? 15.335  -0.479  11.217  1.00 51.14  ? 87  THR A N   1 
ATOM   652  C CA  . THR A 1 87  ? 15.831  0.023   12.498  1.00 52.00  ? 87  THR A CA  1 
ATOM   653  C C   . THR A 1 87  ? 17.073  0.880   12.296  1.00 50.53  ? 87  THR A C   1 
ATOM   654  O O   . THR A 1 87  ? 17.948  0.533   11.501  1.00 48.20  ? 87  THR A O   1 
ATOM   655  C CB  . THR A 1 87  ? 16.183  -1.134  13.462  1.00 52.52  ? 87  THR A CB  1 
ATOM   656  O OG1 . THR A 1 87  ? 15.062  -2.013  13.594  1.00 54.18  ? 87  THR A OG1 1 
ATOM   657  C CG2 . THR A 1 87  ? 16.553  -0.606  14.844  1.00 52.94  ? 87  THR A CG2 1 
ATOM   658  N N   . ILE A 1 88  ? 17.131  2.001   13.014  1.00 50.26  ? 88  ILE A N   1 
ATOM   659  C CA  . ILE A 1 88  ? 18.369  2.759   13.163  1.00 49.64  ? 88  ILE A CA  1 
ATOM   660  C C   . ILE A 1 88  ? 18.921  2.528   14.571  1.00 51.35  ? 88  ILE A C   1 
ATOM   661  O O   . ILE A 1 88  ? 18.201  2.669   15.573  1.00 48.12  ? 88  ILE A O   1 
ATOM   662  C CB  . ILE A 1 88  ? 18.211  4.268   12.839  1.00 48.08  ? 88  ILE A CB  1 
ATOM   663  C CG1 . ILE A 1 88  ? 19.592  4.919   12.703  1.00 48.51  ? 88  ILE A CG1 1 
ATOM   664  C CG2 . ILE A 1 88  ? 17.378  5.009   13.875  1.00 47.03  ? 88  ILE A CG2 1 
ATOM   665  C CD1 . ILE A 1 88  ? 19.554  6.346   12.200  1.00 49.65  ? 88  ILE A CD1 1 
ATOM   666  N N   . GLU A 1 89  ? 20.195  2.127   14.618  1.00 54.22  ? 89  GLU A N   1 
ATOM   667  C CA  . GLU A 1 89  ? 20.942  1.979   15.860  1.00 55.21  ? 89  GLU A CA  1 
ATOM   668  C C   . GLU A 1 89  ? 21.959  3.108   15.936  1.00 55.74  ? 89  GLU A C   1 
ATOM   669  O O   . GLU A 1 89  ? 22.754  3.295   15.002  1.00 52.05  ? 89  GLU A O   1 
ATOM   670  C CB  . GLU A 1 89  ? 21.661  0.637   15.899  1.00 56.70  ? 89  GLU A CB  1 
ATOM   671  C CG  . GLU A 1 89  ? 22.041  0.168   17.300  1.00 56.42  ? 89  GLU A CG  1 
ATOM   672  C CD  . GLU A 1 89  ? 23.189  -0.821  17.300  1.00 54.85  ? 89  GLU A CD  1 
ATOM   673  O OE1 . GLU A 1 89  ? 23.181  -1.740  18.145  1.00 51.92  ? 89  GLU A OE1 1 
ATOM   674  O OE2 . GLU A 1 89  ? 24.101  -0.669  16.455  1.00 54.76  ? 89  GLU A OE2 1 
ATOM   675  N N   . MET A 1 90  ? 21.935  3.831   17.060  1.00 57.28  ? 90  MET A N   1 
ATOM   676  C CA  . MET A 1 90  ? 22.721  5.051   17.256  1.00 56.36  ? 90  MET A CA  1 
ATOM   677  C C   . MET A 1 90  ? 23.680  4.873   18.423  1.00 57.06  ? 90  MET A C   1 
ATOM   678  O O   . MET A 1 90  ? 23.245  4.560   19.531  1.00 57.48  ? 90  MET A O   1 
ATOM   679  C CB  . MET A 1 90  ? 21.790  6.218   17.575  1.00 53.53  ? 90  MET A CB  1 
ATOM   680  C CG  . MET A 1 90  ? 20.802  6.557   16.474  1.00 51.35  ? 90  MET A CG  1 
ATOM   681  S SD  . MET A 1 90  ? 19.313  7.353   17.104  1.00 50.90  ? 90  MET A SD  1 
ATOM   682  C CE  . MET A 1 90  ? 18.496  6.006   17.956  1.00 50.81  ? 90  MET A CE  1 
ATOM   683  N N   . THR A 1 91  ? 24.972  5.081   18.165  1.00 56.69  ? 91  THR A N   1 
ATOM   684  C CA  . THR A 1 91  ? 26.003  5.089   19.205  1.00 55.00  ? 91  THR A CA  1 
ATOM   685  C C   . THR A 1 91  ? 26.336  6.539   19.550  1.00 52.84  ? 91  THR A C   1 
ATOM   686  O O   . THR A 1 91  ? 26.650  7.324   18.652  1.00 50.32  ? 91  THR A O   1 
ATOM   687  C CB  . THR A 1 91  ? 27.284  4.384   18.728  1.00 55.82  ? 91  THR A CB  1 
ATOM   688  O OG1 . THR A 1 91  ? 26.955  3.082   18.245  1.00 55.95  ? 91  THR A OG1 1 
ATOM   689  C CG2 . THR A 1 91  ? 28.287  4.244   19.865  1.00 57.87  ? 91  THR A CG2 1 
ATOM   690  N N   . ASP A 1 92  ? 26.291  6.878   20.841  1.00 51.54  ? 92  ASP A N   1 
ATOM   691  C CA  . ASP A 1 92  ? 26.535  8.252   21.300  1.00 51.34  ? 92  ASP A CA  1 
ATOM   692  C C   . ASP A 1 92  ? 28.040  8.517   21.501  1.00 55.99  ? 92  ASP A C   1 
ATOM   693  O O   . ASP A 1 92  ? 28.866  7.683   21.117  1.00 50.41  ? 92  ASP A O   1 
ATOM   694  C CB  . ASP A 1 92  ? 25.660  8.601   22.537  1.00 47.97  ? 92  ASP A CB  1 
ATOM   695  C CG  . ASP A 1 92  ? 26.117  7.934   23.828  1.00 45.86  ? 92  ASP A CG  1 
ATOM   696  O OD1 . ASP A 1 92  ? 25.376  8.007   24.823  1.00 43.28  ? 92  ASP A OD1 1 
ATOM   697  O OD2 . ASP A 1 92  ? 27.201  7.336   23.870  1.00 46.96  ? 92  ASP A OD2 1 
ATOM   698  N N   . GLU A 1 93  ? 28.379  9.690   22.060  1.00 66.24  ? 93  GLU A N   1 
ATOM   699  C CA  . GLU A 1 93  ? 29.783  10.101  22.298  1.00 67.57  ? 93  GLU A CA  1 
ATOM   700  C C   . GLU A 1 93  ? 30.529  9.134   23.203  1.00 66.20  ? 93  GLU A C   1 
ATOM   701  O O   . GLU A 1 93  ? 31.692  8.829   22.947  1.00 64.64  ? 93  GLU A O   1 
ATOM   702  C CB  . GLU A 1 93  ? 29.888  11.532  22.880  1.00 71.23  ? 93  GLU A CB  1 
ATOM   703  C CG  . GLU A 1 93  ? 30.122  12.647  21.859  1.00 76.10  ? 93  GLU A CG  1 
ATOM   704  C CD  . GLU A 1 93  ? 31.368  12.461  20.985  1.00 77.58  ? 93  GLU A CD  1 
ATOM   705  O OE1 . GLU A 1 93  ? 32.423  13.044  21.325  1.00 81.86  ? 93  GLU A OE1 1 
ATOM   706  O OE2 . GLU A 1 93  ? 31.296  11.749  19.952  1.00 72.96  ? 93  GLU A OE2 1 
ATOM   707  N N   . ASN A 1 94  ? 29.850  8.655   24.246  1.00 66.04  ? 94  ASN A N   1 
ATOM   708  C CA  . ASN A 1 94  ? 30.307  7.481   25.011  1.00 69.29  ? 94  ASN A CA  1 
ATOM   709  C C   . ASN A 1 94  ? 30.152  6.286   24.062  1.00 73.45  ? 94  ASN A C   1 
ATOM   710  O O   . ASN A 1 94  ? 30.368  6.445   22.857  1.00 89.32  ? 94  ASN A O   1 
ATOM   711  C CB  . ASN A 1 94  ? 29.485  7.302   26.286  1.00 69.77  ? 94  ASN A CB  1 
ATOM   712  C CG  . ASN A 1 94  ? 29.259  8.609   27.018  1.00 68.44  ? 94  ASN A CG  1 
ATOM   713  O OD1 . ASN A 1 94  ? 30.205  9.342   27.308  1.00 65.94  ? 94  ASN A OD1 1 
ATOM   714  N ND2 . ASN A 1 94  ? 27.994  8.922   27.295  1.00 66.80  ? 94  ASN A ND2 1 
ATOM   715  N N   . PHE A 1 95  ? 29.790  5.095   24.523  1.00 64.26  ? 95  PHE A N   1 
ATOM   716  C CA  . PHE A 1 95  ? 29.468  4.064   23.530  1.00 60.94  ? 95  PHE A CA  1 
ATOM   717  C C   . PHE A 1 95  ? 28.120  3.408   23.806  1.00 59.35  ? 95  PHE A C   1 
ATOM   718  O O   . PHE A 1 95  ? 27.909  2.211   23.572  1.00 58.11  ? 95  PHE A O   1 
ATOM   719  C CB  . PHE A 1 95  ? 30.646  3.097   23.390  1.00 61.14  ? 95  PHE A CB  1 
ATOM   720  C CG  . PHE A 1 95  ? 31.829  3.689   22.647  1.00 57.73  ? 95  PHE A CG  1 
ATOM   721  C CD1 . PHE A 1 95  ? 32.035  3.416   21.297  1.00 56.19  ? 95  PHE A CD1 1 
ATOM   722  C CD2 . PHE A 1 95  ? 32.730  4.527   23.293  1.00 55.80  ? 95  PHE A CD2 1 
ATOM   723  C CE1 . PHE A 1 95  ? 33.119  3.955   20.615  1.00 54.96  ? 95  PHE A CE1 1 
ATOM   724  C CE2 . PHE A 1 95  ? 33.807  5.077   22.610  1.00 54.54  ? 95  PHE A CE2 1 
ATOM   725  C CZ  . PHE A 1 95  ? 34.002  4.792   21.270  1.00 53.39  ? 95  PHE A CZ  1 
ATOM   726  N N   . ARG A 1 96  ? 27.192  4.244   24.258  1.00 60.16  ? 96  ARG A N   1 
ATOM   727  C CA  . ARG A 1 96  ? 25.845  3.816   24.598  1.00 61.42  ? 96  ARG A CA  1 
ATOM   728  C C   . ARG A 1 96  ? 24.998  3.784   23.336  1.00 59.39  ? 96  ARG A C   1 
ATOM   729  O O   . ARG A 1 96  ? 25.083  4.685   22.494  1.00 59.31  ? 96  ARG A O   1 
ATOM   730  C CB  . ARG A 1 96  ? 25.227  4.774   25.619  1.00 63.71  ? 96  ARG A CB  1 
ATOM   731  C CG  . ARG A 1 96  ? 23.925  4.280   26.216  1.00 66.62  ? 96  ARG A CG  1 
ATOM   732  C CD  . ARG A 1 96  ? 23.625  4.957   27.542  1.00 69.28  ? 96  ARG A CD  1 
ATOM   733  N NE  . ARG A 1 96  ? 22.264  4.668   27.995  1.00 73.56  ? 96  ARG A NE  1 
ATOM   734  C CZ  . ARG A 1 96  ? 21.147  5.222   27.506  1.00 74.50  ? 96  ARG A CZ  1 
ATOM   735  N NH1 . ARG A 1 96  ? 21.178  6.118   26.512  1.00 70.69  ? 96  ARG A NH1 1 
ATOM   736  N NH2 . ARG A 1 96  ? 19.969  4.868   28.015  1.00 76.74  ? 96  ARG A NH2 1 
ATOM   737  N N   . ARG A 1 97  ? 24.173  2.754   23.210  1.00 58.07  ? 97  ARG A N   1 
ATOM   738  C CA  . ARG A 1 97  ? 23.357  2.586   22.023  1.00 58.04  ? 97  ARG A CA  1 
ATOM   739  C C   . ARG A 1 97  ? 21.871  2.754   22.297  1.00 59.04  ? 97  ARG A C   1 
ATOM   740  O O   . ARG A 1 97  ? 21.363  2.316   23.336  1.00 57.18  ? 97  ARG A O   1 
ATOM   741  C CB  . ARG A 1 97  ? 23.623  1.233   21.401  1.00 57.91  ? 97  ARG A CB  1 
ATOM   742  C CG  . ARG A 1 97  ? 24.982  1.154   20.727  1.00 58.16  ? 97  ARG A CG  1 
ATOM   743  C CD  . ARG A 1 97  ? 25.357  -0.292  20.455  1.00 57.65  ? 97  ARG A CD  1 
ATOM   744  N NE  . ARG A 1 97  ? 25.424  -1.058  21.699  1.00 56.21  ? 97  ARG A NE  1 
ATOM   745  C CZ  . ARG A 1 97  ? 25.497  -2.381  21.777  1.00 53.75  ? 97  ARG A CZ  1 
ATOM   746  N NH1 . ARG A 1 97  ? 25.532  -3.134  20.680  1.00 54.13  ? 97  ARG A NH1 1 
ATOM   747  N NH2 . ARG A 1 97  ? 25.543  -2.953  22.970  1.00 52.60  ? 97  ARG A NH2 1 
ATOM   748  N N   . THR A 1 98  ? 21.199  3.416   21.354  1.00 59.45  ? 98  THR A N   1 
ATOM   749  C CA  . THR A 1 98  ? 19.746  3.508   21.317  1.00 57.97  ? 98  THR A CA  1 
ATOM   750  C C   . THR A 1 98  ? 19.249  3.025   19.957  1.00 58.57  ? 98  THR A C   1 
ATOM   751  O O   . THR A 1 98  ? 19.995  3.028   18.965  1.00 56.92  ? 98  THR A O   1 
ATOM   752  C CB  . THR A 1 98  ? 19.254  4.943   21.591  1.00 56.44  ? 98  THR A CB  1 
ATOM   753  O OG1 . THR A 1 98  ? 20.121  5.888   20.957  1.00 54.31  ? 98  THR A OG1 1 
ATOM   754  C CG2 . THR A 1 98  ? 19.245  5.209   23.076  1.00 56.83  ? 98  THR A CG2 1 
ATOM   755  N N   . GLU A 1 99  ? 17.983  2.608   19.946  1.00 58.06  ? 99  GLU A N   1 
ATOM   756  C CA  . GLU A 1 99  ? 17.300  2.072   18.772  1.00 57.05  ? 99  GLU A CA  1 
ATOM   757  C C   . GLU A 1 99  ? 16.123  2.973   18.409  1.00 54.43  ? 99  GLU A C   1 
ATOM   758  O O   . GLU A 1 99  ? 15.543  3.621   19.277  1.00 54.99  ? 99  GLU A O   1 
ATOM   759  C CB  . GLU A 1 99  ? 16.724  0.685   19.092  1.00 59.43  ? 99  GLU A CB  1 
ATOM   760  C CG  . GLU A 1 99  ? 17.561  -0.520  18.684  1.00 62.00  ? 99  GLU A CG  1 
ATOM   761  C CD  . GLU A 1 99  ? 16.770  -1.833  18.722  1.00 66.85  ? 99  GLU A CD  1 
ATOM   762  O OE1 . GLU A 1 99  ? 15.512  -1.784  18.692  1.00 67.46  ? 99  GLU A OE1 1 
ATOM   763  O OE2 . GLU A 1 99  ? 17.403  -2.926  18.770  1.00 71.08  ? 99  GLU A OE2 1 
ATOM   764  N N   . ALA A 1 100 ? 15.740  2.979   17.139  1.00 52.22  ? 100 ALA A N   1 
ATOM   765  C CA  . ALA A 1 100 ? 14.383  3.396   16.779  1.00 51.78  ? 100 ALA A CA  1 
ATOM   766  C C   . ALA A 1 100 ? 13.895  2.675   15.534  1.00 53.16  ? 100 ALA A C   1 
ATOM   767  O O   . ALA A 1 100 ? 14.677  2.410   14.621  1.00 55.09  ? 100 ALA A O   1 
ATOM   768  C CB  . ALA A 1 100 ? 14.321  4.886   16.598  1.00 52.00  ? 100 ALA A CB  1 
ATOM   769  N N   . THR A 1 101 ? 12.596  2.365   15.509  1.00 54.28  ? 101 THR A N   1 
ATOM   770  C CA  . THR A 1 101 ? 11.995  1.519   14.472  1.00 53.42  ? 101 THR A CA  1 
ATOM   771  C C   . THR A 1 101 ? 11.033  2.294   13.577  1.00 51.60  ? 101 THR A C   1 
ATOM   772  O O   . THR A 1 101 ? 10.474  3.313   13.979  1.00 51.66  ? 101 THR A O   1 
ATOM   773  C CB  . THR A 1 101 ? 11.244  0.339   15.108  1.00 54.11  ? 101 THR A CB  1 
ATOM   774  O OG1 . THR A 1 101 ? 10.244  0.833   16.013  1.00 55.87  ? 101 THR A OG1 1 
ATOM   775  C CG2 . THR A 1 101 ? 12.215  -0.555  15.868  1.00 54.12  ? 101 THR A CG2 1 
ATOM   776  N N   . VAL A 1 102 ? 10.857  1.799   12.359  1.00 50.91  ? 102 VAL A N   1 
ATOM   777  C CA  . VAL A 1 102 ? 9.923   2.389   11.397  1.00 50.88  ? 102 VAL A CA  1 
ATOM   778  C C   . VAL A 1 102 ? 9.539   1.322   10.401  1.00 49.73  ? 102 VAL A C   1 
ATOM   779  O O   . VAL A 1 102 ? 10.347  0.445   10.118  1.00 47.91  ? 102 VAL A O   1 
ATOM   780  C CB  . VAL A 1 102 ? 10.549  3.594   10.649  1.00 51.33  ? 102 VAL A CB  1 
ATOM   781  C CG1 . VAL A 1 102 ? 11.742  3.178   9.789   1.00 51.84  ? 102 VAL A CG1 1 
ATOM   782  C CG2 . VAL A 1 102 ? 9.505   4.334   9.816   1.00 50.65  ? 102 VAL A CG2 1 
ATOM   783  N N   . GLN A 1 103 ? 8.319   1.399   9.874   1.00 51.22  ? 103 GLN A N   1 
ATOM   784  C CA  . GLN A 1 103 ? 7.876   0.481   8.822   1.00 52.59  ? 103 GLN A CA  1 
ATOM   785  C C   . GLN A 1 103 ? 7.179   1.195   7.678   1.00 53.09  ? 103 GLN A C   1 
ATOM   786  O O   . GLN A 1 103 ? 6.727   2.323   7.824   1.00 53.75  ? 103 GLN A O   1 
ATOM   787  C CB  . GLN A 1 103 ? 6.965   -0.604  9.393   1.00 52.46  ? 103 GLN A CB  1 
ATOM   788  C CG  . GLN A 1 103 ? 5.732   -0.095  10.112  1.00 51.54  ? 103 GLN A CG  1 
ATOM   789  C CD  . GLN A 1 103 ? 4.883   -1.234  10.622  1.00 51.68  ? 103 GLN A CD  1 
ATOM   790  O OE1 . GLN A 1 103 ? 4.328   -2.005  9.841   1.00 53.44  ? 103 GLN A OE1 1 
ATOM   791  N NE2 . GLN A 1 103 ? 4.789   -1.358  11.938  1.00 52.65  ? 103 GLN A NE2 1 
ATOM   792  N N   . PHE A 1 104 ? 7.119   0.523   6.535   1.00 56.66  ? 104 PHE A N   1 
ATOM   793  C CA  . PHE A 1 104 ? 6.363   1.004   5.376   1.00 59.51  ? 104 PHE A CA  1 
ATOM   794  C C   . PHE A 1 104 ? 5.975   -0.172  4.500   1.00 61.64  ? 104 PHE A C   1 
ATOM   795  O O   . PHE A 1 104 ? 6.705   -1.163  4.434   1.00 62.07  ? 104 PHE A O   1 
ATOM   796  C CB  . PHE A 1 104 ? 7.142   2.069   4.570   1.00 58.82  ? 104 PHE A CB  1 
ATOM   797  C CG  . PHE A 1 104 ? 8.401   1.566   3.910   1.00 58.36  ? 104 PHE A CG  1 
ATOM   798  C CD1 . PHE A 1 104 ? 9.622   1.627   4.570   1.00 59.38  ? 104 PHE A CD1 1 
ATOM   799  C CD2 . PHE A 1 104 ? 8.377   1.067   2.609   1.00 59.22  ? 104 PHE A CD2 1 
ATOM   800  C CE1 . PHE A 1 104 ? 10.791  1.179   3.956   1.00 59.85  ? 104 PHE A CE1 1 
ATOM   801  C CE2 . PHE A 1 104 ? 9.540   0.618   1.990   1.00 59.80  ? 104 PHE A CE2 1 
ATOM   802  C CZ  . PHE A 1 104 ? 10.751  0.675   2.667   1.00 59.18  ? 104 PHE A CZ  1 
ATOM   803  N N   . HIS A 1 105 ? 4.822   -0.057  3.846   1.00 64.13  ? 105 HIS A N   1 
ATOM   804  C CA  . HIS A 1 105 ? 4.314   -1.102  2.966   1.00 66.39  ? 105 HIS A CA  1 
ATOM   805  C C   . HIS A 1 105 ? 4.292   -0.573  1.542   1.00 61.94  ? 105 HIS A C   1 
ATOM   806  O O   . HIS A 1 105 ? 3.902   0.571   1.298   1.00 56.02  ? 105 HIS A O   1 
ATOM   807  C CB  . HIS A 1 105 ? 2.923   -1.558  3.417   1.00 72.23  ? 105 HIS A CB  1 
ATOM   808  C CG  . HIS A 1 105 ? 2.810   -1.748  4.898   1.00 79.74  ? 105 HIS A CG  1 
ATOM   809  N ND1 . HIS A 1 105 ? 3.108   -2.941  5.520   1.00 85.02  ? 105 HIS A ND1 1 
ATOM   810  C CD2 . HIS A 1 105 ? 2.464   -0.884  5.883   1.00 83.46  ? 105 HIS A CD2 1 
ATOM   811  C CE1 . HIS A 1 105 ? 2.935   -2.811  6.824   1.00 87.12  ? 105 HIS A CE1 1 
ATOM   812  N NE2 . HIS A 1 105 ? 2.542   -1.572  7.069   1.00 87.80  ? 105 HIS A NE2 1 
ATOM   813  N N   . VAL A 1 106 ? 4.713   -1.418  0.610   1.00 60.99  ? 106 VAL A N   1 
ATOM   814  C CA  . VAL A 1 106 ? 4.785   -1.038  -0.793  1.00 64.05  ? 106 VAL A CA  1 
ATOM   815  C C   . VAL A 1 106 ? 3.901   -1.982  -1.620  1.00 62.89  ? 106 VAL A C   1 
ATOM   816  O O   . VAL A 1 106 ? 4.033   -3.205  -1.533  1.00 61.32  ? 106 VAL A O   1 
ATOM   817  C CB  . VAL A 1 106 ? 6.257   -0.897  -1.311  1.00 67.38  ? 106 VAL A CB  1 
ATOM   818  C CG1 . VAL A 1 106 ? 7.231   -1.778  -0.547  1.00 68.41  ? 106 VAL A CG1 1 
ATOM   819  C CG2 . VAL A 1 106 ? 6.370   -1.135  -2.819  1.00 69.14  ? 106 VAL A CG2 1 
ATOM   820  N N   . HIS A 1 107 ? 3.005   -1.384  -2.412  1.00 60.94  ? 107 HIS A N   1 
ATOM   821  C CA  . HIS A 1 107 ? 2.041   -2.105  -3.232  1.00 58.71  ? 107 HIS A CA  1 
ATOM   822  C C   . HIS A 1 107 ? 2.271   -1.827  -4.703  1.00 57.39  ? 107 HIS A C   1 
ATOM   823  O O   . HIS A 1 107 ? 2.788   -0.768  -5.070  1.00 54.78  ? 107 HIS A O   1 
ATOM   824  C CB  . HIS A 1 107 ? 0.614   -1.653  -2.919  1.00 59.42  ? 107 HIS A CB  1 
ATOM   825  C CG  . HIS A 1 107 ? 0.322   -1.493  -1.463  1.00 58.13  ? 107 HIS A CG  1 
ATOM   826  N ND1 . HIS A 1 107 ? 0.056   -2.561  -0.636  1.00 55.87  ? 107 HIS A ND1 1 
ATOM   827  C CD2 . HIS A 1 107 ? 0.217   -0.384  -0.696  1.00 57.11  ? 107 HIS A CD2 1 
ATOM   828  C CE1 . HIS A 1 107 ? -0.180  -2.117  0.585   1.00 58.09  ? 107 HIS A CE1 1 
ATOM   829  N NE2 . HIS A 1 107 ? -0.092  -0.798  0.574   1.00 57.63  ? 107 HIS A NE2 1 
ATOM   830  N N   . GLN A 1 108 ? 1.835   -2.772  -5.534  1.00 57.21  ? 108 GLN A N   1 
ATOM   831  C CA  . GLN A 1 108 ? 1.754   -2.575  -6.979  1.00 57.05  ? 108 GLN A CA  1 
ATOM   832  C C   . GLN A 1 108 ? 0.442   -1.826  -7.233  1.00 54.24  ? 108 GLN A C   1 
ATOM   833  O O   . GLN A 1 108 ? -0.535  -2.045  -6.514  1.00 50.24  ? 108 GLN A O   1 
ATOM   834  C CB  . GLN A 1 108 ? 1.771   -3.914  -7.727  1.00 61.11  ? 108 GLN A CB  1 
ATOM   835  C CG  . GLN A 1 108 ? 2.841   -4.894  -7.239  1.00 64.10  ? 108 GLN A CG  1 
ATOM   836  C CD  . GLN A 1 108 ? 3.182   -5.991  -8.243  1.00 66.53  ? 108 GLN A CD  1 
ATOM   837  O OE1 . GLN A 1 108 ? 3.284   -5.751  -9.450  1.00 69.58  ? 108 GLN A OE1 1 
ATOM   838  N NE2 . GLN A 1 108 ? 3.388   -7.201  -7.738  1.00 66.63  ? 108 GLN A NE2 1 
ATOM   839  N N   . PRO A 1 109 ? 0.404   -0.920  -8.230  1.00 53.47  ? 109 PRO A N   1 
ATOM   840  C CA  . PRO A 1 109 ? -0.872  -0.229  -8.436  1.00 51.54  ? 109 PRO A CA  1 
ATOM   841  C C   . PRO A 1 109 ? -1.905  -1.146  -9.056  1.00 50.11  ? 109 PRO A C   1 
ATOM   842  O O   . PRO A 1 109 ? -1.544  -2.088  -9.760  1.00 52.07  ? 109 PRO A O   1 
ATOM   843  C CB  . PRO A 1 109 ? -0.514  0.917   -9.393  1.00 51.62  ? 109 PRO A CB  1 
ATOM   844  C CG  . PRO A 1 109 ? 0.960   1.078   -9.262  1.00 52.41  ? 109 PRO A CG  1 
ATOM   845  C CD  . PRO A 1 109 ? 1.472   -0.317  -9.041  1.00 54.01  ? 109 PRO A CD  1 
ATOM   846  N N   . VAL A 1 110 ? -3.174  -0.881  -8.777  1.00 48.40  ? 110 VAL A N   1 
ATOM   847  C CA  . VAL A 1 110 ? -4.260  -1.663  -9.365  1.00 47.17  ? 110 VAL A CA  1 
ATOM   848  C C   . VAL A 1 110 ? -4.348  -1.428  -10.873 1.00 46.45  ? 110 VAL A C   1 
ATOM   849  O O   . VAL A 1 110 ? -4.114  -0.318  -11.340 1.00 48.23  ? 110 VAL A O   1 
ATOM   850  C CB  . VAL A 1 110 ? -5.622  -1.366  -8.696  1.00 46.68  ? 110 VAL A CB  1 
ATOM   851  C CG1 . VAL A 1 110 ? -5.630  -1.905  -7.275  1.00 47.52  ? 110 VAL A CG1 1 
ATOM   852  C CG2 . VAL A 1 110 ? -5.964  0.122   -8.704  1.00 45.68  ? 110 VAL A CG2 1 
ATOM   853  N N   . THR A 1 111 ? -4.643  -2.484  -11.627 1.00 45.90  ? 111 THR A N   1 
ATOM   854  C CA  . THR A 1 111 ? -4.896  -2.387  -13.069 1.00 46.03  ? 111 THR A CA  1 
ATOM   855  C C   . THR A 1 111 ? -6.380  -2.084  -13.345 1.00 46.52  ? 111 THR A C   1 
ATOM   856  O O   . THR A 1 111 ? -7.253  -2.370  -12.513 1.00 47.30  ? 111 THR A O   1 
ATOM   857  C CB  . THR A 1 111 ? -4.486  -3.680  -13.815 1.00 44.67  ? 111 THR A CB  1 
ATOM   858  O OG1 . THR A 1 111 ? -5.154  -4.815  -13.238 1.00 45.87  ? 111 THR A OG1 1 
ATOM   859  C CG2 . THR A 1 111 ? -2.985  -3.884  -13.753 1.00 42.53  ? 111 THR A CG2 1 
ATOM   860  N N   . GLN A 1 112 ? -6.637  -1.520  -14.528 1.00 44.88  ? 112 GLN A N   1 
ATOM   861  C CA  . GLN A 1 112 ? -7.971  -1.070  -14.949 1.00 43.45  ? 112 GLN A CA  1 
ATOM   862  C C   . GLN A 1 112 ? -8.914  -2.250  -15.049 1.00 43.62  ? 112 GLN A C   1 
ATOM   863  O O   . GLN A 1 112 ? -8.664  -3.126  -15.865 1.00 46.31  ? 112 GLN A O   1 
ATOM   864  C CB  . GLN A 1 112 ? -7.869  -0.394  -16.323 1.00 43.07  ? 112 GLN A CB  1 
ATOM   865  C CG  . GLN A 1 112 ? -9.177  -0.049  -17.010 1.00 41.26  ? 112 GLN A CG  1 
ATOM   866  C CD  . GLN A 1 112 ? -9.986  0.964   -16.243 1.00 40.23  ? 112 GLN A CD  1 
ATOM   867  O OE1 . GLN A 1 112 ? -9.609  2.128   -16.133 1.00 38.82  ? 112 GLN A OE1 1 
ATOM   868  N NE2 . GLN A 1 112 ? -11.121 0.533   -15.727 1.00 40.50  ? 112 GLN A NE2 1 
ATOM   869  N N   . PRO A 1 113 ? -9.993  -2.279  -14.237 1.00 44.14  ? 113 PRO A N   1 
ATOM   870  C CA  . PRO A 1 113 ? -10.962 -3.377  -14.305 1.00 43.40  ? 113 PRO A CA  1 
ATOM   871  C C   . PRO A 1 113 ? -12.095 -3.131  -15.303 1.00 43.18  ? 113 PRO A C   1 
ATOM   872  O O   . PRO A 1 113 ? -12.305 -2.005  -15.741 1.00 41.84  ? 113 PRO A O   1 
ATOM   873  C CB  . PRO A 1 113 ? -11.534 -3.399  -12.890 1.00 44.45  ? 113 PRO A CB  1 
ATOM   874  C CG  . PRO A 1 113 ? -11.572 -1.951  -12.518 1.00 44.81  ? 113 PRO A CG  1 
ATOM   875  C CD  . PRO A 1 113 ? -10.341 -1.339  -13.147 1.00 44.72  ? 113 PRO A CD  1 
ATOM   876  N N   . SER A 1 114 ? -12.821 -4.191  -15.634 1.00 45.08  ? 114 SER A N   1 
ATOM   877  C CA  . SER A 1 114 ? -14.001 -4.116  -16.500 1.00 46.14  ? 114 SER A CA  1 
ATOM   878  C C   . SER A 1 114 ? -15.208 -4.617  -15.749 1.00 46.77  ? 114 SER A C   1 
ATOM   879  O O   . SER A 1 114 ? -15.069 -5.371  -14.790 1.00 46.18  ? 114 SER A O   1 
ATOM   880  C CB  . SER A 1 114 ? -13.814 -4.984  -17.743 1.00 46.29  ? 114 SER A CB  1 
ATOM   881  O OG  . SER A 1 114 ? -13.064 -4.295  -18.714 1.00 49.53  ? 114 SER A OG  1 
ATOM   882  N N   . LEU A 1 115 ? -16.388 -4.216  -16.219 1.00 47.59  ? 115 LEU A N   1 
ATOM   883  C CA  . LEU A 1 115 ? -17.660 -4.664  -15.674 1.00 46.18  ? 115 LEU A CA  1 
ATOM   884  C C   . LEU A 1 115 ? -18.442 -5.310  -16.801 1.00 47.70  ? 115 LEU A C   1 
ATOM   885  O O   . LEU A 1 115 ? -18.826 -4.621  -17.739 1.00 48.09  ? 115 LEU A O   1 
ATOM   886  C CB  . LEU A 1 115 ? -18.429 -3.472  -15.110 1.00 45.47  ? 115 LEU A CB  1 
ATOM   887  C CG  . LEU A 1 115 ? -19.294 -3.714  -13.875 1.00 47.00  ? 115 LEU A CG  1 
ATOM   888  C CD1 . LEU A 1 115 ? -20.204 -2.513  -13.651 1.00 47.81  ? 115 LEU A CD1 1 
ATOM   889  C CD2 . LEU A 1 115 ? -20.123 -4.982  -13.966 1.00 47.70  ? 115 LEU A CD2 1 
ATOM   890  N N   . GLN A 1 116 ? -18.631 -6.631  -16.729 1.00 52.27  ? 116 GLN A N   1 
ATOM   891  C CA  . GLN A 1 116 ? -19.597 -7.350  -17.576 1.00 55.76  ? 116 GLN A CA  1 
ATOM   892  C C   . GLN A 1 116 ? -20.877 -7.604  -16.758 1.00 51.39  ? 116 GLN A C   1 
ATOM   893  O O   . GLN A 1 116 ? -20.838 -7.647  -15.538 1.00 48.83  ? 116 GLN A O   1 
ATOM   894  C CB  . GLN A 1 116 ? -18.989 -8.670  -18.129 1.00 63.62  ? 116 GLN A CB  1 
ATOM   895  C CG  . GLN A 1 116 ? -19.315 -9.971  -17.355 1.00 72.57  ? 116 GLN A CG  1 
ATOM   896  C CD  . GLN A 1 116 ? -18.581 -11.236 -17.855 1.00 77.99  ? 116 GLN A CD  1 
ATOM   897  O OE1 . GLN A 1 116 ? -17.918 -11.234 -18.901 1.00 82.03  ? 116 GLN A OE1 1 
ATOM   898  N NE2 . GLN A 1 116 ? -18.714 -12.329 -17.098 1.00 76.53  ? 116 GLN A NE2 1 
ATOM   899  N N   . VAL A 1 117 ? -22.004 -7.774  -17.435 1.00 50.98  ? 117 VAL A N   1 
ATOM   900  C CA  . VAL A 1 117 ? -23.239 -8.181  -16.772 1.00 52.84  ? 117 VAL A CA  1 
ATOM   901  C C   . VAL A 1 117 ? -23.886 -9.348  -17.519 1.00 52.14  ? 117 VAL A C   1 
ATOM   902  O O   . VAL A 1 117 ? -23.683 -9.507  -18.714 1.00 54.26  ? 117 VAL A O   1 
ATOM   903  C CB  . VAL A 1 117 ? -24.204 -6.981  -16.622 1.00 56.29  ? 117 VAL A CB  1 
ATOM   904  C CG1 . VAL A 1 117 ? -24.976 -6.704  -17.914 1.00 57.39  ? 117 VAL A CG1 1 
ATOM   905  C CG2 . VAL A 1 117 ? -25.165 -7.188  -15.456 1.00 57.48  ? 117 VAL A CG2 1 
ATOM   906  N N   . THR A 1 118 ? -24.657 -10.161 -16.802 1.00 54.37  ? 118 THR A N   1 
ATOM   907  C CA  . THR A 1 118 ? -25.304 -11.345 -17.385 1.00 55.66  ? 118 THR A CA  1 
ATOM   908  C C   . THR A 1 118 ? -26.338 -10.964 -18.448 1.00 56.82  ? 118 THR A C   1 
ATOM   909  O O   . THR A 1 118 ? -26.433 -11.614 -19.480 1.00 60.32  ? 118 THR A O   1 
ATOM   910  C CB  . THR A 1 118 ? -25.968 -12.260 -16.314 1.00 53.91  ? 118 THR A CB  1 
ATOM   911  O OG1 . THR A 1 118 ? -26.882 -11.510 -15.503 1.00 54.41  ? 118 THR A OG1 1 
ATOM   912  C CG2 . THR A 1 118 ? -24.919 -12.918 -15.426 1.00 51.82  ? 118 THR A CG2 1 
ATOM   913  N N   . ASN A 1 119 ? -27.106 -9.917  -18.187 1.00 57.86  ? 119 ASN A N   1 
ATOM   914  C CA  . ASN A 1 119 ? -28.082 -9.425  -19.144 1.00 61.23  ? 119 ASN A CA  1 
ATOM   915  C C   . ASN A 1 119 ? -28.490 -8.008  -18.720 1.00 66.48  ? 119 ASN A C   1 
ATOM   916  O O   . ASN A 1 119 ? -28.726 -7.759  -17.535 1.00 69.97  ? 119 ASN A O   1 
ATOM   917  C CB  . ASN A 1 119 ? -29.296 -10.371 -19.201 1.00 61.07  ? 119 ASN A CB  1 
ATOM   918  C CG  . ASN A 1 119 ? -30.040 -10.291 -20.524 1.00 61.94  ? 119 ASN A CG  1 
ATOM   919  O OD1 . ASN A 1 119 ? -30.241 -9.201  -21.069 1.00 62.32  ? 119 ASN A OD1 1 
ATOM   920  N ND2 . ASN A 1 119 ? -30.468 -11.447 -21.044 1.00 60.20  ? 119 ASN A ND2 1 
ATOM   921  N N   . THR A 1 120 ? -28.548 -7.088  -19.681 1.00 68.12  ? 120 THR A N   1 
ATOM   922  C CA  . THR A 1 120 ? -28.865 -5.686  -19.404 1.00 68.46  ? 120 THR A CA  1 
ATOM   923  C C   . THR A 1 120 ? -30.356 -5.489  -19.173 1.00 71.09  ? 120 THR A C   1 
ATOM   924  O O   . THR A 1 120 ? -30.756 -4.733  -18.284 1.00 68.59  ? 120 THR A O   1 
ATOM   925  C CB  . THR A 1 120 ? -28.420 -4.794  -20.566 1.00 68.87  ? 120 THR A CB  1 
ATOM   926  O OG1 . THR A 1 120 ? -27.005 -4.911  -20.709 1.00 65.84  ? 120 THR A OG1 1 
ATOM   927  C CG2 . THR A 1 120 ? -28.795 -3.314  -20.345 1.00 72.27  ? 120 THR A CG2 1 
ATOM   928  N N   . THR A 1 121 ? -31.170 -6.133  -20.005 1.00 75.25  ? 121 THR A N   1 
ATOM   929  C CA  . THR A 1 121 ? -32.615 -6.098  -19.845 1.00 78.70  ? 121 THR A CA  1 
ATOM   930  C C   . THR A 1 121 ? -32.996 -7.293  -19.010 1.00 78.77  ? 121 THR A C   1 
ATOM   931  O O   . THR A 1 121 ? -32.597 -8.413  -19.326 1.00 76.73  ? 121 THR A O   1 
ATOM   932  C CB  . THR A 1 121 ? -33.347 -6.157  -21.195 1.00 80.29  ? 121 THR A CB  1 
ATOM   933  O OG1 . THR A 1 121 ? -32.986 -5.009  -21.970 1.00 87.44  ? 121 THR A OG1 1 
ATOM   934  C CG2 . THR A 1 121 ? -34.864 -6.163  -20.998 1.00 80.10  ? 121 THR A CG2 1 
ATOM   935  N N   . VAL A 1 122 ? -33.752 -7.041  -17.943 1.00 81.77  ? 122 VAL A N   1 
ATOM   936  C CA  . VAL A 1 122 ? -34.218 -8.094  -17.039 1.00 81.63  ? 122 VAL A CA  1 
ATOM   937  C C   . VAL A 1 122 ? -35.525 -7.695  -16.381 1.00 80.60  ? 122 VAL A C   1 
ATOM   938  O O   . VAL A 1 122 ? -35.806 -6.508  -16.173 1.00 73.62  ? 122 VAL A O   1 
ATOM   939  C CB  . VAL A 1 122 ? -33.190 -8.432  -15.931 1.00 81.46  ? 122 VAL A CB  1 
ATOM   940  C CG1 . VAL A 1 122 ? -32.186 -9.487  -16.399 1.00 81.91  ? 122 VAL A CG1 1 
ATOM   941  C CG2 . VAL A 1 122 ? -32.501 -7.164  -15.447 1.00 81.29  ? 122 VAL A CG2 1 
ATOM   942  N N   . LYS A 1 123 ? -36.289 -8.725  -16.032 1.00 85.02  ? 123 LYS A N   1 
ATOM   943  C CA  . LYS A 1 123 ? -37.662 -8.588  -15.573 1.00 88.02  ? 123 LYS A CA  1 
ATOM   944  C C   . LYS A 1 123 ? -37.637 -8.547  -14.056 1.00 78.99  ? 123 LYS A C   1 
ATOM   945  O O   . LYS A 1 123 ? -36.969 -9.376  -13.430 1.00 69.29  ? 123 LYS A O   1 
ATOM   946  C CB  . LYS A 1 123 ? -38.514 -9.786  -16.042 1.00 97.35  ? 123 LYS A CB  1 
ATOM   947  C CG  . LYS A 1 123 ? -38.332 -10.204 -17.507 1.00 102.75 ? 123 LYS A CG  1 
ATOM   948  C CD  . LYS A 1 123 ? -39.274 -11.332 -17.918 1.00 101.68 ? 123 LYS A CD  1 
ATOM   949  C CE  . LYS A 1 123 ? -38.808 -12.685 -17.394 1.00 102.59 ? 123 LYS A CE  1 
ATOM   950  N NZ  . LYS A 1 123 ? -39.865 -13.721 -17.523 1.00 104.02 ? 123 LYS A NZ  1 
ATOM   951  N N   . GLU A 1 124 ? -38.372 -7.600  -13.469 1.00 73.16  ? 124 GLU A N   1 
ATOM   952  C CA  . GLU A 1 124 ? -38.517 -7.525  -12.008 1.00 69.17  ? 124 GLU A CA  1 
ATOM   953  C C   . GLU A 1 124 ? -38.728 -8.927  -11.421 1.00 62.85  ? 124 GLU A C   1 
ATOM   954  O O   . GLU A 1 124 ? -39.481 -9.713  -11.972 1.00 63.25  ? 124 GLU A O   1 
ATOM   955  C CB  . GLU A 1 124 ? -39.675 -6.594  -11.620 1.00 69.73  ? 124 GLU A CB  1 
ATOM   956  C CG  . GLU A 1 124 ? -39.772 -6.311  -10.127 1.00 71.22  ? 124 GLU A CG  1 
ATOM   957  C CD  . GLU A 1 124 ? -40.508 -5.020  -9.806  1.00 73.14  ? 124 GLU A CD  1 
ATOM   958  O OE1 . GLU A 1 124 ? -40.100 -4.313  -8.863  1.00 76.70  ? 124 GLU A OE1 1 
ATOM   959  O OE2 . GLU A 1 124 ? -41.496 -4.704  -10.496 1.00 75.31  ? 124 GLU A OE2 1 
ATOM   960  N N   . LEU A 1 125 ? -38.027 -9.230  -10.332 1.00 59.11  ? 125 LEU A N   1 
ATOM   961  C CA  . LEU A 1 125 ? -37.988 -10.561 -9.695  1.00 58.90  ? 125 LEU A CA  1 
ATOM   962  C C   . LEU A 1 125 ? -37.028 -11.570 -10.324 1.00 59.59  ? 125 LEU A C   1 
ATOM   963  O O   . LEU A 1 125 ? -36.875 -12.662 -9.776  1.00 58.95  ? 125 LEU A O   1 
ATOM   964  C CB  . LEU A 1 125 ? -39.376 -11.214 -9.537  1.00 59.77  ? 125 LEU A CB  1 
ATOM   965  C CG  . LEU A 1 125 ? -40.564 -10.419 -8.982  1.00 59.61  ? 125 LEU A CG  1 
ATOM   966  C CD1 . LEU A 1 125 ? -41.782 -11.334 -8.863  1.00 57.71  ? 125 LEU A CD1 1 
ATOM   967  C CD2 . LEU A 1 125 ? -40.221 -9.772  -7.647  1.00 59.00  ? 125 LEU A CD2 1 
ATOM   968  N N   . ASP A 1 126 ? -36.370 -11.236 -11.438 1.00 61.99  ? 126 ASP A N   1 
ATOM   969  C CA  . ASP A 1 126 ? -35.252 -12.064 -11.929 1.00 65.18  ? 126 ASP A CA  1 
ATOM   970  C C   . ASP A 1 126 ? -33.996 -11.797 -11.097 1.00 60.27  ? 126 ASP A C   1 
ATOM   971  O O   . ASP A 1 126 ? -33.975 -10.891 -10.265 1.00 58.90  ? 126 ASP A O   1 
ATOM   972  C CB  . ASP A 1 126 ? -34.935 -11.789 -13.411 1.00 71.34  ? 126 ASP A CB  1 
ATOM   973  C CG  . ASP A 1 126 ? -36.015 -12.291 -14.365 1.00 75.76  ? 126 ASP A CG  1 
ATOM   974  O OD1 . ASP A 1 126 ? -36.953 -13.003 -13.930 1.00 80.55  ? 126 ASP A OD1 1 
ATOM   975  O OD2 . ASP A 1 126 ? -35.907 -11.968 -15.572 1.00 77.10  ? 126 ASP A OD2 1 
ATOM   976  N N   . SER A 1 127 ? -32.958 -12.595 -11.327 1.00 55.84  ? 127 SER A N   1 
ATOM   977  C CA  . SER A 1 127 ? -31.631 -12.290 -10.823 1.00 53.85  ? 127 SER A CA  1 
ATOM   978  C C   . SER A 1 127 ? -30.776 -11.691 -11.932 1.00 51.66  ? 127 SER A C   1 
ATOM   979  O O   . SER A 1 127 ? -31.104 -11.790 -13.110 1.00 50.73  ? 127 SER A O   1 
ATOM   980  C CB  . SER A 1 127 ? -30.948 -13.530 -10.255 1.00 55.53  ? 127 SER A CB  1 
ATOM   981  O OG  . SER A 1 127 ? -29.899 -13.985 -11.093 1.00 57.96  ? 127 SER A OG  1 
ATOM   982  N N   . VAL A 1 128 ? -29.685 -11.057 -11.518 1.00 52.13  ? 128 VAL A N   1 
ATOM   983  C CA  . VAL A 1 128 ? -28.687 -10.468 -12.406 1.00 52.86  ? 128 VAL A CA  1 
ATOM   984  C C   . VAL A 1 128 ? -27.371 -10.553 -11.687 1.00 51.85  ? 128 VAL A C   1 
ATOM   985  O O   . VAL A 1 128 ? -27.314 -10.232 -10.506 1.00 55.77  ? 128 VAL A O   1 
ATOM   986  C CB  . VAL A 1 128 ? -28.912 -8.959  -12.655 1.00 54.60  ? 128 VAL A CB  1 
ATOM   987  C CG1 . VAL A 1 128 ? -27.928 -8.434  -13.696 1.00 55.24  ? 128 VAL A CG1 1 
ATOM   988  C CG2 . VAL A 1 128 ? -30.323 -8.683  -13.119 1.00 57.61  ? 128 VAL A CG2 1 
ATOM   989  N N   . THR A 1 129 ? -26.314 -10.924 -12.398 1.00 49.37  ? 129 THR A N   1 
ATOM   990  C CA  . THR A 1 129 ? -24.980 -10.935 -11.818 1.00 48.53  ? 129 THR A CA  1 
ATOM   991  C C   . THR A 1 129 ? -24.056 -9.960  -12.538 1.00 47.13  ? 129 THR A C   1 
ATOM   992  O O   . THR A 1 129 ? -23.906 -10.041 -13.749 1.00 46.20  ? 129 THR A O   1 
ATOM   993  C CB  . THR A 1 129 ? -24.375 -12.343 -11.872 1.00 48.62  ? 129 THR A CB  1 
ATOM   994  O OG1 . THR A 1 129 ? -25.377 -13.303 -11.521 1.00 48.28  ? 129 THR A OG1 1 
ATOM   995  C CG2 . THR A 1 129 ? -23.197 -12.454 -10.914 1.00 48.47  ? 129 THR A CG2 1 
ATOM   996  N N   . LEU A 1 130 ? -23.450 -9.048  -11.775 1.00 46.14  ? 130 LEU A N   1 
ATOM   997  C CA  . LEU A 1 130 ? -22.401 -8.158  -12.267 1.00 45.82  ? 130 LEU A CA  1 
ATOM   998  C C   . LEU A 1 130 ? -21.059 -8.758  -11.888 1.00 45.39  ? 130 LEU A C   1 
ATOM   999  O O   . LEU A 1 130 ? -20.896 -9.234  -10.773 1.00 46.33  ? 130 LEU A O   1 
ATOM   1000 C CB  . LEU A 1 130 ? -22.528 -6.771  -11.644 1.00 45.15  ? 130 LEU A CB  1 
ATOM   1001 C CG  . LEU A 1 130 ? -23.802 -5.998  -11.994 1.00 45.87  ? 130 LEU A CG  1 
ATOM   1002 C CD1 . LEU A 1 130 ? -24.872 -6.203  -10.934 1.00 47.47  ? 130 LEU A CD1 1 
ATOM   1003 C CD2 . LEU A 1 130 ? -23.527 -4.514  -12.156 1.00 46.59  ? 130 LEU A CD2 1 
ATOM   1004 N N   . THR A 1 131 ? -20.103 -8.742  -12.814 1.00 46.63  ? 131 THR A N   1 
ATOM   1005 C CA  . THR A 1 131 ? -18.764 -9.262  -12.549 1.00 47.25  ? 131 THR A CA  1 
ATOM   1006 C C   . THR A 1 131 ? -17.732 -8.178  -12.781 1.00 47.64  ? 131 THR A C   1 
ATOM   1007 O O   . THR A 1 131 ? -17.650 -7.624  -13.872 1.00 45.47  ? 131 THR A O   1 
ATOM   1008 C CB  . THR A 1 131 ? -18.409 -10.474 -13.434 1.00 46.61  ? 131 THR A CB  1 
ATOM   1009 O OG1 . THR A 1 131 ? -19.492 -11.409 -13.422 1.00 47.69  ? 131 THR A OG1 1 
ATOM   1010 C CG2 . THR A 1 131 ? -17.140 -11.159 -12.924 1.00 45.69  ? 131 THR A CG2 1 
ATOM   1011 N N   . CYS A 1 132 ? -16.961 -7.884  -11.737 1.00 50.19  ? 132 CYS A N   1 
ATOM   1012 C CA  . CYS A 1 132 ? -15.781 -7.043  -11.831 1.00 50.73  ? 132 CYS A CA  1 
ATOM   1013 C C   . CYS A 1 132 ? -14.636 -7.918  -12.327 1.00 50.28  ? 132 CYS A C   1 
ATOM   1014 O O   . CYS A 1 132 ? -14.187 -8.818  -11.623 1.00 50.32  ? 132 CYS A O   1 
ATOM   1015 C CB  . CYS A 1 132 ? -15.447 -6.427  -10.473 1.00 52.44  ? 132 CYS A CB  1 
ATOM   1016 S SG  . CYS A 1 132 ? -14.386 -4.967  -10.567 1.00 59.68  ? 132 CYS A SG  1 
ATOM   1017 N N   . LEU A 1 133 ? -14.201 -7.667  -13.562 1.00 50.65  ? 133 LEU A N   1 
ATOM   1018 C CA  . LEU A 1 133 ? -13.103 -8.403  -14.188 1.00 48.91  ? 133 LEU A CA  1 
ATOM   1019 C C   . LEU A 1 133 ? -11.796 -7.672  -13.918 1.00 47.81  ? 133 LEU A C   1 
ATOM   1020 O O   . LEU A 1 133 ? -11.573 -6.584  -14.443 1.00 46.71  ? 133 LEU A O   1 
ATOM   1021 C CB  . LEU A 1 133 ? -13.328 -8.538  -15.697 1.00 47.86  ? 133 LEU A CB  1 
ATOM   1022 C CG  . LEU A 1 133 ? -14.652 -9.177  -16.119 1.00 48.14  ? 133 LEU A CG  1 
ATOM   1023 C CD1 . LEU A 1 133 ? -15.009 -8.782  -17.543 1.00 48.14  ? 133 LEU A CD1 1 
ATOM   1024 C CD2 . LEU A 1 133 ? -14.607 -10.689 -15.956 1.00 48.29  ? 133 LEU A CD2 1 
ATOM   1025 N N   . SER A 1 134 ? -10.960 -8.265  -13.067 1.00 49.09  ? 134 SER A N   1 
ATOM   1026 C CA  . SER A 1 134 ? -9.625  -7.759  -12.780 1.00 51.91  ? 134 SER A CA  1 
ATOM   1027 C C   . SER A 1 134 ? -8.691  -8.938  -12.660 1.00 55.10  ? 134 SER A C   1 
ATOM   1028 O O   . SER A 1 134 ? -9.100  -10.003 -12.176 1.00 59.67  ? 134 SER A O   1 
ATOM   1029 C CB  . SER A 1 134 ? -9.606  -6.962  -11.464 1.00 52.56  ? 134 SER A CB  1 
ATOM   1030 O OG  . SER A 1 134 ? -8.460  -6.117  -11.376 1.00 52.14  ? 134 SER A OG  1 
ATOM   1031 N N   . ASN A 1 135 ? -7.447  -8.739  -13.103 1.00 59.02  ? 135 ASN A N   1 
ATOM   1032 C CA  . ASN A 1 135 ? -6.335  -9.667  -12.817 1.00 58.86  ? 135 ASN A CA  1 
ATOM   1033 C C   . ASN A 1 135 ? -5.705  -9.416  -11.436 1.00 57.70  ? 135 ASN A C   1 
ATOM   1034 O O   . ASN A 1 135 ? -4.937  -10.244 -10.971 1.00 59.52  ? 135 ASN A O   1 
ATOM   1035 C CB  . ASN A 1 135 ? -5.238  -9.565  -13.886 1.00 58.51  ? 135 ASN A CB  1 
ATOM   1036 C CG  . ASN A 1 135 ? -5.765  -9.754  -15.304 1.00 58.81  ? 135 ASN A CG  1 
ATOM   1037 O OD1 . ASN A 1 135 ? -5.376  -9.020  -16.214 1.00 58.67  ? 135 ASN A OD1 1 
ATOM   1038 N ND2 . ASN A 1 135 ? -6.647  -10.739 -15.497 1.00 55.94  ? 135 ASN A ND2 1 
ATOM   1039 N N   . ASP A 1 136 ? -6.030  -8.292  -10.792 1.00 56.83  ? 136 ASP A N   1 
ATOM   1040 C CA  . ASP A 1 136 ? -5.441  -7.921  -9.507  1.00 58.54  ? 136 ASP A CA  1 
ATOM   1041 C C   . ASP A 1 136 ? -5.838  -8.840  -8.357  1.00 60.97  ? 136 ASP A C   1 
ATOM   1042 O O   . ASP A 1 136 ? -6.970  -8.781  -7.860  1.00 60.75  ? 136 ASP A O   1 
ATOM   1043 C CB  . ASP A 1 136 ? -5.833  -6.494  -9.116  1.00 60.14  ? 136 ASP A CB  1 
ATOM   1044 C CG  . ASP A 1 136 ? -5.248  -5.453  -10.027 1.00 60.60  ? 136 ASP A CG  1 
ATOM   1045 O OD1 . ASP A 1 136 ? -4.242  -5.732  -10.713 1.00 62.53  ? 136 ASP A OD1 1 
ATOM   1046 O OD2 . ASP A 1 136 ? -5.798  -4.332  -10.054 1.00 60.13  ? 136 ASP A OD2 1 
ATOM   1047 N N   . ILE A 1 137 ? -4.873  -9.652  -7.919  1.00 63.59  ? 137 ILE A N   1 
ATOM   1048 C CA  . ILE A 1 137 ? -5.015  -10.499 -6.734  1.00 62.13  ? 137 ILE A CA  1 
ATOM   1049 C C   . ILE A 1 137 ? -4.896  -9.669  -5.456  1.00 59.32  ? 137 ILE A C   1 
ATOM   1050 O O   . ILE A 1 137 ? -3.974  -8.860  -5.312  1.00 55.51  ? 137 ILE A O   1 
ATOM   1051 C CB  . ILE A 1 137 ? -3.970  -11.642 -6.721  1.00 62.33  ? 137 ILE A CB  1 
ATOM   1052 C CG1 . ILE A 1 137 ? -4.258  -12.604 -7.889  1.00 62.76  ? 137 ILE A CG1 1 
ATOM   1053 C CG2 . ILE A 1 137 ? -3.980  -12.374 -5.376  1.00 62.61  ? 137 ILE A CG2 1 
ATOM   1054 C CD1 . ILE A 1 137 ? -3.259  -13.735 -8.061  1.00 63.23  ? 137 ILE A CD1 1 
ATOM   1055 N N   . GLY A 1 138 ? -5.839  -9.896  -4.541  1.00 58.22  ? 138 GLY A N   1 
ATOM   1056 C CA  . GLY A 1 138 ? -5.820  -9.306  -3.209  1.00 57.44  ? 138 GLY A CA  1 
ATOM   1057 C C   . GLY A 1 138 ? -6.105  -7.820  -3.146  1.00 55.59  ? 138 GLY A C   1 
ATOM   1058 O O   . GLY A 1 138 ? -5.610  -7.142  -2.249  1.00 55.28  ? 138 GLY A O   1 
ATOM   1059 N N   . ALA A 1 139 ? -6.904  -7.318  -4.085  1.00 54.37  ? 139 ALA A N   1 
ATOM   1060 C CA  . ALA A 1 139 ? -7.257  -5.904  -4.138  1.00 53.03  ? 139 ALA A CA  1 
ATOM   1061 C C   . ALA A 1 139 ? -8.628  -5.704  -3.529  1.00 52.83  ? 139 ALA A C   1 
ATOM   1062 O O   . ALA A 1 139 ? -9.421  -6.639  -3.454  1.00 54.30  ? 139 ALA A O   1 
ATOM   1063 C CB  . ALA A 1 139 ? -7.249  -5.420  -5.574  1.00 53.68  ? 139 ALA A CB  1 
ATOM   1064 N N   . ASN A 1 140 ? -8.905  -4.469  -3.122  1.00 53.44  ? 140 ASN A N   1 
ATOM   1065 C CA  . ASN A 1 140 ? -10.186 -4.092  -2.512  1.00 52.65  ? 140 ASN A CA  1 
ATOM   1066 C C   . ASN A 1 140 ? -11.207 -3.727  -3.600  1.00 49.89  ? 140 ASN A C   1 
ATOM   1067 O O   . ASN A 1 140 ? -10.959 -2.829  -4.397  1.00 48.52  ? 140 ASN A O   1 
ATOM   1068 C CB  . ASN A 1 140 ? -9.966  -2.908  -1.555  1.00 53.77  ? 140 ASN A CB  1 
ATOM   1069 C CG  . ASN A 1 140 ? -11.009 -2.840  -0.462  1.00 56.79  ? 140 ASN A CG  1 
ATOM   1070 O OD1 . ASN A 1 140 ? -12.187 -2.597  -0.716  1.00 59.01  ? 140 ASN A OD1 1 
ATOM   1071 N ND2 . ASN A 1 140 ? -10.577 -3.064  0.771   1.00 62.28  ? 140 ASN A ND2 1 
ATOM   1072 N N   . ILE A 1 141 ? -12.346 -4.418  -3.634  1.00 48.66  ? 141 ILE A N   1 
ATOM   1073 C CA  . ILE A 1 141 ? -13.389 -4.138  -4.621  1.00 48.90  ? 141 ILE A CA  1 
ATOM   1074 C C   . ILE A 1 141 ? -14.620 -3.558  -3.955  1.00 48.93  ? 141 ILE A C   1 
ATOM   1075 O O   . ILE A 1 141 ? -15.226 -4.207  -3.119  1.00 51.76  ? 141 ILE A O   1 
ATOM   1076 C CB  . ILE A 1 141 ? -13.783 -5.407  -5.390  1.00 50.19  ? 141 ILE A CB  1 
ATOM   1077 C CG1 . ILE A 1 141 ? -12.633 -5.816  -6.325  1.00 50.96  ? 141 ILE A CG1 1 
ATOM   1078 C CG2 . ILE A 1 141 ? -15.081 -5.193  -6.176  1.00 50.73  ? 141 ILE A CG2 1 
ATOM   1079 C CD1 . ILE A 1 141 ? -12.754 -7.215  -6.889  1.00 50.97  ? 141 ILE A CD1 1 
ATOM   1080 N N   . GLN A 1 142 ? -14.985 -2.347  -4.358  1.00 50.54  ? 142 GLN A N   1 
ATOM   1081 C CA  . GLN A 1 142 ? -16.202 -1.676  -3.912  1.00 53.15  ? 142 GLN A CA  1 
ATOM   1082 C C   . GLN A 1 142 ? -17.154 -1.497  -5.106  1.00 49.43  ? 142 GLN A C   1 
ATOM   1083 O O   . GLN A 1 142 ? -16.704 -1.350  -6.233  1.00 52.15  ? 142 GLN A O   1 
ATOM   1084 C CB  . GLN A 1 142 ? -15.837 -0.316  -3.320  1.00 58.18  ? 142 GLN A CB  1 
ATOM   1085 C CG  . GLN A 1 142 ? -16.949 0.327   -2.491  1.00 63.12  ? 142 GLN A CG  1 
ATOM   1086 C CD  . GLN A 1 142 ? -16.990 1.848   -2.556  1.00 65.09  ? 142 GLN A CD  1 
ATOM   1087 O OE1 . GLN A 1 142 ? -17.788 2.469   -1.855  1.00 65.53  ? 142 GLN A OE1 1 
ATOM   1088 N NE2 . GLN A 1 142 ? -16.143 2.455   -3.395  1.00 65.82  ? 142 GLN A NE2 1 
ATOM   1089 N N   . TRP A 1 143 ? -18.462 -1.512  -4.855  1.00 46.30  ? 143 TRP A N   1 
ATOM   1090 C CA  . TRP A 1 143 ? -19.474 -1.340  -5.906  1.00 43.34  ? 143 TRP A CA  1 
ATOM   1091 C C   . TRP A 1 143 ? -20.148 0.024   -5.829  1.00 43.22  ? 143 TRP A C   1 
ATOM   1092 O O   . TRP A 1 143 ? -20.336 0.575   -4.743  1.00 42.11  ? 143 TRP A O   1 
ATOM   1093 C CB  . TRP A 1 143 ? -20.520 -2.447  -5.807  1.00 41.30  ? 143 TRP A CB  1 
ATOM   1094 C CG  . TRP A 1 143 ? -19.981 -3.744  -6.240  1.00 39.46  ? 143 TRP A CG  1 
ATOM   1095 C CD1 . TRP A 1 143 ? -19.380 -4.683  -5.463  1.00 38.16  ? 143 TRP A CD1 1 
ATOM   1096 C CD2 . TRP A 1 143 ? -19.955 -4.247  -7.577  1.00 38.82  ? 143 TRP A CD2 1 
ATOM   1097 N NE1 . TRP A 1 143 ? -18.989 -5.751  -6.228  1.00 37.83  ? 143 TRP A NE1 1 
ATOM   1098 C CE2 . TRP A 1 143 ? -19.331 -5.511  -7.533  1.00 37.98  ? 143 TRP A CE2 1 
ATOM   1099 C CE3 . TRP A 1 143 ? -20.405 -3.753  -8.812  1.00 38.09  ? 143 TRP A CE3 1 
ATOM   1100 C CZ2 . TRP A 1 143 ? -19.144 -6.293  -8.676  1.00 37.52  ? 143 TRP A CZ2 1 
ATOM   1101 C CZ3 . TRP A 1 143 ? -20.212 -4.531  -9.953  1.00 37.66  ? 143 TRP A CZ3 1 
ATOM   1102 C CH2 . TRP A 1 143 ? -19.589 -5.786  -9.875  1.00 37.56  ? 143 TRP A CH2 1 
ATOM   1103 N N   . LEU A 1 144 ? -20.499 0.553   -7.001  1.00 44.10  ? 144 LEU A N   1 
ATOM   1104 C CA  . LEU A 1 144 ? -21.125 1.869   -7.145  1.00 43.96  ? 144 LEU A CA  1 
ATOM   1105 C C   . LEU A 1 144 ? -22.464 1.749   -7.863  1.00 43.56  ? 144 LEU A C   1 
ATOM   1106 O O   . LEU A 1 144 ? -22.692 0.795   -8.626  1.00 40.29  ? 144 LEU A O   1 
ATOM   1107 C CB  . LEU A 1 144 ? -20.218 2.813   -7.941  1.00 45.27  ? 144 LEU A CB  1 
ATOM   1108 C CG  . LEU A 1 144 ? -19.164 3.654   -7.207  1.00 47.03  ? 144 LEU A CG  1 
ATOM   1109 C CD1 . LEU A 1 144 ? -18.463 2.906   -6.083  1.00 49.24  ? 144 LEU A CD1 1 
ATOM   1110 C CD2 . LEU A 1 144 ? -18.133 4.170   -8.197  1.00 47.42  ? 144 LEU A CD2 1 
ATOM   1111 N N   . PHE A 1 145 ? -23.331 2.734   -7.608  1.00 44.48  ? 145 PHE A N   1 
ATOM   1112 C CA  . PHE A 1 145 ? -24.652 2.853   -8.242  1.00 45.20  ? 145 PHE A CA  1 
ATOM   1113 C C   . PHE A 1 145 ? -24.962 4.326   -8.509  1.00 45.74  ? 145 PHE A C   1 
ATOM   1114 O O   . PHE A 1 145 ? -25.050 5.116   -7.574  1.00 45.26  ? 145 PHE A O   1 
ATOM   1115 C CB  . PHE A 1 145 ? -25.740 2.241   -7.357  1.00 43.92  ? 145 PHE A CB  1 
ATOM   1116 C CG  . PHE A 1 145 ? -27.125 2.390   -7.918  1.00 43.26  ? 145 PHE A CG  1 
ATOM   1117 C CD1 . PHE A 1 145 ? -28.011 3.330   -7.405  1.00 42.86  ? 145 PHE A CD1 1 
ATOM   1118 C CD2 . PHE A 1 145 ? -27.537 1.599   -8.975  1.00 43.52  ? 145 PHE A CD2 1 
ATOM   1119 C CE1 . PHE A 1 145 ? -29.289 3.465   -7.930  1.00 42.54  ? 145 PHE A CE1 1 
ATOM   1120 C CE2 . PHE A 1 145 ? -28.815 1.725   -9.501  1.00 43.27  ? 145 PHE A CE2 1 
ATOM   1121 C CZ  . PHE A 1 145 ? -29.693 2.660   -8.980  1.00 42.47  ? 145 PHE A CZ  1 
ATOM   1122 N N   . ASN A 1 146 ? -25.129 4.686   -9.781  1.00 48.78  ? 146 ASN A N   1 
ATOM   1123 C CA  . ASN A 1 146 ? -25.250 6.090   -10.207 1.00 50.26  ? 146 ASN A CA  1 
ATOM   1124 C C   . ASN A 1 146 ? -24.183 6.970   -9.532  1.00 52.73  ? 146 ASN A C   1 
ATOM   1125 O O   . ASN A 1 146 ? -24.496 7.915   -8.810  1.00 54.03  ? 146 ASN A O   1 
ATOM   1126 C CB  . ASN A 1 146 ? -26.680 6.600   -9.980  1.00 47.17  ? 146 ASN A CB  1 
ATOM   1127 C CG  . ASN A 1 146 ? -27.698 5.872   -10.849 1.00 46.60  ? 146 ASN A CG  1 
ATOM   1128 O OD1 . ASN A 1 146 ? -27.412 5.507   -11.989 1.00 46.46  ? 146 ASN A OD1 1 
ATOM   1129 N ND2 . ASN A 1 146 ? -28.886 5.647   -10.312 1.00 46.47  ? 146 ASN A ND2 1 
ATOM   1130 N N   . SER A 1 147 ? -22.924 6.579   -9.744  1.00 54.27  ? 147 SER A N   1 
ATOM   1131 C CA  . SER A 1 147 ? -21.728 7.268   -9.234  1.00 55.03  ? 147 SER A CA  1 
ATOM   1132 C C   . SER A 1 147 ? -21.515 7.347   -7.707  1.00 56.71  ? 147 SER A C   1 
ATOM   1133 O O   . SER A 1 147 ? -20.533 7.939   -7.279  1.00 59.98  ? 147 SER A O   1 
ATOM   1134 C CB  . SER A 1 147 ? -21.622 8.661   -9.843  1.00 54.79  ? 147 SER A CB  1 
ATOM   1135 O OG  . SER A 1 147 ? -21.684 8.567   -11.246 1.00 56.96  ? 147 SER A OG  1 
ATOM   1136 N N   . GLN A 1 148 ? -22.377 6.731   -6.898  1.00 57.20  ? 148 GLN A N   1 
ATOM   1137 C CA  . GLN A 1 148 ? -22.214 6.716   -5.442  1.00 57.68  ? 148 GLN A CA  1 
ATOM   1138 C C   . GLN A 1 148 ? -22.112 5.293   -4.921  1.00 56.81  ? 148 GLN A C   1 
ATOM   1139 O O   . GLN A 1 148 ? -22.435 4.352   -5.637  1.00 56.39  ? 148 GLN A O   1 
ATOM   1140 C CB  . GLN A 1 148 ? -23.390 7.415   -4.789  1.00 60.83  ? 148 GLN A CB  1 
ATOM   1141 C CG  . GLN A 1 148 ? -23.514 8.867   -5.210  1.00 64.60  ? 148 GLN A CG  1 
ATOM   1142 C CD  . GLN A 1 148 ? -24.366 9.670   -4.252  1.00 68.03  ? 148 GLN A CD  1 
ATOM   1143 O OE1 . GLN A 1 148 ? -25.575 9.453   -4.146  1.00 69.34  ? 148 GLN A OE1 1 
ATOM   1144 N NE2 . GLN A 1 148 ? -23.737 10.605  -3.541  1.00 70.07  ? 148 GLN A NE2 1 
ATOM   1145 N N   . SER A 1 149 ? -21.665 5.145   -3.672  1.00 56.71  ? 149 SER A N   1 
ATOM   1146 C CA  . SER A 1 149 ? -21.534 3.821   -3.028  1.00 54.95  ? 149 SER A CA  1 
ATOM   1147 C C   . SER A 1 149 ? -22.854 3.085   -3.001  1.00 52.74  ? 149 SER A C   1 
ATOM   1148 O O   . SER A 1 149 ? -23.875 3.679   -2.687  1.00 58.09  ? 149 SER A O   1 
ATOM   1149 C CB  . SER A 1 149 ? -21.037 3.947   -1.590  1.00 54.84  ? 149 SER A CB  1 
ATOM   1150 O OG  . SER A 1 149 ? -19.647 4.146   -1.572  1.00 58.12  ? 149 SER A OG  1 
ATOM   1151 N N   . LEU A 1 150 ? -22.832 1.797   -3.323  1.00 48.60  ? 150 LEU A N   1 
ATOM   1152 C CA  . LEU A 1 150 ? -24.046 0.996   -3.359  1.00 46.87  ? 150 LEU A CA  1 
ATOM   1153 C C   . LEU A 1 150 ? -24.445 0.635   -1.940  1.00 44.47  ? 150 LEU A C   1 
ATOM   1154 O O   . LEU A 1 150 ? -23.631 0.087   -1.213  1.00 44.02  ? 150 LEU A O   1 
ATOM   1155 C CB  . LEU A 1 150 ? -23.821 -0.280  -4.178  1.00 47.88  ? 150 LEU A CB  1 
ATOM   1156 C CG  . LEU A 1 150 ? -24.970 -1.295  -4.223  1.00 49.68  ? 150 LEU A CG  1 
ATOM   1157 C CD1 . LEU A 1 150 ? -26.259 -0.637  -4.696  1.00 51.15  ? 150 LEU A CD1 1 
ATOM   1158 C CD2 . LEU A 1 150 ? -24.606 -2.470  -5.112  1.00 49.81  ? 150 LEU A CD2 1 
ATOM   1159 N N   . GLN A 1 151 ? -25.681 0.940   -1.538  1.00 44.31  ? 151 GLN A N   1 
ATOM   1160 C CA  . GLN A 1 151 ? -26.172 0.467   -0.249  1.00 44.07  ? 151 GLN A CA  1 
ATOM   1161 C C   . GLN A 1 151 ? -26.609 -0.951  -0.497  1.00 41.87  ? 151 GLN A C   1 
ATOM   1162 O O   . GLN A 1 151 ? -27.551 -1.194  -1.247  1.00 40.75  ? 151 GLN A O   1 
ATOM   1163 C CB  . GLN A 1 151 ? -27.314 1.318   0.340   1.00 45.82  ? 151 GLN A CB  1 
ATOM   1164 C CG  . GLN A 1 151 ? -27.898 0.798   1.677   1.00 47.85  ? 151 GLN A CG  1 
ATOM   1165 C CD  . GLN A 1 151 ? -26.866 0.554   2.790   1.00 49.35  ? 151 GLN A CD  1 
ATOM   1166 O OE1 . GLN A 1 151 ? -26.594 -0.596  3.191   1.00 45.89  ? 151 GLN A OE1 1 
ATOM   1167 N NE2 . GLN A 1 151 ? -26.288 1.642   3.295   1.00 52.03  ? 151 GLN A NE2 1 
ATOM   1168 N N   . LEU A 1 152 ? -25.879 -1.875  0.116   1.00 42.31  ? 152 LEU A N   1 
ATOM   1169 C CA  . LEU A 1 152 ? -26.161 -3.298  0.016   1.00 43.49  ? 152 LEU A CA  1 
ATOM   1170 C C   . LEU A 1 152 ? -27.388 -3.636  0.845   1.00 44.01  ? 152 LEU A C   1 
ATOM   1171 O O   . LEU A 1 152 ? -27.683 -2.950  1.825   1.00 44.81  ? 152 LEU A O   1 
ATOM   1172 C CB  . LEU A 1 152 ? -24.961 -4.124  0.503   1.00 42.68  ? 152 LEU A CB  1 
ATOM   1173 C CG  . LEU A 1 152 ? -23.648 -3.930  -0.256  1.00 41.41  ? 152 LEU A CG  1 
ATOM   1174 C CD1 . LEU A 1 152 ? -22.521 -4.705  0.393   1.00 40.19  ? 152 LEU A CD1 1 
ATOM   1175 C CD2 . LEU A 1 152 ? -23.815 -4.358  -1.707  1.00 42.69  ? 152 LEU A CD2 1 
ATOM   1176 N N   . THR A 1 153 ? -28.108 -4.677  0.433   1.00 44.21  ? 153 THR A N   1 
ATOM   1177 C CA  . THR A 1 153 ? -29.275 -5.160  1.164   1.00 45.39  ? 153 THR A CA  1 
ATOM   1178 C C   . THR A 1 153 ? -29.369 -6.690  1.097   1.00 46.80  ? 153 THR A C   1 
ATOM   1179 O O   . THR A 1 153 ? -28.591 -7.341  0.408   1.00 47.61  ? 153 THR A O   1 
ATOM   1180 C CB  . THR A 1 153 ? -30.592 -4.549  0.628   1.00 44.25  ? 153 THR A CB  1 
ATOM   1181 O OG1 . THR A 1 153 ? -30.914 -5.135  -0.635  1.00 46.25  ? 153 THR A OG1 1 
ATOM   1182 C CG2 . THR A 1 153 ? -30.505 -3.033  0.469   1.00 43.34  ? 153 THR A CG2 1 
ATOM   1183 N N   . GLU A 1 154 ? -30.337 -7.232  1.835   1.00 48.53  ? 154 GLU A N   1 
ATOM   1184 C CA  . GLU A 1 154 ? -30.757 -8.643  1.802   1.00 48.95  ? 154 GLU A CA  1 
ATOM   1185 C C   . GLU A 1 154 ? -30.842 -9.287  0.406   1.00 47.75  ? 154 GLU A C   1 
ATOM   1186 O O   . GLU A 1 154 ? -30.678 -10.502 0.262   1.00 46.92  ? 154 GLU A O   1 
ATOM   1187 C CB  . GLU A 1 154 ? -32.130 -8.718  2.483   1.00 53.22  ? 154 GLU A CB  1 
ATOM   1188 C CG  . GLU A 1 154 ? -32.844 -10.065 2.493   1.00 56.24  ? 154 GLU A CG  1 
ATOM   1189 C CD  . GLU A 1 154 ? -34.084 -10.047 3.371   1.00 57.95  ? 154 GLU A CD  1 
ATOM   1190 O OE1 . GLU A 1 154 ? -34.609 -8.951  3.663   1.00 57.41  ? 154 GLU A OE1 1 
ATOM   1191 O OE2 . GLU A 1 154 ? -34.533 -11.132 3.786   1.00 63.63  ? 154 GLU A OE2 1 
ATOM   1192 N N   . ARG A 1 155 ? -31.105 -8.476  -0.614  1.00 47.90  ? 155 ARG A N   1 
ATOM   1193 C CA  . ARG A 1 155 ? -31.295 -8.968  -1.981  1.00 48.86  ? 155 ARG A CA  1 
ATOM   1194 C C   . ARG A 1 155 ? -30.000 -9.232  -2.749  1.00 48.17  ? 155 ARG A C   1 
ATOM   1195 O O   . ARG A 1 155 ? -30.056 -9.738  -3.866  1.00 48.48  ? 155 ARG A O   1 
ATOM   1196 C CB  . ARG A 1 155 ? -32.174 -7.982  -2.766  1.00 48.71  ? 155 ARG A CB  1 
ATOM   1197 C CG  . ARG A 1 155 ? -33.536 -7.785  -2.116  1.00 49.39  ? 155 ARG A CG  1 
ATOM   1198 C CD  . ARG A 1 155 ? -34.425 -6.802  -2.838  1.00 49.84  ? 155 ARG A CD  1 
ATOM   1199 N NE  . ARG A 1 155 ? -33.785 -5.500  -3.010  1.00 50.06  ? 155 ARG A NE  1 
ATOM   1200 C CZ  . ARG A 1 155 ? -33.267 -5.031  -4.148  1.00 52.34  ? 155 ARG A CZ  1 
ATOM   1201 N NH1 . ARG A 1 155 ? -33.283 -5.739  -5.281  1.00 53.93  ? 155 ARG A NH1 1 
ATOM   1202 N NH2 . ARG A 1 155 ? -32.724 -3.821  -4.159  1.00 52.62  ? 155 ARG A NH2 1 
ATOM   1203 N N   . MET A 1 156 ? -28.849 -8.926  -2.152  1.00 47.35  ? 156 MET A N   1 
ATOM   1204 C CA  . MET A 1 156 ? -27.570 -8.945  -2.854  1.00 46.28  ? 156 MET A CA  1 
ATOM   1205 C C   . MET A 1 156 ? -26.639 -9.996  -2.263  1.00 45.97  ? 156 MET A C   1 
ATOM   1206 O O   . MET A 1 156 ? -26.822 -10.413 -1.119  1.00 44.53  ? 156 MET A O   1 
ATOM   1207 C CB  . MET A 1 156 ? -26.952 -7.553  -2.791  1.00 45.59  ? 156 MET A CB  1 
ATOM   1208 C CG  . MET A 1 156 ? -27.970 -6.468  -3.101  1.00 46.09  ? 156 MET A CG  1 
ATOM   1209 S SD  . MET A 1 156 ? -27.240 -4.849  -3.335  1.00 49.12  ? 156 MET A SD  1 
ATOM   1210 C CE  . MET A 1 156 ? -28.677 -3.789  -3.164  1.00 48.57  ? 156 MET A CE  1 
ATOM   1211 N N   . THR A 1 157 ? -25.658 -10.435 -3.055  1.00 46.29  ? 157 THR A N   1 
ATOM   1212 C CA  . THR A 1 157 ? -24.739 -11.507 -2.650  1.00 46.49  ? 157 THR A CA  1 
ATOM   1213 C C   . THR A 1 157 ? -23.338 -11.373 -3.280  1.00 48.46  ? 157 THR A C   1 
ATOM   1214 O O   . THR A 1 157 ? -23.143 -11.667 -4.474  1.00 50.44  ? 157 THR A O   1 
ATOM   1215 C CB  . THR A 1 157 ? -25.323 -12.887 -3.013  1.00 45.03  ? 157 THR A CB  1 
ATOM   1216 O OG1 . THR A 1 157 ? -26.641 -13.007 -2.471  1.00 44.12  ? 157 THR A OG1 1 
ATOM   1217 C CG2 . THR A 1 157 ? -24.452 -14.008 -2.469  1.00 44.87  ? 157 THR A CG2 1 
ATOM   1218 N N   . LEU A 1 158 ? -22.367 -10.957 -2.465  1.00 46.99  ? 158 LEU A N   1 
ATOM   1219 C CA  . LEU A 1 158 ? -20.985 -10.815 -2.914  1.00 46.66  ? 158 LEU A CA  1 
ATOM   1220 C C   . LEU A 1 158 ? -20.247 -12.144 -2.825  1.00 49.76  ? 158 LEU A C   1 
ATOM   1221 O O   . LEU A 1 158 ? -20.370 -12.853 -1.834  1.00 52.82  ? 158 LEU A O   1 
ATOM   1222 C CB  . LEU A 1 158 ? -20.264 -9.764  -2.086  1.00 45.52  ? 158 LEU A CB  1 
ATOM   1223 C CG  . LEU A 1 158 ? -20.928 -8.385  -2.112  1.00 46.86  ? 158 LEU A CG  1 
ATOM   1224 C CD1 . LEU A 1 158 ? -20.305 -7.445  -1.087  1.00 46.79  ? 158 LEU A CD1 1 
ATOM   1225 C CD2 . LEU A 1 158 ? -20.859 -7.778  -3.505  1.00 47.37  ? 158 LEU A CD2 1 
ATOM   1226 N N   . SER A 1 159 ? -19.497 -12.471 -3.878  1.00 52.97  ? 159 SER A N   1 
ATOM   1227 C CA  . SER A 1 159 ? -18.689 -13.699 -3.977  1.00 52.04  ? 159 SER A CA  1 
ATOM   1228 C C   . SER A 1 159 ? -17.316 -13.327 -4.537  1.00 54.32  ? 159 SER A C   1 
ATOM   1229 O O   . SER A 1 159 ? -17.142 -12.222 -5.077  1.00 55.46  ? 159 SER A O   1 
ATOM   1230 C CB  . SER A 1 159 ? -19.358 -14.713 -4.915  1.00 51.49  ? 159 SER A CB  1 
ATOM   1231 O OG  . SER A 1 159 ? -20.697 -14.342 -5.203  1.00 52.51  ? 159 SER A OG  1 
ATOM   1232 N N   . GLN A 1 160 ? -16.367 -14.263 -4.452  1.00 55.96  ? 160 GLN A N   1 
ATOM   1233 C CA  . GLN A 1 160 ? -14.967 -14.051 -4.896  1.00 55.10  ? 160 GLN A CA  1 
ATOM   1234 C C   . GLN A 1 160 ? -14.449 -12.650 -4.555  1.00 52.02  ? 160 GLN A C   1 
ATOM   1235 O O   . GLN A 1 160 ? -14.277 -11.807 -5.427  1.00 52.41  ? 160 GLN A O   1 
ATOM   1236 C CB  . GLN A 1 160 ? -14.825 -14.345 -6.403  1.00 55.76  ? 160 GLN A CB  1 
ATOM   1237 C CG  . GLN A 1 160 ? -14.463 -15.786 -6.736  1.00 57.72  ? 160 GLN A CG  1 
ATOM   1238 C CD  . GLN A 1 160 ? -15.384 -16.382 -7.772  1.00 60.84  ? 160 GLN A CD  1 
ATOM   1239 O OE1 . GLN A 1 160 ? -14.994 -16.617 -8.916  1.00 64.39  ? 160 GLN A OE1 1 
ATOM   1240 N NE2 . GLN A 1 160 ? -16.627 -16.617 -7.377  1.00 65.63  ? 160 GLN A NE2 1 
ATOM   1241 N N   . ASN A 1 161 ? -14.269 -12.404 -3.266  1.00 49.40  ? 161 ASN A N   1 
ATOM   1242 C CA  . ASN A 1 161 ? -13.776 -11.132 -2.754  1.00 47.12  ? 161 ASN A CA  1 
ATOM   1243 C C   . ASN A 1 161 ? -14.455 -9.919  -3.374  1.00 44.86  ? 161 ASN A C   1 
ATOM   1244 O O   . ASN A 1 161 ? -13.804 -8.935  -3.701  1.00 45.08  ? 161 ASN A O   1 
ATOM   1245 C CB  . ASN A 1 161 ? -12.259 -11.080 -2.905  1.00 47.64  ? 161 ASN A CB  1 
ATOM   1246 C CG  . ASN A 1 161 ? -11.570 -12.051 -1.977  1.00 47.99  ? 161 ASN A CG  1 
ATOM   1247 O OD1 . ASN A 1 161 ? -11.078 -13.089 -2.404  1.00 47.47  ? 161 ASN A OD1 1 
ATOM   1248 N ND2 . ASN A 1 161 ? -11.574 -11.736 -0.683  1.00 48.05  ? 161 ASN A ND2 1 
ATOM   1249 N N   . ASN A 1 162 ? -15.777 -10.016 -3.505  1.00 43.94  ? 162 ASN A N   1 
ATOM   1250 C CA  . ASN A 1 162 ? -16.639 -8.962  -4.059  1.00 45.64  ? 162 ASN A CA  1 
ATOM   1251 C C   . ASN A 1 162 ? -16.597 -8.755  -5.582  1.00 46.37  ? 162 ASN A C   1 
ATOM   1252 O O   . ASN A 1 162 ? -17.270 -7.850  -6.091  1.00 50.10  ? 162 ASN A O   1 
ATOM   1253 C CB  . ASN A 1 162 ? -16.418 -7.605  -3.362  1.00 44.72  ? 162 ASN A CB  1 
ATOM   1254 C CG  . ASN A 1 162 ? -16.478 -7.700  -1.861  1.00 44.03  ? 162 ASN A CG  1 
ATOM   1255 O OD1 . ASN A 1 162 ? -17.189 -8.531  -1.300  1.00 43.98  ? 162 ASN A OD1 1 
ATOM   1256 N ND2 . ASN A 1 162 ? -15.728 -6.842  -1.199  1.00 46.42  ? 162 ASN A ND2 1 
ATOM   1257 N N   . SER A 1 163 ? -15.851 -9.572  -6.320  1.00 44.58  ? 163 SER A N   1 
ATOM   1258 C CA  . SER A 1 163 ? -15.822 -9.417  -7.770  1.00 42.50  ? 163 SER A CA  1 
ATOM   1259 C C   . SER A 1 163 ? -17.140 -9.860  -8.411  1.00 42.71  ? 163 SER A C   1 
ATOM   1260 O O   . SER A 1 163 ? -17.448 -9.400  -9.498  1.00 44.72  ? 163 SER A O   1 
ATOM   1261 C CB  . SER A 1 163 ? -14.639 -10.152 -8.389  1.00 40.99  ? 163 SER A CB  1 
ATOM   1262 O OG  . SER A 1 163 ? -14.730 -11.537 -8.166  1.00 41.01  ? 163 SER A OG  1 
ATOM   1263 N N   . ILE A 1 164 ? -17.915 -10.728 -7.757  1.00 42.09  ? 164 ILE A N   1 
ATOM   1264 C CA  . ILE A 1 164 ? -19.221 -11.150 -8.289  1.00 43.15  ? 164 ILE A CA  1 
ATOM   1265 C C   . ILE A 1 164 ? -20.361 -10.593 -7.430  1.00 43.11  ? 164 ILE A C   1 
ATOM   1266 O O   . ILE A 1 164 ? -20.593 -11.072 -6.323  1.00 46.42  ? 164 ILE A O   1 
ATOM   1267 C CB  . ILE A 1 164 ? -19.319 -12.696 -8.413  1.00 43.94  ? 164 ILE A CB  1 
ATOM   1268 C CG1 . ILE A 1 164 ? -18.561 -13.190 -9.647  1.00 45.33  ? 164 ILE A CG1 1 
ATOM   1269 C CG2 . ILE A 1 164 ? -20.762 -13.167 -8.557  1.00 44.44  ? 164 ILE A CG2 1 
ATOM   1270 C CD1 . ILE A 1 164 ? -17.060 -13.092 -9.548  1.00 47.45  ? 164 ILE A CD1 1 
ATOM   1271 N N   . LEU A 1 165 ? -21.080 -9.601  -7.952  1.00 41.69  ? 165 LEU A N   1 
ATOM   1272 C CA  . LEU A 1 165 ? -22.257 -9.057  -7.279  1.00 42.10  ? 165 LEU A CA  1 
ATOM   1273 C C   . LEU A 1 165 ? -23.518 -9.533  -7.961  1.00 42.96  ? 165 LEU A C   1 
ATOM   1274 O O   . LEU A 1 165 ? -23.781 -9.167  -9.095  1.00 41.54  ? 165 LEU A O   1 
ATOM   1275 C CB  . LEU A 1 165 ? -22.231 -7.534  -7.286  1.00 42.22  ? 165 LEU A CB  1 
ATOM   1276 C CG  . LEU A 1 165 ? -23.507 -6.816  -6.847  1.00 42.03  ? 165 LEU A CG  1 
ATOM   1277 C CD1 . LEU A 1 165 ? -24.028 -7.339  -5.524  1.00 43.31  ? 165 LEU A CD1 1 
ATOM   1278 C CD2 . LEU A 1 165 ? -23.232 -5.333  -6.728  1.00 42.84  ? 165 LEU A CD2 1 
ATOM   1279 N N   . ARG A 1 166 ? -24.308 -10.324 -7.245  1.00 47.55  ? 166 ARG A N   1 
ATOM   1280 C CA  . ARG A 1 166 ? -25.581 -10.833 -7.743  1.00 50.26  ? 166 ARG A CA  1 
ATOM   1281 C C   . ARG A 1 166 ? -26.717 -10.194 -6.987  1.00 48.23  ? 166 ARG A C   1 
ATOM   1282 O O   . ARG A 1 166 ? -26.660 -10.108 -5.769  1.00 51.18  ? 166 ARG A O   1 
ATOM   1283 C CB  . ARG A 1 166 ? -25.657 -12.345 -7.562  1.00 54.71  ? 166 ARG A CB  1 
ATOM   1284 C CG  . ARG A 1 166 ? -26.620 -13.010 -8.525  1.00 59.02  ? 166 ARG A CG  1 
ATOM   1285 C CD  . ARG A 1 166 ? -26.351 -14.498 -8.622  1.00 63.44  ? 166 ARG A CD  1 
ATOM   1286 N NE  . ARG A 1 166 ? -26.967 -15.160 -7.481  1.00 69.05  ? 166 ARG A NE  1 
ATOM   1287 C CZ  . ARG A 1 166 ? -28.244 -15.545 -7.409  1.00 73.21  ? 166 ARG A CZ  1 
ATOM   1288 N NH1 . ARG A 1 166 ? -29.094 -15.363 -8.424  1.00 72.73  ? 166 ARG A NH1 1 
ATOM   1289 N NH2 . ARG A 1 166 ? -28.677 -16.132 -6.299  1.00 77.61  ? 166 ARG A NH2 1 
ATOM   1290 N N   . ILE A 1 167 ? -27.748 -9.770  -7.708  1.00 46.17  ? 167 ILE A N   1 
ATOM   1291 C CA  . ILE A 1 167 ? -28.897 -9.090  -7.127  1.00 46.99  ? 167 ILE A CA  1 
ATOM   1292 C C   . ILE A 1 167 ? -30.106 -9.945  -7.444  1.00 48.02  ? 167 ILE A C   1 
ATOM   1293 O O   . ILE A 1 167 ? -30.305 -10.289 -8.592  1.00 51.74  ? 167 ILE A O   1 
ATOM   1294 C CB  . ILE A 1 167 ? -29.070 -7.681  -7.728  1.00 47.73  ? 167 ILE A CB  1 
ATOM   1295 C CG1 . ILE A 1 167 ? -27.776 -6.874  -7.554  1.00 48.22  ? 167 ILE A CG1 1 
ATOM   1296 C CG2 . ILE A 1 167 ? -30.232 -6.945  -7.073  1.00 47.88  ? 167 ILE A CG2 1 
ATOM   1297 C CD1 . ILE A 1 167 ? -27.843 -5.446  -8.053  1.00 47.99  ? 167 ILE A CD1 1 
ATOM   1298 N N   . ASP A 1 168 ? -30.908 -10.279 -6.433  1.00 49.17  ? 168 ASP A N   1 
ATOM   1299 C CA  . ASP A 1 168 ? -31.987 -11.260 -6.570  1.00 50.09  ? 168 ASP A CA  1 
ATOM   1300 C C   . ASP A 1 168 ? -32.869 -11.275 -5.315  1.00 52.44  ? 168 ASP A C   1 
ATOM   1301 O O   . ASP A 1 168 ? -32.382 -11.612 -4.236  1.00 52.37  ? 168 ASP A O   1 
ATOM   1302 C CB  . ASP A 1 168 ? -31.395 -12.658 -6.770  1.00 49.98  ? 168 ASP A CB  1 
ATOM   1303 C CG  . ASP A 1 168 ? -32.445 -13.721 -7.019  1.00 51.84  ? 168 ASP A CG  1 
ATOM   1304 O OD1 . ASP A 1 168 ? -33.631 -13.411 -7.261  1.00 55.37  ? 168 ASP A OD1 1 
ATOM   1305 O OD2 . ASP A 1 168 ? -32.068 -14.901 -6.972  1.00 54.35  ? 168 ASP A OD2 1 
ATOM   1306 N N   . PRO A 1 169 ? -34.154 -10.931 -5.419  1.00 56.54  ? 169 PRO A N   1 
ATOM   1307 C CA  . PRO A 1 169 ? -34.830 -10.473 -6.638  1.00 57.94  ? 169 PRO A CA  1 
ATOM   1308 C C   . PRO A 1 169 ? -34.506 -9.020  -6.993  1.00 61.06  ? 169 PRO A C   1 
ATOM   1309 O O   . PRO A 1 169 ? -34.456 -8.174  -6.097  1.00 64.01  ? 169 PRO A O   1 
ATOM   1310 C CB  . PRO A 1 169 ? -36.300 -10.575 -6.250  1.00 57.68  ? 169 PRO A CB  1 
ATOM   1311 C CG  . PRO A 1 169 ? -36.314 -10.315 -4.782  1.00 57.13  ? 169 PRO A CG  1 
ATOM   1312 C CD  . PRO A 1 169 ? -35.036 -10.883 -4.240  1.00 56.55  ? 169 PRO A CD  1 
ATOM   1313 N N   . ILE A 1 170 ? -34.290 -8.733  -8.277  1.00 61.52  ? 170 ILE A N   1 
ATOM   1314 C CA  . ILE A 1 170 ? -34.155 -7.339  -8.732  1.00 63.96  ? 170 ILE A CA  1 
ATOM   1315 C C   . ILE A 1 170 ? -35.479 -6.596  -8.682  1.00 59.17  ? 170 ILE A C   1 
ATOM   1316 O O   . ILE A 1 170 ? -36.539 -7.207  -8.770  1.00 57.38  ? 170 ILE A O   1 
ATOM   1317 C CB  . ILE A 1 170 ? -33.578 -7.211  -10.155 1.00 70.56  ? 170 ILE A CB  1 
ATOM   1318 C CG1 . ILE A 1 170 ? -34.538 -7.838  -11.184 1.00 78.63  ? 170 ILE A CG1 1 
ATOM   1319 C CG2 . ILE A 1 170 ? -32.149 -7.745  -10.188 1.00 71.19  ? 170 ILE A CG2 1 
ATOM   1320 C CD1 . ILE A 1 170 ? -33.885 -8.353  -12.446 1.00 84.01  ? 170 ILE A CD1 1 
ATOM   1321 N N   . LYS A 1 171 ? -35.394 -5.276  -8.549  1.00 57.54  ? 171 LYS A N   1 
ATOM   1322 C CA  . LYS A 1 171 ? -36.559 -4.433  -8.304  1.00 58.68  ? 171 LYS A CA  1 
ATOM   1323 C C   . LYS A 1 171 ? -36.519 -3.139  -9.108  1.00 56.95  ? 171 LYS A C   1 
ATOM   1324 O O   . LYS A 1 171 ? -35.448 -2.660  -9.484  1.00 52.88  ? 171 LYS A O   1 
ATOM   1325 C CB  . LYS A 1 171 ? -36.672 -4.086  -6.815  1.00 61.22  ? 171 LYS A CB  1 
ATOM   1326 C CG  . LYS A 1 171 ? -36.694 -5.284  -5.871  1.00 64.06  ? 171 LYS A CG  1 
ATOM   1327 C CD  . LYS A 1 171 ? -37.746 -5.162  -4.777  1.00 65.50  ? 171 LYS A CD  1 
ATOM   1328 C CE  . LYS A 1 171 ? -39.121 -5.536  -5.307  1.00 66.06  ? 171 LYS A CE  1 
ATOM   1329 N NZ  . LYS A 1 171 ? -40.058 -5.808  -4.191  1.00 66.95  ? 171 LYS A NZ  1 
ATOM   1330 N N   . ARG A 1 172 ? -37.710 -2.575  -9.328  1.00 57.53  ? 172 ARG A N   1 
ATOM   1331 C CA  . ARG A 1 172 ? -37.903 -1.302  -10.020 1.00 56.68  ? 172 ARG A CA  1 
ATOM   1332 C C   . ARG A 1 172 ? -36.734 -0.333  -9.807  1.00 56.90  ? 172 ARG A C   1 
ATOM   1333 O O   . ARG A 1 172 ? -36.182 0.180   -10.779 1.00 57.51  ? 172 ARG A O   1 
ATOM   1334 C CB  . ARG A 1 172 ? -39.230 -0.654  -9.577  1.00 53.60  ? 172 ARG A CB  1 
ATOM   1335 N N   . GLU A 1 173 ? -36.343 -0.126  -8.548  1.00 57.67  ? 173 GLU A N   1 
ATOM   1336 C CA  . GLU A 1 173 ? -35.322 0.885   -8.187  1.00 60.43  ? 173 GLU A CA  1 
ATOM   1337 C C   . GLU A 1 173 ? -33.852 0.523   -8.457  1.00 57.74  ? 173 GLU A C   1 
ATOM   1338 O O   . GLU A 1 173 ? -32.985 1.402   -8.377  1.00 55.54  ? 173 GLU A O   1 
ATOM   1339 C CB  . GLU A 1 173 ? -35.471 1.334   -6.721  1.00 65.22  ? 173 GLU A CB  1 
ATOM   1340 C CG  . GLU A 1 173 ? -34.905 0.398   -5.645  1.00 67.86  ? 173 GLU A CG  1 
ATOM   1341 C CD  . GLU A 1 173 ? -35.829 -0.751  -5.271  1.00 72.45  ? 173 GLU A CD  1 
ATOM   1342 O OE1 . GLU A 1 173 ? -36.830 -1.004  -5.987  1.00 75.50  ? 173 GLU A OE1 1 
ATOM   1343 O OE2 . GLU A 1 173 ? -35.547 -1.406  -4.247  1.00 75.33  ? 173 GLU A OE2 1 
ATOM   1344 N N   . ASP A 1 174 ? -33.574 -0.751  -8.745  1.00 55.12  ? 174 ASP A N   1 
ATOM   1345 C CA  . ASP A 1 174 ? -32.217 -1.193  -9.130  1.00 52.70  ? 174 ASP A CA  1 
ATOM   1346 C C   . ASP A 1 174 ? -31.797 -0.667  -10.502 1.00 51.13  ? 174 ASP A C   1 
ATOM   1347 O O   . ASP A 1 174 ? -30.619 -0.682  -10.820 1.00 47.86  ? 174 ASP A O   1 
ATOM   1348 C CB  . ASP A 1 174 ? -32.105 -2.725  -9.119  1.00 51.62  ? 174 ASP A CB  1 
ATOM   1349 C CG  . ASP A 1 174 ? -32.310 -3.321  -7.736  1.00 50.58  ? 174 ASP A CG  1 
ATOM   1350 O OD1 . ASP A 1 174 ? -32.582 -4.530  -7.641  1.00 47.83  ? 174 ASP A OD1 1 
ATOM   1351 O OD2 . ASP A 1 174 ? -32.224 -2.593  -6.731  1.00 51.22  ? 174 ASP A OD2 1 
ATOM   1352 N N   . ALA A 1 175 ? -32.772 -0.237  -11.308 1.00 51.44  ? 175 ALA A N   1 
ATOM   1353 C CA  . ALA A 1 175 ? -32.536 0.458   -12.578 1.00 48.84  ? 175 ALA A CA  1 
ATOM   1354 C C   . ALA A 1 175 ? -31.623 1.667   -12.405 1.00 47.61  ? 175 ALA A C   1 
ATOM   1355 O O   . ALA A 1 175 ? -31.959 2.602   -11.688 1.00 49.10  ? 175 ALA A O   1 
ATOM   1356 C CB  . ALA A 1 175 ? -33.863 0.901   -13.178 1.00 47.84  ? 175 ALA A CB  1 
ATOM   1357 N N   . GLY A 1 176 ? -30.471 1.638   -13.065 1.00 45.89  ? 176 GLY A N   1 
ATOM   1358 C CA  . GLY A 1 176 ? -29.469 2.692   -12.931 1.00 46.08  ? 176 GLY A CA  1 
ATOM   1359 C C   . GLY A 1 176 ? -28.138 2.254   -13.512 1.00 47.02  ? 176 GLY A C   1 
ATOM   1360 O O   . GLY A 1 176 ? -28.061 1.255   -14.226 1.00 48.66  ? 176 GLY A O   1 
ATOM   1361 N N   . GLU A 1 177 ? -27.085 2.998   -13.207 1.00 47.51  ? 177 GLU A N   1 
ATOM   1362 C CA  . GLU A 1 177 ? -25.761 2.684   -13.718 1.00 48.01  ? 177 GLU A CA  1 
ATOM   1363 C C   . GLU A 1 177 ? -24.834 2.178   -12.624 1.00 46.84  ? 177 GLU A C   1 
ATOM   1364 O O   . GLU A 1 177 ? -24.707 2.806   -11.572 1.00 43.21  ? 177 GLU A O   1 
ATOM   1365 C CB  . GLU A 1 177 ? -25.166 3.899   -14.405 1.00 49.19  ? 177 GLU A CB  1 
ATOM   1366 C CG  . GLU A 1 177 ? -25.621 4.017   -15.841 1.00 50.37  ? 177 GLU A CG  1 
ATOM   1367 C CD  . GLU A 1 177 ? -25.099 5.266   -16.506 1.00 52.37  ? 177 GLU A CD  1 
ATOM   1368 O OE1 . GLU A 1 177 ? -23.872 5.501   -16.460 1.00 53.79  ? 177 GLU A OE1 1 
ATOM   1369 O OE2 . GLU A 1 177 ? -25.919 6.010   -17.078 1.00 55.37  ? 177 GLU A OE2 1 
ATOM   1370 N N   . TYR A 1 178 ? -24.171 1.058   -12.912 1.00 45.99  ? 178 TYR A N   1 
ATOM   1371 C CA  . TYR A 1 178 ? -23.315 0.367   -11.964 1.00 46.21  ? 178 TYR A CA  1 
ATOM   1372 C C   . TYR A 1 178 ? -21.860 0.422   -12.413 1.00 45.21  ? 178 TYR A C   1 
ATOM   1373 O O   . TYR A 1 178 ? -21.585 0.286   -13.592 1.00 44.26  ? 178 TYR A O   1 
ATOM   1374 C CB  . TYR A 1 178 ? -23.756 -1.093  -11.860 1.00 47.40  ? 178 TYR A CB  1 
ATOM   1375 C CG  . TYR A 1 178 ? -25.119 -1.282  -11.228 1.00 47.23  ? 178 TYR A CG  1 
ATOM   1376 C CD1 . TYR A 1 178 ? -25.245 -1.750  -9.921  1.00 46.60  ? 178 TYR A CD1 1 
ATOM   1377 C CD2 . TYR A 1 178 ? -26.282 -0.990  -11.933 1.00 47.62  ? 178 TYR A CD2 1 
ATOM   1378 C CE1 . TYR A 1 178 ? -26.487 -1.922  -9.336  1.00 46.10  ? 178 TYR A CE1 1 
ATOM   1379 C CE2 . TYR A 1 178 ? -27.529 -1.161  -11.358 1.00 47.79  ? 178 TYR A CE2 1 
ATOM   1380 C CZ  . TYR A 1 178 ? -27.632 -1.632  -10.058 1.00 46.83  ? 178 TYR A CZ  1 
ATOM   1381 O OH  . TYR A 1 178 ? -28.875 -1.798  -9.474  1.00 46.22  ? 178 TYR A OH  1 
ATOM   1382 N N   . GLN A 1 179 ? -20.949 0.637   -11.466 1.00 45.82  ? 179 GLN A N   1 
ATOM   1383 C CA  . GLN A 1 179 ? -19.499 0.496   -11.673 1.00 47.12  ? 179 GLN A CA  1 
ATOM   1384 C C   . GLN A 1 179 ? -18.930 -0.319  -10.517 1.00 48.33  ? 179 GLN A C   1 
ATOM   1385 O O   . GLN A 1 179 ? -19.496 -0.301  -9.421  1.00 51.96  ? 179 GLN A O   1 
ATOM   1386 C CB  . GLN A 1 179 ? -18.807 1.865   -11.671 1.00 47.48  ? 179 GLN A CB  1 
ATOM   1387 C CG  . GLN A 1 179 ? -18.971 2.706   -12.928 1.00 47.43  ? 179 GLN A CG  1 
ATOM   1388 C CD  . GLN A 1 179 ? -18.697 4.180   -12.670 1.00 48.01  ? 179 GLN A CD  1 
ATOM   1389 O OE1 . GLN A 1 179 ? -17.616 4.694   -12.973 1.00 49.52  ? 179 GLN A OE1 1 
ATOM   1390 N NE2 . GLN A 1 179 ? -19.677 4.868   -12.086 1.00 48.07  ? 179 GLN A NE2 1 
ATOM   1391 N N   . CYS A 1 180 ? -17.826 -1.030  -10.747 1.00 48.24  ? 180 CYS A N   1 
ATOM   1392 C CA  . CYS A 1 180 ? -16.999 -1.520  -9.636  1.00 48.54  ? 180 CYS A CA  1 
ATOM   1393 C C   . CYS A 1 180 ? -15.749 -0.660  -9.569  1.00 47.90  ? 180 CYS A C   1 
ATOM   1394 O O   . CYS A 1 180 ? -15.247 -0.218  -10.601 1.00 50.60  ? 180 CYS A O   1 
ATOM   1395 C CB  . CYS A 1 180 ? -16.652 -3.009  -9.763  1.00 49.14  ? 180 CYS A CB  1 
ATOM   1396 S SG  . CYS A 1 180 ? -15.650 -3.451  -11.186 1.00 52.59  ? 180 CYS A SG  1 
ATOM   1397 N N   . GLU A 1 181 ? -15.284 -0.393  -8.352  1.00 46.97  ? 181 GLU A N   1 
ATOM   1398 C CA  . GLU A 1 181 ? -14.067 0.370   -8.106  1.00 47.74  ? 181 GLU A CA  1 
ATOM   1399 C C   . GLU A 1 181 ? -13.068 -0.532  -7.408  1.00 48.79  ? 181 GLU A C   1 
ATOM   1400 O O   . GLU A 1 181 ? -13.406 -1.183  -6.425  1.00 51.93  ? 181 GLU A O   1 
ATOM   1401 C CB  . GLU A 1 181 ? -14.372 1.566   -7.219  1.00 48.77  ? 181 GLU A CB  1 
ATOM   1402 C CG  . GLU A 1 181 ? -13.236 2.567   -7.103  1.00 49.16  ? 181 GLU A CG  1 
ATOM   1403 C CD  . GLU A 1 181 ? -13.697 3.850   -6.450  1.00 50.61  ? 181 GLU A CD  1 
ATOM   1404 O OE1 . GLU A 1 181 ? -13.794 3.874   -5.203  1.00 52.41  ? 181 GLU A OE1 1 
ATOM   1405 O OE2 . GLU A 1 181 ? -13.989 4.819   -7.185  1.00 50.57  ? 181 GLU A OE2 1 
ATOM   1406 N N   . ILE A 1 182 ? -11.837 -0.559  -7.906  1.00 49.80  ? 182 ILE A N   1 
ATOM   1407 C CA  . ILE A 1 182 ? -10.797 -1.443  -7.376  1.00 49.73  ? 182 ILE A CA  1 
ATOM   1408 C C   . ILE A 1 182 ? -9.620  -0.606  -6.843  1.00 48.25  ? 182 ILE A C   1 
ATOM   1409 O O   . ILE A 1 182 ? -9.150  0.319   -7.516  1.00 45.44  ? 182 ILE A O   1 
ATOM   1410 C CB  . ILE A 1 182 ? -10.362 -2.497  -8.424  1.00 51.15  ? 182 ILE A CB  1 
ATOM   1411 C CG1 . ILE A 1 182 ? -9.541  -3.600  -7.758  1.00 54.42  ? 182 ILE A CG1 1 
ATOM   1412 C CG2 . ILE A 1 182 ? -9.576  -1.875  -9.572  1.00 52.01  ? 182 ILE A CG2 1 
ATOM   1413 C CD1 . ILE A 1 182 ? -9.100  -4.694  -8.708  1.00 56.83  ? 182 ILE A CD1 1 
ATOM   1414 N N   . SER A 1 183 ? -9.158  -0.927  -5.630  1.00 47.36  ? 183 SER A N   1 
ATOM   1415 C CA  . SER A 1 183 ? -8.185  -0.084  -4.925  1.00 45.86  ? 183 SER A CA  1 
ATOM   1416 C C   . SER A 1 183 ? -7.235  -0.830  -3.989  1.00 46.42  ? 183 SER A C   1 
ATOM   1417 O O   . SER A 1 183 ? -7.467  -1.983  -3.616  1.00 45.54  ? 183 SER A O   1 
ATOM   1418 C CB  . SER A 1 183 ? -8.921  0.981   -4.115  1.00 43.86  ? 183 SER A CB  1 
ATOM   1419 O OG  . SER A 1 183 ? -9.711  0.380   -3.106  1.00 42.00  ? 183 SER A OG  1 
ATOM   1420 N N   . ASN A 1 184 ? -6.145  -0.140  -3.659  1.00 47.45  ? 184 ASN A N   1 
ATOM   1421 C CA  . ASN A 1 184 ? -5.264  -0.468  -2.534  1.00 46.92  ? 184 ASN A CA  1 
ATOM   1422 C C   . ASN A 1 184 ? -4.847  0.882   -1.949  1.00 48.38  ? 184 ASN A C   1 
ATOM   1423 O O   . ASN A 1 184 ? -5.175  1.920   -2.538  1.00 48.80  ? 184 ASN A O   1 
ATOM   1424 C CB  . ASN A 1 184 ? -4.070  -1.328  -2.984  1.00 45.57  ? 184 ASN A CB  1 
ATOM   1425 C CG  . ASN A 1 184 ? -3.367  -0.782  -4.203  1.00 44.97  ? 184 ASN A CG  1 
ATOM   1426 O OD1 . ASN A 1 184 ? -3.314  0.421   -4.424  1.00 45.56  ? 184 ASN A OD1 1 
ATOM   1427 N ND2 . ASN A 1 184 ? -2.818  -1.679  -5.005  1.00 45.66  ? 184 ASN A ND2 1 
ATOM   1428 N N   . PRO A 1 185 ? -4.119  0.898   -0.813  1.00 49.73  ? 185 PRO A N   1 
ATOM   1429 C CA  . PRO A 1 185 ? -3.745  2.196   -0.195  1.00 49.42  ? 185 PRO A CA  1 
ATOM   1430 C C   . PRO A 1 185 ? -2.965  3.212   -1.055  1.00 48.10  ? 185 PRO A C   1 
ATOM   1431 O O   . PRO A 1 185 ? -2.743  4.327   -0.608  1.00 46.43  ? 185 PRO A O   1 
ATOM   1432 C CB  . PRO A 1 185 ? -2.886  1.769   0.995   1.00 49.97  ? 185 PRO A CB  1 
ATOM   1433 C CG  . PRO A 1 185 ? -3.416  0.427   1.367   1.00 50.79  ? 185 PRO A CG  1 
ATOM   1434 C CD  . PRO A 1 185 ? -3.829  -0.236  0.088   1.00 50.06  ? 185 PRO A CD  1 
ATOM   1435 N N   . VAL A 1 186 ? -2.578  2.817   -2.266  1.00 49.49  ? 186 VAL A N   1 
ATOM   1436 C CA  . VAL A 1 186 ? -1.698  3.571   -3.157  1.00 49.23  ? 186 VAL A CA  1 
ATOM   1437 C C   . VAL A 1 186 ? -2.349  3.997   -4.498  1.00 48.96  ? 186 VAL A C   1 
ATOM   1438 O O   . VAL A 1 186 ? -1.893  4.959   -5.125  1.00 48.07  ? 186 VAL A O   1 
ATOM   1439 C CB  . VAL A 1 186 ? -0.422  2.697   -3.362  1.00 49.58  ? 186 VAL A CB  1 
ATOM   1440 C CG1 . VAL A 1 186 ? 0.192   2.796   -4.753  1.00 49.74  ? 186 VAL A CG1 1 
ATOM   1441 C CG2 . VAL A 1 186 ? 0.600   3.034   -2.288  1.00 51.07  ? 186 VAL A CG2 1 
ATOM   1442 N N   . SER A 1 187 ? -3.400  3.295   -4.927  1.00 49.63  ? 187 SER A N   1 
ATOM   1443 C CA  . SER A 1 187 ? -4.024  3.506   -6.236  1.00 49.40  ? 187 SER A CA  1 
ATOM   1444 C C   . SER A 1 187 ? -5.519  3.130   -6.229  1.00 49.58  ? 187 SER A C   1 
ATOM   1445 O O   . SER A 1 187 ? -5.973  2.362   -5.363  1.00 47.26  ? 187 SER A O   1 
ATOM   1446 C CB  . SER A 1 187 ? -3.284  2.671   -7.288  1.00 49.94  ? 187 SER A CB  1 
ATOM   1447 O OG  . SER A 1 187 ? -3.306  1.287   -6.960  1.00 48.60  ? 187 SER A OG  1 
ATOM   1448 N N   . VAL A 1 188 ? -6.274  3.688   -7.185  1.00 48.90  ? 188 VAL A N   1 
ATOM   1449 C CA  . VAL A 1 188 ? -7.691  3.318   -7.408  1.00 49.22  ? 188 VAL A CA  1 
ATOM   1450 C C   . VAL A 1 188 ? -8.105  3.547   -8.877  1.00 50.32  ? 188 VAL A C   1 
ATOM   1451 O O   . VAL A 1 188 ? -7.761  4.584   -9.450  1.00 51.88  ? 188 VAL A O   1 
ATOM   1452 C CB  . VAL A 1 188 ? -8.656  4.062   -6.428  1.00 47.50  ? 188 VAL A CB  1 
ATOM   1453 C CG1 . VAL A 1 188 ? -8.408  5.566   -6.414  1.00 46.50  ? 188 VAL A CG1 1 
ATOM   1454 C CG2 . VAL A 1 188 ? -10.121 3.765   -6.744  1.00 46.55  ? 188 VAL A CG2 1 
ATOM   1455 N N   . LYS A 1 189 ? -8.815  2.569   -9.468  1.00 50.58  ? 189 LYS A N   1 
ATOM   1456 C CA  . LYS A 1 189 ? -9.426  2.680   -10.822 1.00 50.76  ? 189 LYS A CA  1 
ATOM   1457 C C   . LYS A 1 189 ? -10.895 2.228   -10.806 1.00 48.61  ? 189 LYS A C   1 
ATOM   1458 O O   . LYS A 1 189 ? -11.263 1.333   -10.052 1.00 46.81  ? 189 LYS A O   1 
ATOM   1459 C CB  . LYS A 1 189 ? -8.685  1.827   -11.870 1.00 52.75  ? 189 LYS A CB  1 
ATOM   1460 C CG  . LYS A 1 189 ? -7.161  1.903   -11.884 1.00 55.82  ? 189 LYS A CG  1 
ATOM   1461 C CD  . LYS A 1 189 ? -6.624  3.303   -12.161 1.00 58.93  ? 189 LYS A CD  1 
ATOM   1462 C CE  . LYS A 1 189 ? -5.430  3.289   -13.108 1.00 61.05  ? 189 LYS A CE  1 
ATOM   1463 N NZ  . LYS A 1 189 ? -5.849  3.086   -14.526 1.00 62.61  ? 189 LYS A NZ  1 
ATOM   1464 N N   . ARG A 1 190 ? -11.724 2.846   -11.647 1.00 49.28  ? 190 ARG A N   1 
ATOM   1465 C CA  . ARG A 1 190 ? -13.121 2.436   -11.825 1.00 49.71  ? 190 ARG A CA  1 
ATOM   1466 C C   . ARG A 1 190 ? -13.308 1.706   -13.140 1.00 47.37  ? 190 ARG A C   1 
ATOM   1467 O O   . ARG A 1 190 ? -12.591 1.949   -14.105 1.00 46.69  ? 190 ARG A O   1 
ATOM   1468 C CB  . ARG A 1 190 ? -14.044 3.638   -11.833 1.00 52.77  ? 190 ARG A CB  1 
ATOM   1469 C CG  . ARG A 1 190 ? -14.156 4.333   -10.504 1.00 57.94  ? 190 ARG A CG  1 
ATOM   1470 C CD  . ARG A 1 190 ? -15.280 5.345   -10.558 1.00 63.73  ? 190 ARG A CD  1 
ATOM   1471 N NE  . ARG A 1 190 ? -15.374 6.126   -9.328  1.00 68.84  ? 190 ARG A NE  1 
ATOM   1472 C CZ  . ARG A 1 190 ? -16.386 6.940   -9.013  1.00 72.27  ? 190 ARG A CZ  1 
ATOM   1473 N NH1 . ARG A 1 190 ? -17.437 7.107   -9.833  1.00 71.96  ? 190 ARG A NH1 1 
ATOM   1474 N NH2 . ARG A 1 190 ? -16.355 7.592   -7.852  1.00 74.00  ? 190 ARG A NH2 1 
ATOM   1475 N N   . SER A 1 191 ? -14.305 0.834   -13.178 1.00 44.76  ? 191 SER A N   1 
ATOM   1476 C CA  . SER A 1 191 ? -14.668 0.158   -14.404 1.00 44.74  ? 191 SER A CA  1 
ATOM   1477 C C   . SER A 1 191 ? -15.507 1.065   -15.317 1.00 45.52  ? 191 SER A C   1 
ATOM   1478 O O   . SER A 1 191 ? -15.850 2.209   -14.980 1.00 45.11  ? 191 SER A O   1 
ATOM   1479 C CB  . SER A 1 191 ? -15.442 -1.124  -14.089 1.00 44.00  ? 191 SER A CB  1 
ATOM   1480 O OG  . SER A 1 191 ? -16.676 -0.828  -13.457 1.00 43.61  ? 191 SER A OG  1 
ATOM   1481 N N   . ASN A 1 192 ? -15.801 0.535   -16.499 1.00 44.84  ? 192 ASN A N   1 
ATOM   1482 C CA  . ASN A 1 192 ? -16.892 1.025   -17.316 1.00 43.89  ? 192 ASN A CA  1 
ATOM   1483 C C   . ASN A 1 192 ? -18.183 0.868   -16.530 1.00 45.55  ? 192 ASN A C   1 
ATOM   1484 O O   . ASN A 1 192 ? -18.294 -0.012  -15.671 1.00 46.63  ? 192 ASN A O   1 
ATOM   1485 C CB  . ASN A 1 192 ? -16.997 0.234   -18.628 1.00 42.87  ? 192 ASN A CB  1 
ATOM   1486 C CG  . ASN A 1 192 ? -17.210 -1.261  -18.404 1.00 41.87  ? 192 ASN A CG  1 
ATOM   1487 O OD1 . ASN A 1 192 ? -16.259 -1.990  -18.109 1.00 40.82  ? 192 ASN A OD1 1 
ATOM   1488 N ND2 . ASN A 1 192 ? -18.454 -1.721  -18.542 1.00 39.84  ? 192 ASN A ND2 1 
ATOM   1489 N N   . SER A 1 193 ? -19.155 1.723   -16.825 1.00 46.81  ? 193 SER A N   1 
ATOM   1490 C CA  . SER A 1 193 ? -20.494 1.536   -16.309 1.00 47.02  ? 193 SER A CA  1 
ATOM   1491 C C   . SER A 1 193 ? -21.262 0.532   -17.141 1.00 49.49  ? 193 SER A C   1 
ATOM   1492 O O   . SER A 1 193 ? -20.946 0.277   -18.307 1.00 49.07  ? 193 SER A O   1 
ATOM   1493 C CB  . SER A 1 193 ? -21.256 2.839   -16.291 1.00 46.28  ? 193 SER A CB  1 
ATOM   1494 O OG  . SER A 1 193 ? -20.538 3.768   -15.530 1.00 48.51  ? 193 SER A OG  1 
ATOM   1495 N N   . ILE A 1 194 ? -22.269 -0.041  -16.498 1.00 52.68  ? 194 ILE A N   1 
ATOM   1496 C CA  . ILE A 1 194 ? -23.264 -0.876  -17.123 1.00 52.71  ? 194 ILE A CA  1 
ATOM   1497 C C   . ILE A 1 194 ? -24.582 -0.235  -16.741 1.00 55.04  ? 194 ILE A C   1 
ATOM   1498 O O   . ILE A 1 194 ? -24.854 -0.065  -15.551 1.00 55.64  ? 194 ILE A O   1 
ATOM   1499 C CB  . ILE A 1 194 ? -23.175 -2.313  -16.577 1.00 52.86  ? 194 ILE A CB  1 
ATOM   1500 C CG1 . ILE A 1 194 ? -21.858 -2.961  -17.023 1.00 53.23  ? 194 ILE A CG1 1 
ATOM   1501 C CG2 . ILE A 1 194 ? -24.373 -3.155  -16.997 1.00 53.64  ? 194 ILE A CG2 1 
ATOM   1502 C CD1 . ILE A 1 194 ? -21.647 -3.037  -18.520 1.00 52.30  ? 194 ILE A CD1 1 
ATOM   1503 N N   . LYS A 1 195 ? -25.367 0.156   -17.744 1.00 58.87  ? 195 LYS A N   1 
ATOM   1504 C CA  . LYS A 1 195 ? -26.728 0.653   -17.529 1.00 61.83  ? 195 LYS A CA  1 
ATOM   1505 C C   . LYS A 1 195 ? -27.661 -0.549  -17.425 1.00 61.13  ? 195 LYS A C   1 
ATOM   1506 O O   . LYS A 1 195 ? -27.463 -1.552  -18.109 1.00 59.01  ? 195 LYS A O   1 
ATOM   1507 C CB  . LYS A 1 195 ? -27.164 1.589   -18.664 1.00 66.01  ? 195 LYS A CB  1 
ATOM   1508 C CG  . LYS A 1 195 ? -28.611 2.055   -18.570 1.00 70.68  ? 195 LYS A CG  1 
ATOM   1509 C CD  . LYS A 1 195 ? -28.920 3.237   -19.477 1.00 74.32  ? 195 LYS A CD  1 
ATOM   1510 C CE  . LYS A 1 195 ? -30.417 3.524   -19.476 1.00 77.59  ? 195 LYS A CE  1 
ATOM   1511 N NZ  . LYS A 1 195 ? -30.726 4.924   -19.872 1.00 80.63  ? 195 LYS A NZ  1 
ATOM   1512 N N   . LEU A 1 196 ? -28.678 -0.429  -16.578 1.00 62.43  ? 196 LEU A N   1 
ATOM   1513 C CA  . LEU A 1 196 ? -29.590 -1.524  -16.280 1.00 62.69  ? 196 LEU A CA  1 
ATOM   1514 C C   . LEU A 1 196 ? -31.045 -1.076  -16.422 1.00 63.39  ? 196 LEU A C   1 
ATOM   1515 O O   . LEU A 1 196 ? -31.491 -0.166  -15.722 1.00 60.61  ? 196 LEU A O   1 
ATOM   1516 C CB  . LEU A 1 196 ? -29.327 -2.009  -14.863 1.00 66.09  ? 196 LEU A CB  1 
ATOM   1517 C CG  . LEU A 1 196 ? -29.497 -3.509  -14.667 1.00 72.40  ? 196 LEU A CG  1 
ATOM   1518 C CD1 . LEU A 1 196 ? -28.326 -4.259  -15.294 1.00 76.72  ? 196 LEU A CD1 1 
ATOM   1519 C CD2 . LEU A 1 196 ? -29.624 -3.843  -13.184 1.00 74.78  ? 196 LEU A CD2 1 
ATOM   1520 N N   . ASP A 1 197 ? -31.772 -1.720  -17.334 1.00 67.25  ? 197 ASP A N   1 
ATOM   1521 C CA  . ASP A 1 197 ? -33.170 -1.394  -17.629 1.00 69.39  ? 197 ASP A CA  1 
ATOM   1522 C C   . ASP A 1 197 ? -34.056 -2.467  -16.997 1.00 68.35  ? 197 ASP A C   1 
ATOM   1523 O O   . ASP A 1 197 ? -33.886 -3.660  -17.284 1.00 63.71  ? 197 ASP A O   1 
ATOM   1524 C CB  . ASP A 1 197 ? -33.400 -1.348  -19.152 1.00 73.30  ? 197 ASP A CB  1 
ATOM   1525 C CG  . ASP A 1 197 ? -32.362 -0.492  -19.891 1.00 76.40  ? 197 ASP A CG  1 
ATOM   1526 O OD1 . ASP A 1 197 ? -32.282 0.727   -19.609 1.00 78.99  ? 197 ASP A OD1 1 
ATOM   1527 O OD2 . ASP A 1 197 ? -31.628 -1.038  -20.752 1.00 75.61  ? 197 ASP A OD2 1 
ATOM   1528 N N   . ILE A 1 198 ? -34.988 -2.048  -16.141 1.00 70.12  ? 198 ILE A N   1 
ATOM   1529 C CA  . ILE A 1 198 ? -35.931 -2.963  -15.474 1.00 74.29  ? 198 ILE A CA  1 
ATOM   1530 C C   . ILE A 1 198 ? -37.329 -2.769  -16.074 1.00 75.22  ? 198 ILE A C   1 
ATOM   1531 O O   . ILE A 1 198 ? -37.620 -1.702  -16.617 1.00 74.15  ? 198 ILE A O   1 
ATOM   1532 C CB  . ILE A 1 198 ? -35.961 -2.727  -13.942 1.00 76.96  ? 198 ILE A CB  1 
ATOM   1533 C CG1 . ILE A 1 198 ? -34.543 -2.723  -13.341 1.00 78.31  ? 198 ILE A CG1 1 
ATOM   1534 C CG2 . ILE A 1 198 ? -36.809 -3.782  -13.226 1.00 79.24  ? 198 ILE A CG2 1 
ATOM   1535 C CD1 . ILE A 1 198 ? -33.891 -4.089  -13.227 1.00 79.65  ? 198 ILE A CD1 1 
ATOM   1536 N N   . ILE A 1 199 ? -38.177 -3.803  -15.989 1.00 78.96  ? 199 ILE A N   1 
ATOM   1537 C CA  . ILE A 1 199 ? -39.560 -3.774  -16.518 1.00 78.44  ? 199 ILE A CA  1 
ATOM   1538 C C   . ILE A 1 199 ? -40.568 -4.432  -15.562 1.00 76.18  ? 199 ILE A C   1 
ATOM   1539 O O   . ILE A 1 199 ? -41.474 -3.768  -15.037 1.00 70.79  ? 199 ILE A O   1 
ATOM   1540 C CB  . ILE A 1 199 ? -39.647 -4.436  -17.921 1.00 78.01  ? 199 ILE A CB  1 
ATOM   1541 C CG1 . ILE A 1 199 ? -39.019 -5.845  -17.920 1.00 78.01  ? 199 ILE A CG1 1 
ATOM   1542 C CG2 . ILE A 1 199 ? -38.979 -3.550  -18.971 1.00 77.99  ? 199 ILE A CG2 1 
ATOM   1543 C CD1 . ILE A 1 199 ? -38.915 -6.487  -19.291 1.00 75.58  ? 199 ILE A CD1 1 
HETATM 1544 C C1  . NAG B 2 .   ? 16.904  15.246  6.645   1.00 50.93  ? 1   NAG B C1  1 
HETATM 1545 C C2  . NAG B 2 .   ? 15.919  16.431  6.586   1.00 52.25  ? 1   NAG B C2  1 
HETATM 1546 C C3  . NAG B 2 .   ? 14.774  16.122  5.637   1.00 52.22  ? 1   NAG B C3  1 
HETATM 1547 C C4  . NAG B 2 .   ? 15.394  15.966  4.256   1.00 50.91  ? 1   NAG B C4  1 
HETATM 1548 C C5  . NAG B 2 .   ? 16.533  14.939  4.269   1.00 48.45  ? 1   NAG B C5  1 
HETATM 1549 C C6  . NAG B 2 .   ? 17.319  15.073  2.988   1.00 47.10  ? 1   NAG B C6  1 
HETATM 1550 C C7  . NAG B 2 .   ? 15.068  16.472  8.989   1.00 50.49  ? 1   NAG B C7  1 
HETATM 1551 C C8  . NAG B 2 .   ? 15.299  15.030  9.362   1.00 51.45  ? 1   NAG B C8  1 
HETATM 1552 N N2  . NAG B 2 .   ? 15.355  17.008  7.801   1.00 51.32  ? 1   NAG B N2  1 
HETATM 1553 O O3  . NAG B 2 .   ? 13.810  17.197  5.675   1.00 55.35  ? 1   NAG B O3  1 
HETATM 1554 O O4  . NAG B 2 .   ? 14.360  15.607  3.326   1.00 51.77  ? 1   NAG B O4  1 
HETATM 1555 O O5  . NAG B 2 .   ? 17.484  15.124  5.340   1.00 48.16  ? 1   NAG B O5  1 
HETATM 1556 O O6  . NAG B 2 .   ? 18.296  16.080  3.208   1.00 46.58  ? 1   NAG B O6  1 
HETATM 1557 O O7  . NAG B 2 .   ? 14.599  17.225  9.813   1.00 48.12  ? 1   NAG B O7  1 
HETATM 1558 C C1  . NAG B 2 .   ? 14.075  16.658  2.365   1.00 54.95  ? 2   NAG B C1  1 
HETATM 1559 C C2  . NAG B 2 .   ? 13.425  15.996  1.158   1.00 54.57  ? 2   NAG B C2  1 
HETATM 1560 C C3  . NAG B 2 .   ? 12.962  17.113  0.235   1.00 55.92  ? 2   NAG B C3  1 
HETATM 1561 C C4  . NAG B 2 .   ? 11.722  17.736  0.867   1.00 59.15  ? 2   NAG B C4  1 
HETATM 1562 C C5  . NAG B 2 .   ? 11.966  18.068  2.373   1.00 62.69  ? 2   NAG B C5  1 
HETATM 1563 C C6  . NAG B 2 .   ? 10.952  17.438  3.367   1.00 68.10  ? 2   NAG B C6  1 
HETATM 1564 C C7  . NAG B 2 .   ? 14.066  13.789  0.178   1.00 50.24  ? 2   NAG B C7  1 
HETATM 1565 C C8  . NAG B 2 .   ? 12.649  13.264  0.248   1.00 49.90  ? 2   NAG B C8  1 
HETATM 1566 N N2  . NAG B 2 .   ? 14.361  15.034  0.585   1.00 51.89  ? 2   NAG B N2  1 
HETATM 1567 O O3  . NAG B 2 .   ? 12.664  16.615  -1.065  1.00 58.35  ? 2   NAG B O3  1 
HETATM 1568 O O4  . NAG B 2 .   ? 11.310  18.878  0.079   1.00 56.35  ? 2   NAG B O4  1 
HETATM 1569 O O5  . NAG B 2 .   ? 13.294  17.769  2.877   1.00 58.25  ? 2   NAG B O5  1 
HETATM 1570 O O6  . NAG B 2 .   ? 10.617  16.042  3.172   1.00 70.42  ? 2   NAG B O6  1 
HETATM 1571 O O7  . NAG B 2 .   ? 14.959  13.082  -0.262  1.00 48.28  ? 2   NAG B O7  1 
HETATM 1572 O O   . HOH C 3 .   ? -28.021 -13.948 -12.702 1.00 28.31  ? 401 HOH A O   1 
HETATM 1573 O O   . HOH C 3 .   ? -23.919 -1.223  1.765   1.00 27.67  ? 402 HOH A O   1 
HETATM 1574 O O   . HOH C 3 .   ? -7.849  -11.692 -4.764  1.00 25.39  ? 403 HOH A O   1 
HETATM 1575 O O   . HOH C 3 .   ? -9.022  -8.798  -5.814  1.00 17.60  ? 404 HOH A O   1 
HETATM 1576 O O   . HOH C 3 .   ? 7.391   8.438   -3.650  1.00 28.87  ? 405 HOH A O   1 
HETATM 1577 O O   . HOH C 3 .   ? -4.815  5.249   -9.280  1.00 31.33  ? 406 HOH A O   1 
HETATM 1578 O O   . HOH C 3 .   ? 16.951  15.210  13.037  1.00 19.38  ? 407 HOH A O   1 
HETATM 1579 O O   . HOH C 3 .   ? 25.614  1.544   14.708  1.00 23.87  ? 408 HOH A O   1 
HETATM 1580 O O   . HOH C 3 .   ? 22.696  4.189   -3.754  1.00 28.65  ? 409 HOH A O   1 
HETATM 1581 O O   . HOH C 3 .   ? 25.301  0.040   24.901  1.00 14.85  ? 410 HOH A O   1 
# 
